data_8IJQ
#
_entry.id   8IJQ
#
_cell.length_a   1.00
_cell.length_b   1.00
_cell.length_c   1.00
_cell.angle_alpha   90.00
_cell.angle_beta   90.00
_cell.angle_gamma   90.00
#
_symmetry.space_group_name_H-M   'P 1'
#
loop_
_entity.id
_entity.type
_entity.pdbx_description
1 polymer 'Sphingomyelin synthase-related protein 1'
2 non-polymer N-((E,2S,3R)-1,3-DIHYDROXYOCTADEC-4-EN-2-YL)PALMITAMIDE
#
_entity_poly.entity_id   1
_entity_poly.type   'polypeptide(L)'
_entity_poly.pdbx_seq_one_letter_code
;RLDPEYWKTILSCIYVFIVFGFTSFIMVIVHERVPDMQTYPPLPDIFLDSVPRIPWAFAMTEVCGMILCYIWLLVLLLHK
HRSILLRRLCSLMGTVFLLRCFTMFVTSLSVPGQHLQCTGKIYGSVWEKLHRAFAIWSGFGMTLTGVHTCGDYMFSGHTV
VLTMLNFFVTEYTPRSWNFLHTLSWVLNLFGIFFILAAHEHYSIDVFIAFYITTRLFLYYHTLANTRAYQQSRRARIWFP
MFSFFECNVNGTVPNEYCWPFSKP
;
_entity_poly.pdbx_strand_id   A,B,C,D,E,F
#
loop_
_chem_comp.id
_chem_comp.type
_chem_comp.name
_chem_comp.formula
16C non-polymer N-((E,2S,3R)-1,3-DIHYDROXYOCTADEC-4-EN-2-YL)PALMITAMIDE 'C34 H67 N O3'
#
# COMPACT_ATOMS: atom_id res chain seq x y z
N ARG A 1 -30.82 -11.10 9.76
CA ARG A 1 -31.71 -10.15 9.10
C ARG A 1 -31.19 -8.73 9.26
N LEU A 2 -31.38 -7.90 8.24
CA LEU A 2 -30.91 -6.52 8.27
C LEU A 2 -31.83 -5.67 9.12
N ASP A 3 -31.39 -5.34 10.33
CA ASP A 3 -32.18 -4.50 11.23
C ASP A 3 -31.68 -3.07 11.11
N PRO A 4 -32.50 -2.12 10.65
CA PRO A 4 -32.03 -0.74 10.53
C PRO A 4 -31.80 -0.10 11.88
N GLU A 5 -30.53 0.18 12.20
CA GLU A 5 -30.15 0.81 13.46
C GLU A 5 -30.05 2.31 13.25
N TYR A 6 -30.97 3.06 13.85
CA TYR A 6 -31.01 4.51 13.68
C TYR A 6 -30.27 5.26 14.80
N TRP A 7 -29.67 4.54 15.74
CA TRP A 7 -28.95 5.18 16.84
C TRP A 7 -27.45 5.03 16.74
N LYS A 8 -26.94 4.40 15.68
CA LYS A 8 -25.52 4.30 15.44
C LYS A 8 -25.02 5.25 14.35
N THR A 9 -25.89 5.59 13.40
CA THR A 9 -25.51 6.54 12.35
C THR A 9 -25.19 7.91 12.92
N ILE A 10 -25.92 8.31 13.97
CA ILE A 10 -25.61 9.58 14.63
C ILE A 10 -24.23 9.55 15.24
N LEU A 11 -23.88 8.42 15.89
CA LEU A 11 -22.54 8.27 16.46
C LEU A 11 -21.48 8.34 15.37
N SER A 12 -21.73 7.68 14.24
CA SER A 12 -20.77 7.71 13.14
C SER A 12 -20.58 9.13 12.60
N CYS A 13 -21.67 9.87 12.44
CA CYS A 13 -21.57 11.24 11.94
C CYS A 13 -20.82 12.13 12.94
N ILE A 14 -21.08 11.95 14.23
CA ILE A 14 -20.35 12.72 15.24
C ILE A 14 -18.87 12.39 15.19
N TYR A 15 -18.54 11.11 15.03
CA TYR A 15 -17.14 10.69 14.94
C TYR A 15 -16.46 11.32 13.73
N VAL A 16 -17.16 11.36 12.59
CA VAL A 16 -16.59 11.98 11.39
C VAL A 16 -16.37 13.48 11.60
N PHE A 17 -17.33 14.17 12.23
CA PHE A 17 -17.17 15.59 12.47
C PHE A 17 -15.98 15.86 13.39
N ILE A 18 -15.82 15.04 14.43
CA ILE A 18 -14.68 15.20 15.32
C ILE A 18 -13.37 14.97 14.56
N VAL A 19 -13.34 13.96 13.69
CA VAL A 19 -12.15 13.69 12.90
C VAL A 19 -11.81 14.86 12.00
N PHE A 20 -12.83 15.45 11.36
CA PHE A 20 -12.58 16.60 10.49
C PHE A 20 -12.04 17.80 11.27
N GLY A 21 -12.61 18.06 12.45
CA GLY A 21 -12.08 19.14 13.28
C GLY A 21 -10.63 18.89 13.69
N PHE A 22 -10.32 17.66 14.09
CA PHE A 22 -8.95 17.34 14.46
C PHE A 22 -8.01 17.49 13.27
N THR A 23 -8.46 17.11 12.07
CA THR A 23 -7.65 17.26 10.87
C THR A 23 -7.37 18.74 10.59
N SER A 24 -8.38 19.58 10.74
CA SER A 24 -8.17 21.02 10.52
C SER A 24 -7.16 21.58 11.52
N PHE A 25 -7.30 21.21 12.79
CA PHE A 25 -6.36 21.69 13.80
C PHE A 25 -4.94 21.21 13.51
N ILE A 26 -4.79 19.94 13.13
CA ILE A 26 -3.47 19.39 12.84
C ILE A 26 -2.86 20.09 11.62
N MET A 27 -3.69 20.40 10.63
CA MET A 27 -3.21 21.13 9.46
C MET A 27 -2.70 22.51 9.85
N VAL A 28 -3.42 23.20 10.73
CA VAL A 28 -2.96 24.52 11.19
C VAL A 28 -1.63 24.39 11.92
N ILE A 29 -1.51 23.40 12.81
CA ILE A 29 -0.27 23.21 13.56
C ILE A 29 0.89 22.91 12.61
N VAL A 30 0.67 22.04 11.63
CA VAL A 30 1.73 21.71 10.68
C VAL A 30 2.14 22.93 9.88
N HIS A 31 1.17 23.72 9.42
CA HIS A 31 1.51 24.94 8.69
C HIS A 31 2.29 25.91 9.57
N GLU A 32 2.08 25.87 10.88
CA GLU A 32 2.81 26.77 11.77
C GLU A 32 4.29 26.42 11.89
N ARG A 33 4.70 25.21 11.48
CA ARG A 33 6.09 24.80 11.60
C ARG A 33 7.03 25.68 10.78
N VAL A 34 6.89 25.62 9.46
CA VAL A 34 7.79 26.34 8.56
C VAL A 34 7.22 27.73 8.25
N PRO A 35 8.00 28.79 8.47
CA PRO A 35 7.47 30.14 8.26
C PRO A 35 7.10 30.45 6.81
N ASP A 36 8.07 30.31 5.90
CA ASP A 36 7.82 30.74 4.52
C ASP A 36 7.10 29.67 3.71
N MET A 37 7.78 28.53 3.49
CA MET A 37 7.28 27.43 2.65
C MET A 37 6.80 27.93 1.29
N GLN A 38 7.29 29.09 0.83
CA GLN A 38 6.91 29.64 -0.45
C GLN A 38 8.08 30.22 -1.22
N THR A 39 9.30 30.13 -0.68
CA THR A 39 10.50 30.60 -1.36
C THR A 39 11.32 29.49 -1.97
N TYR A 40 11.08 28.24 -1.56
CA TYR A 40 11.86 27.12 -2.03
C TYR A 40 11.67 26.92 -3.54
N PRO A 41 12.67 26.38 -4.23
CA PRO A 41 12.47 25.98 -5.62
C PRO A 41 11.77 24.64 -5.69
N PRO A 42 10.81 24.48 -6.60
CA PRO A 42 10.02 23.24 -6.62
C PRO A 42 10.85 22.03 -6.99
N LEU A 43 10.44 20.88 -6.46
CA LEU A 43 11.11 19.63 -6.76
C LEU A 43 10.89 19.24 -8.22
N PRO A 44 11.85 18.56 -8.84
CA PRO A 44 11.67 18.15 -10.24
C PRO A 44 10.66 17.04 -10.41
N ASP A 45 9.49 17.36 -10.95
CA ASP A 45 8.44 16.40 -11.21
C ASP A 45 8.33 16.17 -12.72
N ILE A 46 7.62 15.11 -13.09
CA ILE A 46 7.45 14.78 -14.49
C ILE A 46 6.15 15.35 -15.05
N PHE A 47 5.17 15.63 -14.20
CA PHE A 47 3.91 16.21 -14.64
C PHE A 47 3.81 17.70 -14.35
N LEU A 48 4.46 18.18 -13.30
CA LEU A 48 4.43 19.60 -12.97
C LEU A 48 5.39 20.43 -13.81
N ASP A 49 6.27 19.79 -14.59
CA ASP A 49 7.21 20.50 -15.44
C ASP A 49 6.75 20.58 -16.89
N SER A 50 6.01 19.58 -17.37
CA SER A 50 5.56 19.58 -18.75
C SER A 50 4.33 20.47 -18.95
N VAL A 51 3.24 20.15 -18.25
CA VAL A 51 1.98 20.87 -18.39
C VAL A 51 2.07 22.18 -17.61
N PRO A 52 1.89 23.33 -18.25
CA PRO A 52 1.89 24.60 -17.51
C PRO A 52 0.64 24.75 -16.67
N ARG A 53 0.73 25.65 -15.68
CA ARG A 53 -0.36 25.84 -14.73
C ARG A 53 -1.60 26.36 -15.44
N ILE A 54 -2.74 25.77 -15.11
CA ILE A 54 -4.05 26.19 -15.62
C ILE A 54 -4.78 26.88 -14.48
N PRO A 55 -5.07 28.18 -14.59
CA PRO A 55 -5.67 28.89 -13.44
C PRO A 55 -7.03 28.36 -13.01
N TRP A 56 -7.82 27.82 -13.94
CA TRP A 56 -9.18 27.39 -13.63
C TRP A 56 -9.29 25.89 -13.42
N ALA A 57 -8.17 25.19 -13.26
CA ALA A 57 -8.20 23.73 -13.19
C ALA A 57 -8.54 23.19 -11.82
N PHE A 58 -8.71 24.06 -10.81
CA PHE A 58 -9.03 23.59 -9.47
C PHE A 58 -10.52 23.67 -9.14
N ALA A 59 -11.28 24.48 -9.87
CA ALA A 59 -12.72 24.52 -9.66
C ALA A 59 -13.42 23.32 -10.28
N MET A 60 -12.87 22.79 -11.38
CA MET A 60 -13.49 21.64 -12.04
C MET A 60 -13.45 20.40 -11.15
N THR A 61 -12.41 20.25 -10.34
CA THR A 61 -12.35 19.13 -9.41
C THR A 61 -13.53 19.17 -8.44
N GLU A 62 -13.82 20.35 -7.88
CA GLU A 62 -14.94 20.46 -6.96
C GLU A 62 -16.28 20.37 -7.67
N VAL A 63 -16.35 20.79 -8.94
CA VAL A 63 -17.57 20.58 -9.71
C VAL A 63 -17.84 19.08 -9.87
N CYS A 64 -16.81 18.32 -10.24
CA CYS A 64 -16.96 16.87 -10.34
C CYS A 64 -17.31 16.25 -8.99
N GLY A 65 -16.70 16.74 -7.92
CA GLY A 65 -17.02 16.25 -6.60
C GLY A 65 -18.47 16.48 -6.22
N MET A 66 -18.99 17.67 -6.52
CA MET A 66 -20.40 17.96 -6.23
C MET A 66 -21.33 17.11 -7.08
N ILE A 67 -20.96 16.88 -8.35
CA ILE A 67 -21.80 16.02 -9.20
C ILE A 67 -21.84 14.61 -8.63
N LEU A 68 -20.68 14.08 -8.23
CA LEU A 68 -20.63 12.74 -7.64
C LEU A 68 -21.39 12.68 -6.33
N CYS A 69 -21.30 13.72 -5.51
CA CYS A 69 -22.05 13.76 -4.27
C CYS A 69 -23.55 13.78 -4.51
N TYR A 70 -23.99 14.53 -5.52
CA TYR A 70 -25.41 14.55 -5.87
C TYR A 70 -25.88 13.17 -6.33
N ILE A 71 -25.08 12.51 -7.17
CA ILE A 71 -25.45 11.17 -7.62
C ILE A 71 -25.52 10.20 -6.44
N TRP A 72 -24.54 10.29 -5.53
CA TRP A 72 -24.55 9.40 -4.37
C TRP A 72 -25.76 9.67 -3.47
N LEU A 73 -26.13 10.94 -3.30
CA LEU A 73 -27.31 11.26 -2.50
C LEU A 73 -28.57 10.72 -3.17
N LEU A 74 -28.65 10.82 -4.49
CA LEU A 74 -29.79 10.26 -5.20
C LEU A 74 -29.86 8.75 -5.02
N VAL A 75 -28.71 8.07 -5.06
CA VAL A 75 -28.68 6.64 -4.79
C VAL A 75 -29.15 6.34 -3.37
N LEU A 76 -28.71 7.16 -2.41
CA LEU A 76 -29.08 6.96 -1.02
C LEU A 76 -30.57 7.17 -0.80
N LEU A 77 -31.20 8.05 -1.56
CA LEU A 77 -32.62 8.34 -1.34
C LEU A 77 -33.50 7.13 -1.64
N LEU A 78 -33.20 6.38 -2.70
CA LEU A 78 -34.06 5.32 -3.19
C LEU A 78 -33.54 3.93 -2.85
N HIS A 79 -32.88 3.78 -1.71
CA HIS A 79 -32.33 2.51 -1.29
C HIS A 79 -33.05 2.01 -0.04
N LYS A 80 -33.30 0.70 0.01
CA LYS A 80 -33.96 0.11 1.17
C LYS A 80 -33.11 0.28 2.42
N HIS A 81 -31.85 -0.13 2.36
CA HIS A 81 -30.95 -0.07 3.51
C HIS A 81 -30.05 1.16 3.42
N ARG A 82 -30.68 2.34 3.49
CA ARG A 82 -29.93 3.58 3.44
C ARG A 82 -29.13 3.81 4.72
N SER A 83 -29.63 3.32 5.86
CA SER A 83 -28.92 3.52 7.13
C SER A 83 -27.56 2.83 7.12
N ILE A 84 -27.53 1.58 6.62
CA ILE A 84 -26.26 0.85 6.59
C ILE A 84 -25.29 1.50 5.61
N LEU A 85 -25.80 1.98 4.48
CA LEU A 85 -24.93 2.65 3.51
C LEU A 85 -24.35 3.94 4.09
N LEU A 86 -25.17 4.70 4.83
CA LEU A 86 -24.67 5.93 5.44
C LEU A 86 -23.71 5.63 6.58
N ARG A 87 -23.87 4.47 7.24
CA ARG A 87 -22.99 4.10 8.34
C ARG A 87 -21.64 3.59 7.86
N ARG A 88 -21.54 3.16 6.60
CA ARG A 88 -20.28 2.62 6.08
C ARG A 88 -19.37 3.68 5.49
N LEU A 89 -19.94 4.70 4.84
CA LEU A 89 -19.12 5.76 4.27
C LEU A 89 -18.37 6.53 5.35
N CYS A 90 -19.07 6.87 6.44
CA CYS A 90 -18.48 7.67 7.49
C CYS A 90 -17.35 6.92 8.19
N SER A 91 -17.55 5.64 8.49
CA SER A 91 -16.55 4.85 9.18
C SER A 91 -15.29 4.64 8.34
N LEU A 92 -15.37 4.86 7.03
CA LEU A 92 -14.20 4.78 6.17
C LEU A 92 -13.53 6.14 5.99
N MET A 93 -14.32 7.20 5.80
CA MET A 93 -13.74 8.52 5.67
C MET A 93 -13.00 8.94 6.93
N GLY A 94 -13.55 8.61 8.10
CA GLY A 94 -12.85 8.93 9.33
C GLY A 94 -11.49 8.27 9.41
N THR A 95 -11.42 6.98 9.07
CA THR A 95 -10.15 6.27 9.12
C THR A 95 -9.15 6.84 8.11
N VAL A 96 -9.62 7.14 6.89
CA VAL A 96 -8.69 7.64 5.89
C VAL A 96 -8.16 9.03 6.29
N PHE A 97 -9.02 9.86 6.88
CA PHE A 97 -8.54 11.17 7.31
C PHE A 97 -7.63 11.08 8.53
N LEU A 98 -7.83 10.09 9.40
CA LEU A 98 -6.88 9.84 10.47
C LEU A 98 -5.51 9.45 9.89
N LEU A 99 -5.51 8.60 8.88
CA LEU A 99 -4.26 8.26 8.20
C LEU A 99 -3.62 9.49 7.57
N ARG A 100 -4.44 10.37 7.00
CA ARG A 100 -3.94 11.62 6.43
C ARG A 100 -3.27 12.48 7.50
N CYS A 101 -3.89 12.58 8.68
CA CYS A 101 -3.28 13.33 9.77
C CYS A 101 -1.94 12.73 10.17
N PHE A 102 -1.91 11.40 10.29
CA PHE A 102 -0.67 10.74 10.70
C PHE A 102 0.45 10.98 9.69
N THR A 103 0.15 10.85 8.40
CA THR A 103 1.20 11.04 7.39
C THR A 103 1.54 12.52 7.20
N MET A 104 0.66 13.43 7.59
CA MET A 104 0.99 14.85 7.57
C MET A 104 1.88 15.25 8.73
N PHE A 105 1.74 14.59 9.88
CA PHE A 105 2.53 14.97 11.05
C PHE A 105 4.01 14.60 10.87
N VAL A 106 4.28 13.40 10.34
CA VAL A 106 5.66 12.91 10.30
C VAL A 106 6.51 13.76 9.36
N THR A 107 5.97 14.13 8.21
CA THR A 107 6.72 14.93 7.25
C THR A 107 5.76 15.87 6.53
N SER A 108 6.26 17.06 6.20
CA SER A 108 5.48 18.10 5.53
C SER A 108 6.06 18.32 4.14
N LEU A 109 5.27 18.01 3.12
CA LEU A 109 5.68 18.14 1.72
C LEU A 109 4.64 18.98 1.00
N SER A 110 4.95 20.25 0.76
CA SER A 110 4.06 21.17 0.09
C SER A 110 4.63 21.53 -1.28
N VAL A 111 3.88 22.32 -2.03
CA VAL A 111 4.28 22.76 -3.36
C VAL A 111 4.78 24.21 -3.25
N PRO A 112 6.06 24.46 -3.51
CA PRO A 112 6.64 25.79 -3.20
C PRO A 112 6.36 26.88 -4.23
N GLY A 113 5.25 27.60 -4.10
CA GLY A 113 5.08 28.78 -4.92
C GLY A 113 3.67 29.18 -5.32
N GLN A 114 2.72 28.25 -5.26
CA GLN A 114 1.33 28.62 -5.47
C GLN A 114 0.71 29.15 -4.18
N HIS A 115 -0.21 30.10 -4.33
CA HIS A 115 -0.81 30.83 -3.21
C HIS A 115 0.26 31.51 -2.37
N LEU A 116 1.27 32.07 -3.04
CA LEU A 116 2.32 32.80 -2.34
C LEU A 116 1.86 34.15 -1.82
N GLN A 117 0.69 34.62 -2.24
CA GLN A 117 0.17 35.93 -1.86
C GLN A 117 -0.79 35.85 -0.67
N CYS A 118 -0.99 34.68 -0.09
CA CYS A 118 -1.93 34.56 1.01
C CYS A 118 -1.37 35.22 2.26
N THR A 119 -2.18 36.08 2.88
CA THR A 119 -1.77 36.86 4.04
C THR A 119 -2.12 36.10 5.32
N GLY A 120 -1.99 36.78 6.46
CA GLY A 120 -2.28 36.17 7.76
C GLY A 120 -1.00 35.73 8.47
N LYS A 121 -0.78 34.41 8.53
CA LYS A 121 0.43 33.73 9.01
C LYS A 121 0.79 34.14 10.45
N ILE A 122 1.86 33.53 10.96
CA ILE A 122 2.41 33.74 12.31
C ILE A 122 1.29 33.96 13.33
N TYR A 123 0.41 32.96 13.46
CA TYR A 123 -0.64 33.00 14.48
C TYR A 123 -0.10 32.36 15.77
N GLY A 124 0.86 33.05 16.37
CA GLY A 124 1.47 32.44 17.54
C GLY A 124 0.76 32.77 18.83
N SER A 125 -0.19 31.90 19.19
CA SER A 125 -0.87 31.85 20.48
C SER A 125 -1.86 30.70 20.42
N VAL A 126 -2.61 30.47 21.49
CA VAL A 126 -3.62 29.42 21.48
C VAL A 126 -4.98 29.92 21.02
N TRP A 127 -5.24 31.22 21.11
CA TRP A 127 -6.60 31.75 21.05
C TRP A 127 -7.11 31.99 19.63
N GLU A 128 -6.25 32.19 18.63
CA GLU A 128 -6.73 32.35 17.27
C GLU A 128 -6.38 31.18 16.35
N LYS A 129 -5.48 30.28 16.77
CA LYS A 129 -5.34 29.02 16.04
C LYS A 129 -6.67 28.27 16.02
N LEU A 130 -7.42 28.31 17.13
CA LEU A 130 -8.73 27.69 17.16
C LEU A 130 -9.69 28.37 16.19
N HIS A 131 -9.62 29.71 16.08
CA HIS A 131 -10.47 30.42 15.13
C HIS A 131 -10.13 30.02 13.69
N ARG A 132 -8.85 29.93 13.37
CA ARG A 132 -8.45 29.53 12.02
C ARG A 132 -8.89 28.10 11.72
N ALA A 133 -8.74 27.20 12.71
CA ALA A 133 -9.19 25.83 12.54
C ALA A 133 -10.69 25.77 12.34
N PHE A 134 -11.45 26.58 13.08
CA PHE A 134 -12.90 26.63 12.92
C PHE A 134 -13.28 27.14 11.55
N ALA A 135 -12.56 28.14 11.03
CA ALA A 135 -12.84 28.64 9.69
C ALA A 135 -12.60 27.54 8.65
N ILE A 136 -11.47 26.86 8.73
CA ILE A 136 -11.18 25.79 7.78
C ILE A 136 -12.20 24.67 7.92
N TRP A 137 -12.65 24.38 9.15
CA TRP A 137 -13.65 23.35 9.37
C TRP A 137 -14.97 23.72 8.72
N SER A 138 -15.56 24.84 9.14
CA SER A 138 -16.80 25.32 8.52
C SER A 138 -16.51 26.21 7.32
N GLY A 139 -15.60 25.73 6.47
CA GLY A 139 -15.45 26.22 5.13
C GLY A 139 -15.32 25.04 4.18
N PHE A 140 -15.24 23.84 4.77
CA PHE A 140 -15.17 22.56 4.09
C PHE A 140 -13.89 22.38 3.28
N GLY A 141 -12.94 23.31 3.39
CA GLY A 141 -11.69 23.21 2.66
C GLY A 141 -11.79 23.47 1.17
N MET A 142 -12.98 23.80 0.66
CA MET A 142 -13.17 24.01 -0.76
C MET A 142 -12.62 25.37 -1.18
N THR A 143 -12.28 25.49 -2.46
CA THR A 143 -11.79 26.75 -3.00
C THR A 143 -12.90 27.67 -3.48
N LEU A 144 -14.13 27.18 -3.60
CA LEU A 144 -15.25 28.03 -4.01
C LEU A 144 -15.59 29.03 -2.91
N THR A 145 -15.97 28.53 -1.74
CA THR A 145 -16.09 29.37 -0.54
C THR A 145 -14.69 29.54 0.01
N GLY A 146 -14.08 30.70 -0.23
CA GLY A 146 -12.65 30.86 0.01
C GLY A 146 -12.21 30.61 1.43
N VAL A 147 -11.62 29.43 1.64
CA VAL A 147 -10.93 29.09 2.88
C VAL A 147 -9.53 28.60 2.53
N HIS A 148 -9.42 27.81 1.47
CA HIS A 148 -8.15 27.27 0.99
C HIS A 148 -7.38 28.41 0.34
N THR A 149 -6.80 29.26 1.19
CA THR A 149 -6.13 30.47 0.73
C THR A 149 -4.62 30.26 0.57
N CYS A 150 -4.01 29.49 1.46
CA CYS A 150 -2.61 29.12 1.35
C CYS A 150 -2.50 27.71 0.78
N GLY A 151 -1.28 27.17 0.76
CA GLY A 151 -1.02 25.89 0.14
C GLY A 151 -1.56 24.72 0.95
N ASP A 152 -1.40 23.53 0.37
CA ASP A 152 -1.87 22.29 0.97
C ASP A 152 -0.71 21.30 1.07
N TYR A 153 -0.86 20.32 1.96
CA TYR A 153 0.21 19.41 2.30
C TYR A 153 -0.04 18.02 1.71
N MET A 154 0.81 17.07 2.08
CA MET A 154 0.82 15.73 1.50
C MET A 154 -0.50 15.01 1.78
N PHE A 155 -0.77 13.97 0.99
CA PHE A 155 -1.97 13.14 1.10
C PHE A 155 -3.23 14.00 0.88
N SER A 156 -3.35 14.47 -0.36
CA SER A 156 -4.45 15.34 -0.75
C SER A 156 -5.80 14.73 -0.38
N GLY A 157 -6.71 15.59 0.08
CA GLY A 157 -8.02 15.14 0.49
C GLY A 157 -9.06 15.12 -0.61
N HIS A 158 -8.84 15.90 -1.67
CA HIS A 158 -9.77 15.88 -2.79
C HIS A 158 -9.80 14.52 -3.48
N THR A 159 -8.62 13.93 -3.68
CA THR A 159 -8.55 12.61 -4.32
C THR A 159 -9.25 11.55 -3.47
N VAL A 160 -9.09 11.63 -2.16
CA VAL A 160 -9.74 10.68 -1.26
C VAL A 160 -11.25 10.75 -1.42
N VAL A 161 -11.80 11.96 -1.39
CA VAL A 161 -13.25 12.13 -1.48
C VAL A 161 -13.75 11.65 -2.84
N LEU A 162 -13.06 12.04 -3.91
CA LEU A 162 -13.49 11.64 -5.25
C LEU A 162 -13.49 10.14 -5.41
N THR A 163 -12.39 9.48 -4.99
CA THR A 163 -12.29 8.03 -5.14
C THR A 163 -13.33 7.31 -4.28
N MET A 164 -13.53 7.77 -3.03
CA MET A 164 -14.50 7.12 -2.18
C MET A 164 -15.91 7.25 -2.74
N LEU A 165 -16.28 8.45 -3.20
CA LEU A 165 -17.61 8.64 -3.76
C LEU A 165 -17.81 7.81 -5.03
N ASN A 166 -16.80 7.77 -5.90
CA ASN A 166 -16.91 6.97 -7.10
C ASN A 166 -17.06 5.50 -6.79
N PHE A 167 -16.28 4.99 -5.82
CA PHE A 167 -16.36 3.58 -5.48
C PHE A 167 -17.69 3.23 -4.83
N PHE A 168 -18.24 4.13 -4.01
CA PHE A 168 -19.55 3.86 -3.42
C PHE A 168 -20.65 3.92 -4.46
N VAL A 169 -20.56 4.84 -5.43
CA VAL A 169 -21.55 4.87 -6.49
C VAL A 169 -21.49 3.60 -7.33
N THR A 170 -20.29 3.14 -7.66
CA THR A 170 -20.15 1.93 -8.47
C THR A 170 -20.61 0.69 -7.70
N GLU A 171 -20.31 0.64 -6.39
CA GLU A 171 -20.56 -0.58 -5.63
C GLU A 171 -22.05 -0.86 -5.46
N TYR A 172 -22.82 0.15 -5.05
CA TYR A 172 -24.20 -0.05 -4.62
C TYR A 172 -25.22 0.36 -5.67
N THR A 173 -24.94 0.08 -6.94
CA THR A 173 -25.89 0.18 -8.03
C THR A 173 -26.01 -1.19 -8.68
N PRO A 174 -27.15 -1.50 -9.30
CA PRO A 174 -27.34 -2.85 -9.86
C PRO A 174 -26.27 -3.18 -10.89
N ARG A 175 -25.87 -4.45 -10.92
CA ARG A 175 -24.76 -4.87 -11.77
C ARG A 175 -25.22 -5.08 -13.20
N SER A 176 -25.94 -4.09 -13.74
CA SER A 176 -26.31 -4.07 -15.15
C SER A 176 -26.28 -2.66 -15.73
N TRP A 177 -25.84 -1.67 -14.95
CA TRP A 177 -25.89 -0.26 -15.32
C TRP A 177 -24.54 0.24 -15.82
N ASN A 178 -23.81 -0.58 -16.57
CA ASN A 178 -22.42 -0.25 -16.88
C ASN A 178 -22.30 0.86 -17.92
N PHE A 179 -22.99 1.97 -17.65
CA PHE A 179 -22.75 3.27 -18.27
C PHE A 179 -22.59 4.36 -17.23
N LEU A 180 -23.38 4.31 -16.16
CA LEU A 180 -23.15 5.19 -15.02
C LEU A 180 -21.79 4.90 -14.39
N HIS A 181 -21.39 3.63 -14.36
CA HIS A 181 -20.07 3.27 -13.85
C HIS A 181 -18.97 3.93 -14.67
N THR A 182 -19.09 3.88 -16.01
CA THR A 182 -18.11 4.50 -16.87
C THR A 182 -18.11 6.02 -16.71
N LEU A 183 -19.29 6.62 -16.57
CA LEU A 183 -19.37 8.06 -16.35
C LEU A 183 -18.68 8.46 -15.05
N SER A 184 -18.91 7.69 -13.98
CA SER A 184 -18.28 8.00 -12.70
C SER A 184 -16.77 7.82 -12.78
N TRP A 185 -16.31 6.78 -13.45
CA TRP A 185 -14.86 6.58 -13.60
C TRP A 185 -14.24 7.73 -14.39
N VAL A 186 -14.90 8.17 -15.46
CA VAL A 186 -14.40 9.29 -16.25
C VAL A 186 -14.33 10.55 -15.40
N LEU A 187 -15.38 10.80 -14.59
CA LEU A 187 -15.37 11.96 -13.71
C LEU A 187 -14.23 11.90 -12.71
N ASN A 188 -13.99 10.72 -12.14
CA ASN A 188 -12.91 10.57 -11.15
C ASN A 188 -11.55 10.84 -11.78
N LEU A 189 -11.29 10.25 -12.95
CA LEU A 189 -9.99 10.48 -13.59
C LEU A 189 -9.82 11.93 -14.03
N PHE A 190 -10.89 12.56 -14.52
CA PHE A 190 -10.79 13.97 -14.88
C PHE A 190 -10.51 14.84 -13.66
N GLY A 191 -11.15 14.53 -12.53
CA GLY A 191 -10.86 15.27 -11.31
C GLY A 191 -9.42 15.12 -10.87
N ILE A 192 -8.89 13.90 -10.94
CA ILE A 192 -7.48 13.68 -10.57
C ILE A 192 -6.57 14.44 -11.51
N PHE A 193 -6.84 14.40 -12.81
CA PHE A 193 -6.00 15.11 -13.78
C PHE A 193 -6.05 16.61 -13.55
N PHE A 194 -7.22 17.14 -13.17
CA PHE A 194 -7.32 18.57 -12.92
C PHE A 194 -6.64 18.97 -11.61
N ILE A 195 -6.62 18.08 -10.62
CA ILE A 195 -5.81 18.34 -9.43
C ILE A 195 -4.34 18.39 -9.79
N LEU A 196 -3.87 17.44 -10.61
CA LEU A 196 -2.45 17.39 -10.95
C LEU A 196 -2.04 18.55 -11.84
N ALA A 197 -2.92 19.00 -12.73
CA ALA A 197 -2.58 20.03 -13.71
C ALA A 197 -2.70 21.44 -13.16
N ALA A 198 -3.21 21.61 -11.94
CA ALA A 198 -3.32 22.93 -11.33
C ALA A 198 -2.11 23.28 -10.48
N HIS A 199 -1.08 22.42 -10.45
CA HIS A 199 0.11 22.62 -9.63
C HIS A 199 -0.26 22.80 -8.16
N GLU A 200 -1.05 21.85 -7.65
CA GLU A 200 -1.46 21.85 -6.25
C GLU A 200 -0.86 20.72 -5.43
N HIS A 201 -0.37 19.72 -6.12
CA HIS A 201 0.18 18.57 -5.41
C HIS A 201 1.13 17.82 -6.29
N TYR A 202 1.97 17.04 -5.68
CA TYR A 202 2.89 16.24 -6.45
C TYR A 202 2.21 14.97 -6.94
N SER A 203 2.85 14.32 -7.92
CA SER A 203 2.26 13.10 -8.49
C SER A 203 2.20 11.98 -7.45
N ILE A 204 3.25 11.85 -6.63
CA ILE A 204 3.30 10.75 -5.67
C ILE A 204 2.22 10.90 -4.61
N ASP A 205 1.89 12.14 -4.21
CA ASP A 205 0.83 12.34 -3.22
C ASP A 205 -0.49 11.81 -3.74
N VAL A 206 -0.84 12.18 -4.98
CA VAL A 206 -2.10 11.74 -5.57
C VAL A 206 -2.10 10.22 -5.73
N PHE A 207 -0.98 9.66 -6.19
CA PHE A 207 -0.92 8.22 -6.42
C PHE A 207 -1.12 7.45 -5.11
N ILE A 208 -0.43 7.86 -4.04
CA ILE A 208 -0.56 7.14 -2.78
C ILE A 208 -1.95 7.35 -2.19
N ALA A 209 -2.55 8.53 -2.36
CA ALA A 209 -3.91 8.74 -1.87
C ALA A 209 -4.89 7.82 -2.58
N PHE A 210 -4.79 7.73 -3.91
CA PHE A 210 -5.68 6.85 -4.67
C PHE A 210 -5.49 5.40 -4.25
N TYR A 211 -4.23 4.96 -4.14
CA TYR A 211 -3.97 3.57 -3.76
C TYR A 211 -4.52 3.26 -2.38
N ILE A 212 -4.31 4.16 -1.42
CA ILE A 212 -4.75 3.91 -0.05
C ILE A 212 -6.26 3.85 0.04
N THR A 213 -6.95 4.80 -0.62
CA THR A 213 -8.42 4.77 -0.59
C THR A 213 -8.96 3.48 -1.22
N THR A 214 -8.41 3.11 -2.39
CA THR A 214 -8.90 1.91 -3.06
C THR A 214 -8.67 0.67 -2.21
N ARG A 215 -7.46 0.53 -1.65
CA ARG A 215 -7.13 -0.65 -0.86
C ARG A 215 -7.99 -0.73 0.40
N LEU A 216 -8.16 0.40 1.08
CA LEU A 216 -8.98 0.39 2.30
C LEU A 216 -10.43 0.05 2.00
N PHE A 217 -10.98 0.61 0.93
CA PHE A 217 -12.37 0.31 0.58
C PHE A 217 -12.53 -1.18 0.27
N LEU A 218 -11.63 -1.73 -0.55
CA LEU A 218 -11.74 -3.13 -0.92
C LEU A 218 -11.58 -4.04 0.30
N TYR A 219 -10.62 -3.73 1.17
CA TYR A 219 -10.40 -4.55 2.36
C TYR A 219 -11.60 -4.50 3.30
N TYR A 220 -12.17 -3.31 3.51
CA TYR A 220 -13.33 -3.18 4.39
C TYR A 220 -14.52 -3.95 3.83
N HIS A 221 -14.76 -3.84 2.53
CA HIS A 221 -15.91 -4.55 1.97
C HIS A 221 -15.70 -6.06 1.95
N THR A 222 -14.47 -6.52 1.71
CA THR A 222 -14.19 -7.95 1.80
C THR A 222 -14.41 -8.47 3.21
N LEU A 223 -13.94 -7.72 4.21
CA LEU A 223 -14.15 -8.14 5.60
C LEU A 223 -15.63 -8.17 5.95
N ALA A 224 -16.39 -7.17 5.49
CA ALA A 224 -17.82 -7.15 5.77
C ALA A 224 -18.55 -8.31 5.09
N ASN A 225 -18.18 -8.62 3.85
CA ASN A 225 -18.88 -9.66 3.11
C ASN A 225 -18.54 -11.05 3.63
N THR A 226 -17.27 -11.30 3.96
CA THR A 226 -16.88 -12.61 4.47
C THR A 226 -17.32 -12.85 5.90
N ARG A 227 -17.83 -11.82 6.59
CA ARG A 227 -18.36 -11.95 7.95
C ARG A 227 -17.28 -12.49 8.89
N ALA A 228 -16.16 -11.77 8.96
CA ALA A 228 -15.03 -12.17 9.77
C ALA A 228 -15.00 -11.47 11.13
N TYR A 229 -15.98 -10.64 11.44
CA TYR A 229 -15.96 -9.93 12.72
C TYR A 229 -16.30 -10.84 13.90
N GLN A 230 -16.93 -11.99 13.65
CA GLN A 230 -17.24 -12.94 14.70
C GLN A 230 -16.97 -14.38 14.31
N GLN A 231 -16.50 -14.63 13.09
CA GLN A 231 -16.26 -16.01 12.64
C GLN A 231 -15.18 -16.68 13.48
N SER A 232 -14.09 -15.95 13.75
CA SER A 232 -12.99 -16.47 14.56
C SER A 232 -12.11 -15.29 14.94
N ARG A 233 -11.10 -15.57 15.76
CA ARG A 233 -10.09 -14.56 16.14
C ARG A 233 -9.00 -14.54 15.08
N ARG A 234 -9.38 -14.03 13.89
CA ARG A 234 -8.50 -14.12 12.73
C ARG A 234 -7.30 -13.18 12.87
N ALA A 235 -7.55 -11.88 12.98
CA ALA A 235 -6.46 -10.92 13.01
C ALA A 235 -6.69 -9.71 13.90
N ARG A 236 -7.82 -9.63 14.62
CA ARG A 236 -8.14 -8.47 15.46
C ARG A 236 -8.15 -7.19 14.61
N ILE A 237 -9.17 -7.12 13.76
CA ILE A 237 -9.35 -6.07 12.76
C ILE A 237 -9.03 -4.70 13.37
N TRP A 238 -8.18 -3.94 12.70
CA TRP A 238 -7.68 -2.67 13.22
C TRP A 238 -8.54 -1.47 12.82
N PHE A 239 -9.65 -1.70 12.12
CA PHE A 239 -10.52 -0.59 11.76
C PHE A 239 -11.14 0.01 13.01
N PRO A 240 -11.12 1.33 13.17
CA PRO A 240 -11.75 1.95 14.35
C PRO A 240 -13.25 1.74 14.35
N MET A 241 -13.75 1.13 15.42
CA MET A 241 -15.19 0.91 15.62
C MET A 241 -15.78 0.09 14.48
N PHE A 242 -15.18 -1.08 14.25
CA PHE A 242 -15.63 -1.96 13.17
C PHE A 242 -16.68 -2.95 13.66
N SER A 243 -16.33 -3.76 14.65
CA SER A 243 -17.25 -4.77 15.17
C SER A 243 -18.48 -4.16 15.83
N PHE A 244 -18.35 -2.93 16.34
CA PHE A 244 -19.50 -2.29 16.99
C PHE A 244 -20.59 -1.93 15.99
N PHE A 245 -20.23 -1.66 14.74
CA PHE A 245 -21.19 -1.18 13.75
C PHE A 245 -21.82 -2.30 12.94
N GLU A 246 -21.04 -3.31 12.56
CA GLU A 246 -21.50 -4.34 11.64
C GLU A 246 -21.95 -5.63 12.35
N CYS A 247 -22.02 -5.62 13.68
CA CYS A 247 -22.42 -6.83 14.39
C CYS A 247 -23.89 -7.16 14.16
N ASN A 248 -24.72 -6.13 13.94
CA ASN A 248 -26.14 -6.36 13.69
C ASN A 248 -26.44 -6.68 12.22
N VAL A 249 -25.45 -6.57 11.34
CA VAL A 249 -25.62 -6.85 9.91
C VAL A 249 -24.92 -8.17 9.61
N ASN A 250 -25.68 -9.12 9.08
CA ASN A 250 -25.17 -10.45 8.76
C ASN A 250 -25.21 -10.65 7.26
N GLY A 251 -24.13 -11.20 6.71
CA GLY A 251 -24.07 -11.45 5.28
C GLY A 251 -23.82 -10.19 4.48
N THR A 252 -24.21 -10.24 3.20
CA THR A 252 -24.03 -9.14 2.27
C THR A 252 -25.31 -8.35 2.13
N VAL A 253 -25.20 -7.03 2.10
CA VAL A 253 -26.35 -6.15 1.95
C VAL A 253 -26.90 -6.29 0.55
N PRO A 254 -28.19 -6.64 0.39
CA PRO A 254 -28.76 -6.78 -0.96
C PRO A 254 -28.93 -5.45 -1.67
N ASN A 255 -29.50 -5.47 -2.87
CA ASN A 255 -29.62 -4.27 -3.67
C ASN A 255 -31.08 -3.95 -3.98
N GLU A 256 -31.94 -4.01 -2.96
CA GLU A 256 -33.36 -3.70 -3.15
C GLU A 256 -33.60 -2.20 -3.11
N TYR A 257 -34.38 -1.71 -4.07
CA TYR A 257 -34.70 -0.30 -4.18
C TYR A 257 -36.19 -0.10 -3.96
N CYS A 258 -36.55 1.02 -3.33
CA CYS A 258 -37.94 1.31 -3.00
C CYS A 258 -38.14 2.82 -3.03
N TRP A 259 -39.25 3.26 -2.44
CA TRP A 259 -39.61 4.68 -2.37
C TRP A 259 -40.10 4.96 -0.95
N PRO A 260 -39.41 5.81 -0.18
CA PRO A 260 -39.85 6.04 1.21
C PRO A 260 -41.08 6.92 1.32
N PHE A 261 -41.42 7.68 0.29
CA PHE A 261 -42.60 8.53 0.36
C PHE A 261 -43.86 7.73 0.05
N SER A 262 -44.87 7.86 0.91
CA SER A 262 -46.13 7.15 0.76
C SER A 262 -47.20 8.00 0.09
N LYS A 263 -46.80 8.93 -0.78
CA LYS A 263 -47.72 9.81 -1.50
C LYS A 263 -47.41 9.72 -2.99
N PRO A 264 -47.92 8.67 -3.66
CA PRO A 264 -47.68 8.47 -5.10
C PRO A 264 -48.31 9.57 -5.95
N ARG B 1 4.97 -33.36 -7.29
CA ARG B 1 6.31 -33.48 -6.75
C ARG B 1 7.17 -32.30 -7.19
N LEU B 2 8.11 -31.90 -6.34
CA LEU B 2 8.98 -30.77 -6.64
C LEU B 2 10.13 -31.23 -7.52
N ASP B 3 10.17 -30.75 -8.76
CA ASP B 3 11.25 -31.06 -9.67
C ASP B 3 12.25 -29.92 -9.64
N PRO B 4 13.49 -30.14 -9.20
CA PRO B 4 14.46 -29.03 -9.16
C PRO B 4 14.91 -28.61 -10.54
N GLU B 5 14.45 -27.44 -11.00
CA GLU B 5 14.80 -26.93 -12.31
C GLU B 5 16.10 -26.12 -12.19
N TYR B 6 17.18 -26.66 -12.73
CA TYR B 6 18.48 -26.01 -12.68
C TYR B 6 18.73 -25.11 -13.88
N TRP B 7 17.80 -25.05 -14.83
CA TRP B 7 17.93 -24.17 -15.98
C TRP B 7 17.03 -22.94 -15.89
N LYS B 8 15.94 -23.01 -15.13
CA LYS B 8 15.11 -21.84 -14.89
C LYS B 8 15.72 -20.89 -13.86
N THR B 9 16.44 -21.42 -12.88
CA THR B 9 17.09 -20.57 -11.88
C THR B 9 18.16 -19.70 -12.52
N ILE B 10 18.91 -20.25 -13.48
CA ILE B 10 19.91 -19.46 -14.19
C ILE B 10 19.26 -18.29 -14.92
N LEU B 11 18.09 -18.53 -15.52
CA LEU B 11 17.35 -17.45 -16.16
C LEU B 11 16.87 -16.43 -15.14
N SER B 12 16.57 -16.88 -13.92
CA SER B 12 16.11 -15.95 -12.89
C SER B 12 17.26 -15.12 -12.34
N CYS B 13 18.44 -15.72 -12.20
CA CYS B 13 19.60 -14.97 -11.72
C CYS B 13 20.03 -13.90 -12.72
N ILE B 14 19.95 -14.22 -14.01
CA ILE B 14 20.30 -13.24 -15.04
C ILE B 14 19.31 -12.09 -15.04
N TYR B 15 18.03 -12.39 -14.78
CA TYR B 15 17.00 -11.35 -14.80
C TYR B 15 17.26 -10.28 -13.76
N VAL B 16 17.85 -10.65 -12.62
CA VAL B 16 18.14 -9.66 -11.58
C VAL B 16 19.25 -8.72 -12.02
N PHE B 17 20.35 -9.28 -12.55
CA PHE B 17 21.50 -8.46 -12.90
C PHE B 17 21.18 -7.45 -14.00
N ILE B 18 20.18 -7.72 -14.83
CA ILE B 18 19.74 -6.73 -15.80
C ILE B 18 19.01 -5.59 -15.09
N VAL B 19 18.18 -5.92 -14.10
CA VAL B 19 17.41 -4.90 -13.39
C VAL B 19 18.33 -4.01 -12.56
N PHE B 20 19.31 -4.62 -11.88
CA PHE B 20 20.25 -3.83 -11.08
C PHE B 20 21.05 -2.86 -11.93
N GLY B 21 21.47 -3.31 -13.11
CA GLY B 21 22.16 -2.40 -14.03
C GLY B 21 21.25 -1.30 -14.54
N PHE B 22 19.99 -1.62 -14.80
CA PHE B 22 19.04 -0.61 -15.27
C PHE B 22 18.79 0.44 -14.19
N THR B 23 18.67 0.01 -12.94
CA THR B 23 18.45 0.96 -11.84
C THR B 23 19.67 1.86 -11.64
N SER B 24 20.86 1.28 -11.76
CA SER B 24 22.08 2.08 -11.57
C SER B 24 22.23 3.14 -12.65
N PHE B 25 21.57 2.95 -13.80
CA PHE B 25 21.63 3.97 -14.85
C PHE B 25 20.60 5.07 -14.62
N ILE B 26 19.44 4.72 -14.06
CA ILE B 26 18.41 5.73 -13.80
C ILE B 26 18.88 6.73 -12.75
N MET B 27 19.65 6.25 -11.77
CA MET B 27 20.15 7.15 -10.72
C MET B 27 21.11 8.18 -11.28
N VAL B 28 21.63 7.97 -12.49
CA VAL B 28 22.50 8.96 -13.11
C VAL B 28 21.68 9.96 -13.90
N ILE B 29 20.67 9.49 -14.63
CA ILE B 29 19.79 10.39 -15.38
C ILE B 29 19.03 11.30 -14.43
N VAL B 30 18.52 10.75 -13.33
CA VAL B 30 17.77 11.55 -12.36
C VAL B 30 18.66 12.61 -11.73
N HIS B 31 19.90 12.24 -11.41
CA HIS B 31 20.82 13.19 -10.78
C HIS B 31 21.16 14.37 -11.66
N GLU B 32 21.01 14.24 -12.98
CA GLU B 32 21.30 15.34 -13.89
C GLU B 32 20.14 16.31 -14.05
N ARG B 33 18.95 15.98 -13.54
CA ARG B 33 17.82 16.89 -13.62
C ARG B 33 18.10 18.18 -12.85
N VAL B 34 18.27 18.06 -11.54
CA VAL B 34 18.58 19.21 -10.68
C VAL B 34 20.09 19.33 -10.56
N PRO B 35 20.67 20.50 -10.85
CA PRO B 35 22.13 20.63 -10.78
C PRO B 35 22.68 20.48 -9.38
N ASP B 36 22.18 21.27 -8.42
CA ASP B 36 22.77 21.29 -7.09
C ASP B 36 22.21 20.18 -6.20
N MET B 37 20.91 20.26 -5.88
CA MET B 37 20.27 19.38 -4.89
C MET B 37 21.10 19.28 -3.61
N GLN B 38 21.85 20.33 -3.29
CA GLN B 38 22.65 20.36 -2.06
C GLN B 38 22.61 21.73 -1.38
N THR B 39 21.87 22.70 -1.90
CA THR B 39 21.77 24.02 -1.31
C THR B 39 20.42 24.25 -0.63
N TYR B 40 19.41 23.47 -0.96
CA TYR B 40 18.08 23.66 -0.41
C TYR B 40 18.10 23.41 1.10
N PRO B 41 17.20 24.05 1.85
CA PRO B 41 17.05 23.72 3.27
C PRO B 41 16.17 22.50 3.43
N PRO B 42 16.51 21.61 4.37
CA PRO B 42 15.77 20.34 4.48
C PRO B 42 14.32 20.55 4.89
N LEU B 43 13.48 19.64 4.44
CA LEU B 43 12.06 19.68 4.79
C LEU B 43 11.87 19.42 6.28
N PRO B 44 10.82 19.98 6.88
CA PRO B 44 10.59 19.76 8.31
C PRO B 44 10.12 18.34 8.60
N ASP B 45 10.99 17.53 9.19
CA ASP B 45 10.68 16.16 9.56
C ASP B 45 10.61 16.04 11.07
N ILE B 46 10.01 14.96 11.54
CA ILE B 46 9.87 14.74 12.98
C ILE B 46 11.02 13.92 13.55
N PHE B 47 11.71 13.13 12.73
CA PHE B 47 12.83 12.33 13.17
C PHE B 47 14.18 12.93 12.81
N LEU B 48 14.26 13.63 11.67
CA LEU B 48 15.50 14.25 11.25
C LEU B 48 15.81 15.55 11.99
N ASP B 49 14.86 16.06 12.77
CA ASP B 49 15.07 17.29 13.53
C ASP B 49 15.40 17.03 14.99
N SER B 50 14.93 15.92 15.56
CA SER B 50 15.20 15.62 16.95
C SER B 50 16.57 14.99 17.14
N VAL B 51 16.79 13.84 16.52
CA VAL B 51 18.05 13.09 16.66
C VAL B 51 19.12 13.74 15.79
N PRO B 52 20.23 14.19 16.38
CA PRO B 52 21.32 14.75 15.56
C PRO B 52 22.02 13.67 14.75
N ARG B 53 22.72 14.11 13.71
CA ARG B 53 23.39 13.19 12.80
C ARG B 53 24.46 12.39 13.53
N ILE B 54 24.47 11.08 13.29
CA ILE B 54 25.48 10.17 13.81
C ILE B 54 26.40 9.81 12.66
N PRO B 55 27.68 10.20 12.70
CA PRO B 55 28.56 9.97 11.53
C PRO B 55 28.74 8.51 11.16
N TRP B 56 28.72 7.59 12.14
CA TRP B 56 28.98 6.18 11.89
C TRP B 56 27.71 5.36 11.74
N ALA B 57 26.54 6.00 11.68
CA ALA B 57 25.29 5.26 11.67
C ALA B 57 25.01 4.57 10.35
N PHE B 58 25.57 5.05 9.24
CA PHE B 58 25.30 4.44 7.94
C PHE B 58 26.22 3.26 7.65
N ALA B 59 27.41 3.21 8.25
CA ALA B 59 28.28 2.07 8.09
C ALA B 59 27.82 0.88 8.94
N MET B 60 26.90 1.10 9.87
CA MET B 60 26.40 0.02 10.71
C MET B 60 25.20 -0.68 10.08
N THR B 61 24.46 0.01 9.21
CA THR B 61 23.32 -0.61 8.55
C THR B 61 23.76 -1.77 7.66
N GLU B 62 24.84 -1.59 6.91
CA GLU B 62 25.34 -2.67 6.07
C GLU B 62 26.02 -3.77 6.88
N VAL B 63 26.44 -3.47 8.11
CA VAL B 63 26.92 -4.53 8.99
C VAL B 63 25.77 -5.44 9.40
N CYS B 64 24.61 -4.86 9.72
CA CYS B 64 23.44 -5.68 10.01
C CYS B 64 22.93 -6.36 8.76
N GLY B 65 23.27 -5.85 7.58
CA GLY B 65 22.83 -6.48 6.35
C GLY B 65 23.64 -7.71 5.99
N MET B 66 24.94 -7.68 6.26
CA MET B 66 25.78 -8.83 5.96
C MET B 66 25.48 -10.00 6.87
N ILE B 67 25.15 -9.73 8.14
CA ILE B 67 24.80 -10.80 9.06
C ILE B 67 23.54 -11.51 8.60
N LEU B 68 22.54 -10.76 8.16
CA LEU B 68 21.32 -11.36 7.64
C LEU B 68 21.59 -12.13 6.35
N CYS B 69 22.61 -11.73 5.59
CA CYS B 69 22.97 -12.46 4.39
C CYS B 69 23.71 -13.74 4.72
N TYR B 70 24.51 -13.73 5.80
CA TYR B 70 25.21 -14.93 6.21
C TYR B 70 24.24 -15.98 6.75
N ILE B 71 23.26 -15.55 7.54
CA ILE B 71 22.26 -16.48 8.07
C ILE B 71 21.43 -17.07 6.93
N TRP B 72 21.04 -16.23 5.97
CA TRP B 72 20.24 -16.72 4.85
C TRP B 72 21.02 -17.68 3.99
N LEU B 73 22.33 -17.45 3.83
CA LEU B 73 23.14 -18.34 3.00
C LEU B 73 23.20 -19.74 3.59
N LEU B 74 23.30 -19.84 4.91
CA LEU B 74 23.27 -21.16 5.56
C LEU B 74 21.94 -21.86 5.35
N VAL B 75 20.84 -21.10 5.40
CA VAL B 75 19.53 -21.69 5.14
C VAL B 75 19.46 -22.24 3.72
N LEU B 76 20.08 -21.54 2.77
CA LEU B 76 20.07 -22.00 1.39
C LEU B 76 20.96 -23.22 1.19
N LEU B 77 22.00 -23.37 2.01
CA LEU B 77 22.94 -24.48 1.84
C LEU B 77 22.35 -25.79 2.37
N LEU B 78 21.59 -25.74 3.46
CA LEU B 78 21.13 -26.93 4.15
C LEU B 78 19.67 -27.26 3.85
N HIS B 79 19.10 -26.68 2.80
CA HIS B 79 17.71 -26.89 2.45
C HIS B 79 17.60 -27.85 1.27
N LYS B 80 16.62 -28.75 1.34
CA LYS B 80 16.44 -29.74 0.27
C LYS B 80 16.13 -29.06 -1.06
N HIS B 81 15.14 -28.18 -1.07
CA HIS B 81 14.72 -27.49 -2.29
C HIS B 81 15.35 -26.10 -2.37
N ARG B 82 16.69 -26.09 -2.42
CA ARG B 82 17.42 -24.83 -2.48
C ARG B 82 17.21 -24.12 -3.82
N SER B 83 16.85 -24.87 -4.87
CA SER B 83 16.66 -24.25 -6.17
C SER B 83 15.46 -23.31 -6.19
N ILE B 84 14.36 -23.71 -5.54
CA ILE B 84 13.15 -22.89 -5.55
C ILE B 84 13.35 -21.63 -4.71
N LEU B 85 13.99 -21.76 -3.55
CA LEU B 85 14.24 -20.59 -2.71
C LEU B 85 15.12 -19.57 -3.42
N LEU B 86 16.14 -20.03 -4.13
CA LEU B 86 16.97 -19.11 -4.90
C LEU B 86 16.20 -18.50 -6.05
N ARG B 87 15.25 -19.25 -6.63
CA ARG B 87 14.45 -18.72 -7.72
C ARG B 87 13.37 -17.76 -7.25
N ARG B 88 12.92 -17.90 -6.00
CA ARG B 88 11.89 -17.00 -5.46
C ARG B 88 12.48 -15.68 -4.98
N LEU B 89 13.70 -15.70 -4.43
CA LEU B 89 14.34 -14.46 -4.01
C LEU B 89 14.69 -13.59 -5.22
N CYS B 90 15.18 -14.21 -6.29
CA CYS B 90 15.53 -13.43 -7.49
C CYS B 90 14.30 -12.98 -8.25
N SER B 91 13.17 -13.65 -8.05
CA SER B 91 11.94 -13.24 -8.73
C SER B 91 11.21 -12.14 -7.98
N LEU B 92 11.61 -11.83 -6.75
CA LEU B 92 10.98 -10.78 -5.95
C LEU B 92 11.82 -9.51 -5.86
N MET B 93 13.15 -9.63 -5.79
CA MET B 93 13.98 -8.44 -5.77
C MET B 93 14.03 -7.78 -7.14
N GLY B 94 13.73 -8.53 -8.20
CA GLY B 94 13.69 -7.91 -9.52
C GLY B 94 12.41 -7.13 -9.75
N THR B 95 11.39 -7.38 -8.93
CA THR B 95 10.14 -6.66 -9.09
C THR B 95 10.11 -5.38 -8.26
N VAL B 96 10.56 -5.45 -7.01
CA VAL B 96 10.56 -4.28 -6.15
C VAL B 96 11.49 -3.20 -6.69
N PHE B 97 12.67 -3.60 -7.15
CA PHE B 97 13.61 -2.62 -7.70
C PHE B 97 13.12 -2.04 -9.02
N LEU B 98 12.14 -2.67 -9.67
CA LEU B 98 11.48 -2.03 -10.80
C LEU B 98 10.50 -0.96 -10.33
N LEU B 99 9.88 -1.15 -9.17
CA LEU B 99 9.02 -0.12 -8.61
C LEU B 99 9.84 1.06 -8.09
N ARG B 100 11.10 0.82 -7.74
CA ARG B 100 11.96 1.92 -7.30
C ARG B 100 12.32 2.83 -8.46
N CYS B 101 12.49 2.27 -9.66
CA CYS B 101 12.81 3.08 -10.82
C CYS B 101 11.61 3.94 -11.23
N PHE B 102 10.40 3.45 -11.00
CA PHE B 102 9.21 4.20 -11.40
C PHE B 102 9.00 5.42 -10.49
N THR B 103 9.13 5.23 -9.17
CA THR B 103 8.92 6.34 -8.25
C THR B 103 10.07 7.33 -8.26
N MET B 104 11.26 6.91 -8.69
CA MET B 104 12.38 7.84 -8.80
C MET B 104 12.25 8.74 -10.02
N PHE B 105 11.70 8.22 -11.13
CA PHE B 105 11.53 9.01 -12.33
C PHE B 105 10.36 9.98 -12.21
N VAL B 106 9.28 9.54 -11.56
CA VAL B 106 8.09 10.38 -11.44
C VAL B 106 8.39 11.64 -10.63
N THR B 107 8.99 11.47 -9.46
CA THR B 107 9.36 12.60 -8.62
C THR B 107 10.66 12.28 -7.87
N SER B 108 11.53 13.27 -7.77
CA SER B 108 12.83 13.11 -7.13
C SER B 108 12.81 13.82 -5.78
N LEU B 109 13.04 13.07 -4.71
CA LEU B 109 13.01 13.60 -3.35
C LEU B 109 14.28 13.14 -2.64
N SER B 110 15.26 14.02 -2.52
CA SER B 110 16.52 13.74 -1.86
C SER B 110 16.61 14.50 -0.55
N VAL B 111 17.70 14.28 0.18
CA VAL B 111 17.95 14.94 1.46
C VAL B 111 18.95 16.05 1.22
N PRO B 112 18.57 17.32 1.38
CA PRO B 112 19.42 18.44 0.96
C PRO B 112 20.54 18.81 1.92
N GLY B 113 21.71 18.18 1.80
CA GLY B 113 22.86 18.67 2.55
C GLY B 113 23.91 17.67 2.98
N GLN B 114 23.58 16.38 3.00
CA GLN B 114 24.62 15.38 3.25
C GLN B 114 25.32 14.99 1.96
N HIS B 115 26.60 14.64 2.08
CA HIS B 115 27.47 14.39 0.94
C HIS B 115 27.50 15.57 -0.01
N LEU B 116 27.53 16.78 0.56
CA LEU B 116 27.65 18.00 -0.26
C LEU B 116 29.03 18.18 -0.83
N GLN B 117 30.02 17.41 -0.37
CA GLN B 117 31.40 17.52 -0.81
C GLN B 117 31.76 16.56 -1.94
N CYS B 118 30.81 15.76 -2.40
CA CYS B 118 31.11 14.82 -3.47
C CYS B 118 31.35 15.55 -4.78
N THR B 119 32.45 15.21 -5.45
CA THR B 119 32.87 15.88 -6.67
C THR B 119 32.29 15.16 -7.89
N GLY B 120 32.77 15.52 -9.08
CA GLY B 120 32.30 14.92 -10.30
C GLY B 120 31.29 15.78 -11.03
N LYS B 121 30.03 15.34 -11.06
CA LYS B 121 28.86 16.03 -11.58
C LYS B 121 29.03 16.45 -13.04
N ILE B 122 27.99 17.08 -13.60
CA ILE B 122 27.89 17.52 -15.00
C ILE B 122 28.53 16.50 -15.94
N TYR B 123 28.02 15.27 -15.91
CA TYR B 123 28.44 14.25 -16.88
C TYR B 123 27.55 14.34 -18.13
N GLY B 124 27.70 15.47 -18.83
CA GLY B 124 26.84 15.65 -19.99
C GLY B 124 27.41 15.07 -21.26
N SER B 125 27.03 13.82 -21.53
CA SER B 125 27.32 13.09 -22.76
C SER B 125 26.73 11.69 -22.63
N VAL B 126 26.81 10.89 -23.68
CA VAL B 126 26.38 9.50 -23.58
C VAL B 126 27.52 8.57 -23.18
N TRP B 127 28.77 9.00 -23.35
CA TRP B 127 29.90 8.10 -23.31
C TRP B 127 30.47 7.85 -21.91
N GLU B 128 30.25 8.76 -20.95
CA GLU B 128 30.72 8.51 -19.59
C GLU B 128 29.59 8.30 -18.58
N LYS B 129 28.34 8.53 -18.94
CA LYS B 129 27.25 8.14 -18.06
C LYS B 129 27.24 6.62 -17.86
N LEU B 130 27.52 5.87 -18.92
CA LEU B 130 27.63 4.42 -18.78
C LEU B 130 28.81 4.05 -17.90
N HIS B 131 29.91 4.81 -17.98
CA HIS B 131 31.04 4.57 -17.09
C HIS B 131 30.68 4.84 -15.64
N ARG B 132 29.89 5.89 -15.39
CA ARG B 132 29.46 6.19 -14.03
C ARG B 132 28.48 5.14 -13.52
N ALA B 133 27.59 4.67 -14.40
CA ALA B 133 26.63 3.64 -14.00
C ALA B 133 27.34 2.34 -13.65
N PHE B 134 28.43 2.03 -14.36
CA PHE B 134 29.17 0.80 -14.07
C PHE B 134 29.85 0.85 -12.71
N ALA B 135 30.35 2.03 -12.31
CA ALA B 135 30.99 2.15 -11.00
C ALA B 135 30.02 1.84 -9.88
N ILE B 136 28.80 2.36 -9.96
CA ILE B 136 27.77 2.04 -8.97
C ILE B 136 27.35 0.59 -9.10
N TRP B 137 27.28 0.08 -10.33
CA TRP B 137 26.82 -1.29 -10.56
C TRP B 137 27.74 -2.30 -9.89
N SER B 138 29.04 -2.21 -10.15
CA SER B 138 30.00 -3.15 -9.54
C SER B 138 30.54 -2.60 -8.22
N GLY B 139 29.64 -2.11 -7.38
CA GLY B 139 29.96 -1.77 -6.02
C GLY B 139 28.80 -2.10 -5.10
N PHE B 140 27.73 -2.64 -5.70
CA PHE B 140 26.48 -2.98 -5.03
C PHE B 140 25.85 -1.82 -4.28
N GLY B 141 26.28 -0.59 -4.56
CA GLY B 141 25.71 0.57 -3.90
C GLY B 141 26.08 0.73 -2.45
N MET B 142 26.96 -0.11 -1.93
CA MET B 142 27.32 -0.06 -0.51
C MET B 142 28.23 1.12 -0.23
N THR B 143 28.21 1.57 1.03
CA THR B 143 29.04 2.69 1.46
C THR B 143 30.42 2.27 1.93
N LEU B 144 30.65 0.98 2.18
CA LEU B 144 31.97 0.52 2.59
C LEU B 144 32.95 0.59 1.43
N THR B 145 32.68 -0.14 0.36
CA THR B 145 33.40 0.03 -0.89
C THR B 145 32.87 1.28 -1.56
N GLY B 146 33.62 2.38 -1.47
CA GLY B 146 33.08 3.68 -1.80
C GLY B 146 32.56 3.83 -3.21
N VAL B 147 31.24 3.80 -3.35
CA VAL B 147 30.54 4.13 -4.59
C VAL B 147 29.50 5.20 -4.28
N HIS B 148 28.81 5.02 -3.16
CA HIS B 148 27.77 5.95 -2.70
C HIS B 148 28.45 7.21 -2.18
N THR B 149 28.87 8.06 -3.12
CA THR B 149 29.58 9.29 -2.79
C THR B 149 28.64 10.48 -2.64
N CYS B 150 27.63 10.58 -3.49
CA CYS B 150 26.63 11.64 -3.40
C CYS B 150 25.37 11.09 -2.74
N GLY B 151 24.31 11.90 -2.72
CA GLY B 151 23.10 11.53 -2.01
C GLY B 151 22.31 10.43 -2.70
N ASP B 152 21.26 9.99 -2.01
CA ASP B 152 20.38 8.94 -2.50
C ASP B 152 18.96 9.47 -2.59
N TYR B 153 18.14 8.83 -3.42
CA TYR B 153 16.83 9.34 -3.76
C TYR B 153 15.73 8.52 -3.08
N MET B 154 14.48 8.81 -3.43
CA MET B 154 13.32 8.26 -2.76
C MET B 154 13.25 6.75 -2.97
N PHE B 155 12.48 6.08 -2.09
CA PHE B 155 12.33 4.63 -2.10
C PHE B 155 13.69 3.94 -1.87
N SER B 156 14.18 4.14 -0.65
CA SER B 156 15.48 3.61 -0.26
C SER B 156 15.61 2.12 -0.56
N GLY B 157 16.77 1.73 -1.09
CA GLY B 157 17.03 0.34 -1.42
C GLY B 157 17.61 -0.45 -0.27
N HIS B 158 18.16 0.24 0.73
CA HIS B 158 18.68 -0.45 1.90
C HIS B 158 17.56 -1.10 2.70
N THR B 159 16.43 -0.43 2.82
CA THR B 159 15.29 -0.98 3.56
C THR B 159 14.69 -2.18 2.82
N VAL B 160 14.68 -2.13 1.49
CA VAL B 160 14.12 -3.23 0.71
C VAL B 160 14.93 -4.50 0.91
N VAL B 161 16.25 -4.40 0.90
CA VAL B 161 17.10 -5.58 1.05
C VAL B 161 16.99 -6.14 2.47
N LEU B 162 17.03 -5.28 3.48
CA LEU B 162 16.97 -5.75 4.86
C LEU B 162 15.65 -6.43 5.16
N THR B 163 14.54 -5.87 4.67
CA THR B 163 13.24 -6.44 4.97
C THR B 163 13.00 -7.73 4.18
N MET B 164 13.44 -7.77 2.92
CA MET B 164 13.24 -8.95 2.11
C MET B 164 14.01 -10.14 2.67
N LEU B 165 15.27 -9.92 3.07
CA LEU B 165 16.06 -11.00 3.63
C LEU B 165 15.51 -11.46 4.98
N ASN B 166 15.00 -10.53 5.79
CA ASN B 166 14.47 -10.89 7.10
C ASN B 166 13.25 -11.79 6.97
N PHE B 167 12.35 -11.48 6.03
CA PHE B 167 11.15 -12.31 5.87
C PHE B 167 11.48 -13.68 5.30
N PHE B 168 12.58 -13.81 4.56
CA PHE B 168 12.95 -15.12 4.03
C PHE B 168 13.53 -16.01 5.11
N VAL B 169 14.23 -15.42 6.08
CA VAL B 169 14.79 -16.22 7.16
C VAL B 169 13.69 -16.79 8.05
N THR B 170 12.70 -15.98 8.39
CA THR B 170 11.66 -16.44 9.31
C THR B 170 10.62 -17.30 8.61
N GLU B 171 10.66 -17.39 7.28
CA GLU B 171 9.66 -18.16 6.56
C GLU B 171 10.15 -19.58 6.27
N TYR B 172 11.42 -19.73 5.90
CA TYR B 172 11.98 -21.01 5.48
C TYR B 172 12.83 -21.64 6.57
N THR B 173 12.42 -21.50 7.82
CA THR B 173 12.99 -22.20 8.96
C THR B 173 11.87 -22.85 9.76
N PRO B 174 12.16 -23.93 10.48
CA PRO B 174 11.08 -24.64 11.20
C PRO B 174 10.38 -23.74 12.20
N ARG B 175 9.07 -23.96 12.35
CA ARG B 175 8.25 -23.07 13.17
C ARG B 175 8.36 -23.47 14.64
N SER B 176 9.59 -23.63 15.12
CA SER B 176 9.85 -23.88 16.53
C SER B 176 11.11 -23.16 17.01
N TRP B 177 11.65 -22.25 16.21
CA TRP B 177 12.94 -21.61 16.45
C TRP B 177 12.79 -20.20 16.97
N ASN B 178 11.85 -19.94 17.87
CA ASN B 178 11.51 -18.56 18.20
C ASN B 178 12.59 -17.91 19.07
N PHE B 179 13.83 -17.99 18.62
CA PHE B 179 14.94 -17.14 19.03
C PHE B 179 15.69 -16.58 17.83
N LEU B 180 15.75 -17.33 16.73
CA LEU B 180 16.29 -16.79 15.49
C LEU B 180 15.27 -15.87 14.81
N HIS B 181 13.98 -16.20 14.94
CA HIS B 181 12.94 -15.33 14.42
C HIS B 181 12.94 -13.98 15.13
N THR B 182 13.14 -13.99 16.45
CA THR B 182 13.20 -12.74 17.19
C THR B 182 14.52 -12.02 16.93
N LEU B 183 15.62 -12.77 16.79
CA LEU B 183 16.91 -12.14 16.53
C LEU B 183 16.92 -11.43 15.19
N SER B 184 16.33 -12.04 14.16
CA SER B 184 16.29 -11.41 12.85
C SER B 184 15.43 -10.15 12.87
N TRP B 185 14.31 -10.16 13.59
CA TRP B 185 13.47 -8.98 13.69
C TRP B 185 14.21 -7.82 14.36
N VAL B 186 15.04 -8.13 15.36
CA VAL B 186 15.81 -7.09 16.03
C VAL B 186 16.83 -6.49 15.06
N LEU B 187 17.49 -7.32 14.27
CA LEU B 187 18.48 -6.82 13.32
C LEU B 187 17.82 -5.97 12.23
N ASN B 188 16.56 -6.28 11.90
CA ASN B 188 15.87 -5.53 10.86
C ASN B 188 15.49 -4.13 11.35
N LEU B 189 15.01 -4.02 12.59
CA LEU B 189 14.56 -2.73 13.09
C LEU B 189 15.74 -1.81 13.40
N PHE B 190 16.88 -2.38 13.81
CA PHE B 190 18.05 -1.55 14.05
C PHE B 190 18.67 -1.05 12.75
N GLY B 191 18.61 -1.85 11.69
CA GLY B 191 19.10 -1.38 10.40
C GLY B 191 18.29 -0.23 9.85
N ILE B 192 16.96 -0.28 10.04
CA ILE B 192 16.10 0.80 9.59
C ILE B 192 16.34 2.06 10.41
N PHE B 193 16.51 1.91 11.73
CA PHE B 193 16.69 3.05 12.61
C PHE B 193 17.98 3.80 12.31
N PHE B 194 19.02 3.10 11.85
CA PHE B 194 20.29 3.76 11.59
C PHE B 194 20.28 4.52 10.27
N ILE B 195 19.33 4.21 9.39
CA ILE B 195 19.17 5.01 8.17
C ILE B 195 18.61 6.38 8.52
N LEU B 196 17.61 6.43 9.39
CA LEU B 196 17.04 7.71 9.82
C LEU B 196 18.02 8.51 10.65
N ALA B 197 18.76 7.85 11.55
CA ALA B 197 19.70 8.52 12.43
C ALA B 197 20.92 9.06 11.71
N ALA B 198 21.19 8.60 10.49
CA ALA B 198 22.31 9.10 9.70
C ALA B 198 21.90 10.23 8.76
N HIS B 199 20.64 10.66 8.81
CA HIS B 199 20.11 11.71 7.93
C HIS B 199 20.34 11.35 6.46
N GLU B 200 19.97 10.12 6.09
CA GLU B 200 20.10 9.65 4.73
C GLU B 200 18.78 9.54 3.99
N HIS B 201 17.67 9.63 4.70
CA HIS B 201 16.37 9.49 4.05
C HIS B 201 15.29 10.05 4.93
N TYR B 202 14.19 10.41 4.36
CA TYR B 202 13.11 11.02 5.11
C TYR B 202 12.30 9.95 5.84
N SER B 203 11.47 10.41 6.77
CA SER B 203 10.67 9.47 7.56
C SER B 203 9.60 8.79 6.71
N ILE B 204 9.25 9.36 5.56
CA ILE B 204 8.26 8.74 4.69
C ILE B 204 8.90 7.87 3.61
N ASP B 205 10.18 8.11 3.30
CA ASP B 205 10.86 7.28 2.30
C ASP B 205 11.09 5.87 2.82
N VAL B 206 11.22 5.72 4.14
CA VAL B 206 11.50 4.41 4.72
C VAL B 206 10.20 3.68 5.05
N PHE B 207 9.17 4.42 5.46
CA PHE B 207 7.92 3.79 5.86
C PHE B 207 7.25 3.10 4.67
N ILE B 208 7.27 3.74 3.49
CA ILE B 208 6.64 3.13 2.33
C ILE B 208 7.54 2.09 1.68
N ALA B 209 8.84 2.11 1.95
CA ALA B 209 9.71 1.04 1.48
C ALA B 209 9.51 -0.22 2.30
N PHE B 210 9.30 -0.07 3.62
CA PHE B 210 9.03 -1.22 4.47
C PHE B 210 7.65 -1.82 4.17
N TYR B 211 6.68 -0.97 3.80
CA TYR B 211 5.34 -1.47 3.56
C TYR B 211 5.26 -2.28 2.27
N ILE B 212 5.89 -1.80 1.20
CA ILE B 212 5.74 -2.44 -0.11
C ILE B 212 6.42 -3.81 -0.11
N THR B 213 7.62 -3.91 0.46
CA THR B 213 8.29 -5.21 0.52
C THR B 213 7.51 -6.19 1.38
N THR B 214 6.94 -5.71 2.48
CA THR B 214 6.11 -6.59 3.32
C THR B 214 4.86 -7.04 2.57
N ARG B 215 4.21 -6.12 1.86
CA ARG B 215 2.98 -6.47 1.16
C ARG B 215 3.23 -7.37 -0.03
N LEU B 216 4.31 -7.12 -0.79
CA LEU B 216 4.58 -7.92 -1.98
C LEU B 216 5.07 -9.31 -1.62
N PHE B 217 5.74 -9.47 -0.48
CA PHE B 217 6.19 -10.79 -0.07
C PHE B 217 5.00 -11.65 0.36
N LEU B 218 4.10 -11.11 1.16
CA LEU B 218 2.94 -11.88 1.62
C LEU B 218 2.02 -12.21 0.46
N TYR B 219 1.83 -11.28 -0.48
CA TYR B 219 0.97 -11.53 -1.63
C TYR B 219 1.53 -12.65 -2.49
N TYR B 220 2.85 -12.66 -2.71
CA TYR B 220 3.45 -13.67 -3.57
C TYR B 220 3.30 -15.06 -2.99
N HIS B 221 3.49 -15.21 -1.67
CA HIS B 221 3.44 -16.53 -1.06
C HIS B 221 2.02 -17.04 -0.91
N THR B 222 1.07 -16.16 -0.60
CA THR B 222 -0.33 -16.59 -0.50
C THR B 222 -0.92 -16.86 -1.89
N LEU B 223 -0.23 -16.48 -2.95
CA LEU B 223 -0.71 -16.71 -4.30
C LEU B 223 -0.14 -18.00 -4.89
N ALA B 224 1.05 -18.39 -4.45
CA ALA B 224 1.66 -19.62 -4.95
C ALA B 224 1.22 -20.83 -4.15
N ASN B 225 0.95 -20.66 -2.86
CA ASN B 225 0.51 -21.77 -2.02
C ASN B 225 -0.84 -22.30 -2.47
N THR B 226 -1.75 -21.42 -2.89
CA THR B 226 -3.06 -21.85 -3.35
C THR B 226 -3.06 -22.25 -4.82
N ARG B 227 -1.90 -22.32 -5.45
CA ARG B 227 -1.74 -22.76 -6.84
C ARG B 227 -2.69 -22.00 -7.78
N ALA B 228 -2.84 -20.70 -7.50
CA ALA B 228 -3.76 -19.84 -8.22
C ALA B 228 -3.30 -19.51 -9.63
N TYR B 229 -2.07 -19.88 -10.00
CA TYR B 229 -1.59 -19.61 -11.35
C TYR B 229 -2.27 -20.51 -12.38
N GLN B 230 -2.88 -21.62 -11.96
CA GLN B 230 -3.59 -22.50 -12.86
C GLN B 230 -4.96 -22.94 -12.34
N GLN B 231 -5.33 -22.58 -11.11
CA GLN B 231 -6.62 -22.99 -10.57
C GLN B 231 -7.77 -22.40 -11.37
N SER B 232 -7.67 -21.11 -11.71
CA SER B 232 -8.68 -20.43 -12.50
C SER B 232 -8.07 -19.13 -13.01
N ARG B 233 -8.86 -18.39 -13.79
CA ARG B 233 -8.45 -17.07 -14.28
C ARG B 233 -8.98 -16.00 -13.33
N ARG B 234 -8.32 -15.91 -12.17
CA ARG B 234 -8.81 -15.06 -11.09
C ARG B 234 -8.62 -13.59 -11.39
N ALA B 235 -7.37 -13.16 -11.57
CA ALA B 235 -7.07 -11.74 -11.72
C ALA B 235 -5.97 -11.43 -12.72
N ARG B 236 -5.43 -12.41 -13.44
CA ARG B 236 -4.35 -12.19 -14.40
C ARG B 236 -3.14 -11.55 -13.70
N ILE B 237 -2.50 -12.38 -12.87
CA ILE B 237 -1.40 -11.99 -12.00
C ILE B 237 -0.42 -11.09 -12.74
N TRP B 238 -0.10 -9.95 -12.14
CA TRP B 238 0.75 -8.93 -12.75
C TRP B 238 2.22 -9.09 -12.40
N PHE B 239 2.59 -10.12 -11.65
CA PHE B 239 3.99 -10.32 -11.32
C PHE B 239 4.78 -10.66 -12.58
N PRO B 240 5.94 -10.04 -12.80
CA PRO B 240 6.75 -10.35 -13.98
C PRO B 240 7.28 -11.78 -13.90
N MET B 241 6.93 -12.59 -14.90
CA MET B 241 7.40 -13.97 -15.02
C MET B 241 7.03 -14.79 -13.77
N PHE B 242 5.72 -14.90 -13.54
CA PHE B 242 5.20 -15.65 -12.39
C PHE B 242 4.80 -17.07 -12.78
N SER B 243 3.91 -17.21 -13.77
CA SER B 243 3.47 -18.55 -14.16
C SER B 243 4.59 -19.36 -14.80
N PHE B 244 5.55 -18.69 -15.44
CA PHE B 244 6.66 -19.41 -16.07
C PHE B 244 7.53 -20.11 -15.04
N PHE B 245 7.76 -19.46 -13.90
CA PHE B 245 8.69 -19.99 -12.90
C PHE B 245 8.07 -21.03 -11.99
N GLU B 246 6.80 -20.87 -11.63
CA GLU B 246 6.16 -21.70 -10.61
C GLU B 246 5.22 -22.75 -11.18
N CYS B 247 5.23 -22.97 -12.49
CA CYS B 247 4.30 -23.95 -13.06
C CYS B 247 4.72 -25.38 -12.72
N ASN B 248 6.00 -25.61 -12.45
CA ASN B 248 6.47 -26.95 -12.09
C ASN B 248 6.37 -27.23 -10.60
N VAL B 249 6.03 -26.24 -9.78
CA VAL B 249 5.93 -26.40 -8.34
C VAL B 249 4.45 -26.37 -7.97
N ASN B 250 3.97 -27.44 -7.33
CA ASN B 250 2.58 -27.57 -6.94
C ASN B 250 2.49 -27.60 -5.42
N GLY B 251 1.54 -26.86 -4.86
CA GLY B 251 1.35 -26.84 -3.43
C GLY B 251 2.41 -25.98 -2.73
N THR B 252 2.55 -26.21 -1.43
CA THR B 252 3.48 -25.47 -0.59
C THR B 252 4.79 -26.23 -0.44
N VAL B 253 5.90 -25.52 -0.59
CA VAL B 253 7.23 -26.12 -0.47
C VAL B 253 7.44 -26.55 0.98
N PRO B 254 7.76 -27.83 1.23
CA PRO B 254 7.98 -28.27 2.62
C PRO B 254 9.27 -27.72 3.21
N ASN B 255 9.59 -28.13 4.43
CA ASN B 255 10.77 -27.62 5.13
C ASN B 255 11.75 -28.73 5.46
N GLU B 256 12.03 -29.60 4.49
CA GLU B 256 12.99 -30.68 4.69
C GLU B 256 14.41 -30.16 4.59
N TYR B 257 15.25 -30.56 5.54
CA TYR B 257 16.65 -30.18 5.58
C TYR B 257 17.53 -31.41 5.41
N CYS B 258 18.68 -31.21 4.78
CA CYS B 258 19.62 -32.30 4.54
C CYS B 258 21.03 -31.74 4.53
N TRP B 259 21.97 -32.51 4.00
CA TRP B 259 23.37 -32.12 3.89
C TRP B 259 23.88 -32.57 2.53
N PRO B 260 24.23 -31.64 1.64
CA PRO B 260 24.51 -32.04 0.25
C PRO B 260 25.81 -32.80 0.07
N PHE B 261 26.82 -32.54 0.91
CA PHE B 261 28.11 -33.19 0.75
C PHE B 261 28.06 -34.63 1.24
N SER B 262 28.73 -35.53 0.52
CA SER B 262 28.77 -36.94 0.86
C SER B 262 30.04 -37.33 1.60
N LYS B 263 30.60 -36.43 2.39
CA LYS B 263 31.83 -36.67 3.15
C LYS B 263 31.57 -36.32 4.61
N PRO B 264 30.92 -37.21 5.36
CA PRO B 264 30.61 -36.99 6.77
C PRO B 264 31.87 -36.91 7.64
N ARG C 1 -20.61 -21.33 45.23
CA ARG C 1 -21.05 -20.04 44.70
C ARG C 1 -20.36 -18.90 45.42
N LEU C 2 -20.02 -17.84 44.67
CA LEU C 2 -19.33 -16.69 45.24
C LEU C 2 -20.32 -15.82 46.00
N ASP C 3 -20.13 -15.71 47.31
CA ASP C 3 -21.01 -14.91 48.15
C ASP C 3 -20.35 -13.57 48.44
N PRO C 4 -20.95 -12.45 48.04
CA PRO C 4 -20.33 -11.14 48.30
C PRO C 4 -20.30 -10.84 49.79
N GLU C 5 -19.10 -10.71 50.34
CA GLU C 5 -18.88 -10.43 51.75
C GLU C 5 -18.50 -8.97 51.89
N TYR C 6 -19.47 -8.13 52.25
CA TYR C 6 -19.25 -6.69 52.32
C TYR C 6 -18.56 -6.23 53.59
N TRP C 7 -18.45 -7.10 54.61
CA TRP C 7 -17.83 -6.70 55.86
C TRP C 7 -16.32 -6.98 55.89
N LYS C 8 -15.84 -7.96 55.13
CA LYS C 8 -14.41 -8.21 55.02
C LYS C 8 -13.71 -7.16 54.16
N THR C 9 -14.40 -6.60 53.17
CA THR C 9 -13.81 -5.58 52.33
C THR C 9 -13.47 -4.33 53.14
N ILE C 10 -14.31 -3.98 54.11
CA ILE C 10 -14.05 -2.81 54.94
C ILE C 10 -12.76 -3.00 55.74
N LEU C 11 -12.58 -4.18 56.33
CA LEU C 11 -11.36 -4.44 57.09
C LEU C 11 -10.13 -4.40 56.19
N SER C 12 -10.23 -4.94 54.98
CA SER C 12 -9.11 -4.93 54.06
C SER C 12 -8.73 -3.51 53.65
N CYS C 13 -9.74 -2.65 53.44
CA CYS C 13 -9.45 -1.27 53.05
C CYS C 13 -8.75 -0.53 54.17
N ILE C 14 -9.06 -0.85 55.43
CA ILE C 14 -8.35 -0.25 56.56
C ILE C 14 -6.90 -0.73 56.60
N TYR C 15 -6.67 -2.01 56.26
CA TYR C 15 -5.33 -2.57 56.33
C TYR C 15 -4.37 -1.87 55.40
N VAL C 16 -4.79 -1.58 54.16
CA VAL C 16 -3.90 -0.97 53.19
C VAL C 16 -3.57 0.47 53.58
N PHE C 17 -4.53 1.18 54.18
CA PHE C 17 -4.29 2.57 54.55
C PHE C 17 -3.29 2.70 55.69
N ILE C 18 -3.27 1.73 56.61
CA ILE C 18 -2.27 1.75 57.69
C ILE C 18 -0.87 1.60 57.12
N VAL C 19 -0.72 0.79 56.06
CA VAL C 19 0.59 0.57 55.47
C VAL C 19 1.16 1.87 54.90
N PHE C 20 0.32 2.65 54.20
CA PHE C 20 0.81 3.89 53.60
C PHE C 20 1.33 4.85 54.65
N GLY C 21 0.59 5.01 55.76
CA GLY C 21 1.07 5.86 56.82
C GLY C 21 2.34 5.32 57.47
N PHE C 22 2.38 4.01 57.69
CA PHE C 22 3.58 3.38 58.26
C PHE C 22 4.75 3.49 57.30
N THR C 23 4.51 3.30 56.00
CA THR C 23 5.57 3.45 55.01
C THR C 23 6.06 4.88 54.94
N SER C 24 5.14 5.85 55.00
CA SER C 24 5.53 7.26 54.96
C SER C 24 6.36 7.65 56.16
N PHE C 25 6.03 7.11 57.34
CA PHE C 25 6.74 7.49 58.55
C PHE C 25 8.21 7.10 58.50
N ILE C 26 8.51 5.92 57.95
CA ILE C 26 9.90 5.47 57.92
C ILE C 26 10.70 6.25 56.89
N MET C 27 10.01 6.90 55.93
CA MET C 27 10.72 7.76 54.98
C MET C 27 11.38 8.94 55.68
N VAL C 28 10.76 9.46 56.73
CA VAL C 28 11.39 10.52 57.52
C VAL C 28 12.59 9.99 58.28
N ILE C 29 12.48 8.78 58.84
CA ILE C 29 13.54 8.23 59.67
C ILE C 29 14.80 8.03 58.83
N VAL C 30 14.66 7.41 57.65
CA VAL C 30 15.82 7.18 56.80
C VAL C 30 16.39 8.50 56.29
N HIS C 31 15.53 9.48 56.02
CA HIS C 31 16.01 10.78 55.55
C HIS C 31 16.83 11.49 56.63
N GLU C 32 16.51 11.24 57.91
CA GLU C 32 17.28 11.84 59.00
C GLU C 32 18.64 11.18 59.15
N ARG C 33 18.80 9.95 58.68
CA ARG C 33 20.09 9.26 58.79
C ARG C 33 21.17 10.00 58.00
N VAL C 34 20.83 10.47 56.81
CA VAL C 34 21.77 11.16 55.93
C VAL C 34 21.58 12.66 56.13
N PRO C 35 22.67 13.44 56.27
CA PRO C 35 22.50 14.90 56.39
C PRO C 35 21.94 15.55 55.14
N ASP C 36 22.62 15.38 54.01
CA ASP C 36 22.20 16.06 52.78
C ASP C 36 21.66 15.10 51.73
N MET C 37 22.48 14.13 51.31
CA MET C 37 22.23 13.31 50.12
C MET C 37 21.82 14.17 48.92
N GLN C 38 22.38 15.38 48.81
CA GLN C 38 22.09 16.25 47.68
C GLN C 38 23.34 16.94 47.15
N THR C 39 24.53 16.45 47.50
CA THR C 39 25.78 17.05 47.06
C THR C 39 26.63 16.12 46.21
N TYR C 40 26.50 14.81 46.41
CA TYR C 40 27.38 13.85 45.75
C TYR C 40 27.11 13.82 44.24
N PRO C 41 28.11 13.45 43.45
CA PRO C 41 27.88 13.21 42.02
C PRO C 41 27.19 11.88 41.81
N PRO C 42 26.31 11.78 40.81
CA PRO C 42 25.58 10.53 40.60
C PRO C 42 26.50 9.40 40.17
N LEU C 43 26.09 8.18 40.52
CA LEU C 43 26.82 6.99 40.08
C LEU C 43 26.63 6.79 38.57
N PRO C 44 27.60 6.17 37.90
CA PRO C 44 27.50 5.99 36.45
C PRO C 44 26.28 5.17 36.07
N ASP C 45 25.64 5.54 34.97
CA ASP C 45 24.43 4.89 34.48
C ASP C 45 24.51 4.77 32.95
N ILE C 46 23.50 4.13 32.37
CA ILE C 46 23.45 3.94 30.93
C ILE C 46 22.35 4.80 30.33
N PHE C 47 21.34 5.12 31.14
CA PHE C 47 20.20 5.89 30.66
C PHE C 47 20.19 7.31 31.23
N LEU C 48 20.61 7.49 32.48
CA LEU C 48 20.67 8.82 33.06
C LEU C 48 21.83 9.65 32.52
N ASP C 49 22.75 9.05 31.79
CA ASP C 49 23.90 9.76 31.24
C ASP C 49 23.73 10.14 29.78
N SER C 50 22.89 9.42 29.03
CA SER C 50 22.71 9.72 27.61
C SER C 50 21.72 10.85 27.40
N VAL C 51 20.48 10.66 27.83
CA VAL C 51 19.45 11.67 27.59
C VAL C 51 19.61 12.80 28.59
N PRO C 52 19.32 14.05 28.21
CA PRO C 52 19.36 15.14 29.18
C PRO C 52 18.10 15.16 30.04
N ARG C 53 18.18 15.92 31.13
CA ARG C 53 17.05 16.04 32.04
C ARG C 53 15.91 16.81 31.37
N ILE C 54 14.70 16.30 31.51
CA ILE C 54 13.49 16.94 31.00
C ILE C 54 12.69 17.43 32.21
N PRO C 55 12.57 18.75 32.41
CA PRO C 55 11.89 19.24 33.62
C PRO C 55 10.43 18.83 33.74
N TRP C 56 9.72 18.69 32.62
CA TRP C 56 8.30 18.38 32.65
C TRP C 56 7.99 16.89 32.52
N ALA C 57 9.03 16.04 32.47
CA ALA C 57 8.79 14.61 32.30
C ALA C 57 8.26 13.94 33.56
N PHE C 58 8.48 14.54 34.73
CA PHE C 58 7.99 13.92 35.96
C PHE C 58 6.49 14.05 36.12
N ALA C 59 5.91 15.15 35.64
CA ALA C 59 4.46 15.32 35.74
C ALA C 59 3.70 14.36 34.84
N MET C 60 4.22 14.10 33.64
CA MET C 60 3.54 13.22 32.69
C MET C 60 3.40 11.79 33.21
N THR C 61 4.27 11.36 34.11
CA THR C 61 4.14 10.02 34.69
C THR C 61 2.85 9.91 35.49
N GLU C 62 2.55 10.91 36.32
CA GLU C 62 1.35 10.89 37.14
C GLU C 62 0.11 11.39 36.42
N VAL C 63 0.26 12.01 35.24
CA VAL C 63 -0.91 12.28 34.41
C VAL C 63 -1.52 10.97 33.93
N CYS C 64 -0.68 10.02 33.52
CA CYS C 64 -1.18 8.70 33.14
C CYS C 64 -1.70 7.91 34.32
N GLY C 65 -1.35 8.29 35.55
CA GLY C 65 -1.88 7.60 36.71
C GLY C 65 -3.37 7.80 36.88
N MET C 66 -3.86 9.00 36.61
CA MET C 66 -5.30 9.26 36.68
C MET C 66 -6.06 8.43 35.66
N ILE C 67 -5.53 8.34 34.44
CA ILE C 67 -6.23 7.59 33.38
C ILE C 67 -6.37 6.13 33.76
N LEU C 68 -5.31 5.52 34.28
CA LEU C 68 -5.39 4.13 34.72
C LEU C 68 -6.33 4.00 35.91
N CYS C 69 -6.32 4.97 36.83
CA CYS C 69 -7.21 4.91 37.98
C CYS C 69 -8.64 5.19 37.60
N TYR C 70 -8.86 6.12 36.67
CA TYR C 70 -10.23 6.44 36.24
C TYR C 70 -10.87 5.26 35.52
N ILE C 71 -10.11 4.58 34.66
CA ILE C 71 -10.63 3.40 33.97
C ILE C 71 -10.91 2.28 34.98
N TRP C 72 -10.01 2.09 35.94
CA TRP C 72 -10.19 1.04 36.93
C TRP C 72 -11.42 1.31 37.80
N LEU C 73 -11.67 2.57 38.14
CA LEU C 73 -12.87 2.91 38.89
C LEU C 73 -14.12 2.59 38.09
N LEU C 74 -14.10 2.86 36.78
CA LEU C 74 -15.23 2.52 35.92
C LEU C 74 -15.46 1.02 35.89
N VAL C 75 -14.39 0.23 35.78
CA VAL C 75 -14.52 -1.22 35.76
C VAL C 75 -15.03 -1.74 37.11
N LEU C 76 -14.61 -1.10 38.20
CA LEU C 76 -15.02 -1.56 39.52
C LEU C 76 -16.52 -1.43 39.72
N LEU C 77 -17.11 -0.32 39.25
CA LEU C 77 -18.54 -0.10 39.46
C LEU C 77 -19.40 -1.06 38.65
N LEU C 78 -18.99 -1.38 37.43
CA LEU C 78 -19.77 -2.22 36.53
C LEU C 78 -19.44 -3.70 36.68
N HIS C 79 -18.93 -4.11 37.82
CA HIS C 79 -18.61 -5.50 38.10
C HIS C 79 -19.52 -6.04 39.19
N LYS C 80 -20.02 -7.26 39.00
CA LYS C 80 -20.96 -7.82 39.96
C LYS C 80 -20.28 -8.09 41.30
N HIS C 81 -19.00 -8.51 41.28
CA HIS C 81 -18.27 -8.84 42.49
C HIS C 81 -17.40 -7.65 42.87
N ARG C 82 -18.05 -6.61 43.41
CA ARG C 82 -17.33 -5.43 43.85
C ARG C 82 -16.58 -5.69 45.16
N SER C 83 -17.12 -6.55 46.01
CA SER C 83 -16.46 -6.85 47.28
C SER C 83 -15.26 -7.78 47.07
N ILE C 84 -15.21 -8.47 45.94
CA ILE C 84 -14.12 -9.40 45.70
C ILE C 84 -12.92 -8.67 45.08
N LEU C 85 -13.16 -7.85 44.08
CA LEU C 85 -12.07 -7.14 43.41
C LEU C 85 -11.36 -6.19 44.36
N LEU C 86 -12.13 -5.45 45.17
CA LEU C 86 -11.53 -4.45 46.05
C LEU C 86 -10.74 -5.09 47.19
N ARG C 87 -11.11 -6.32 47.58
CA ARG C 87 -10.37 -6.98 48.65
C ARG C 87 -8.98 -7.41 48.20
N ARG C 88 -8.85 -7.88 46.96
CA ARG C 88 -7.54 -8.26 46.45
C ARG C 88 -6.64 -7.06 46.19
N LEU C 89 -7.22 -5.95 45.72
CA LEU C 89 -6.43 -4.74 45.50
C LEU C 89 -5.83 -4.23 46.80
N CYS C 90 -6.60 -4.23 47.88
CA CYS C 90 -6.08 -3.78 49.17
C CYS C 90 -5.14 -4.80 49.79
N SER C 91 -5.26 -6.07 49.40
CA SER C 91 -4.39 -7.11 49.94
C SER C 91 -3.07 -7.24 49.17
N LEU C 92 -3.00 -6.70 47.95
CA LEU C 92 -1.76 -6.74 47.19
C LEU C 92 -0.91 -5.49 47.39
N MET C 93 -1.53 -4.31 47.36
CA MET C 93 -0.79 -3.08 47.63
C MET C 93 -0.23 -3.07 49.05
N GLY C 94 -0.91 -3.73 49.98
CA GLY C 94 -0.39 -3.82 51.33
C GLY C 94 0.88 -4.64 51.41
N THR C 95 0.97 -5.70 50.60
CA THR C 95 2.14 -6.57 50.65
C THR C 95 3.33 -5.96 49.91
N VAL C 96 3.10 -5.45 48.69
CA VAL C 96 4.19 -4.90 47.89
C VAL C 96 4.78 -3.68 48.58
N PHE C 97 3.93 -2.78 49.07
CA PHE C 97 4.44 -1.60 49.78
C PHE C 97 5.09 -1.96 51.09
N LEU C 98 4.72 -3.08 51.71
CA LEU C 98 5.44 -3.55 52.89
C LEU C 98 6.86 -3.94 52.54
N LEU C 99 7.06 -4.57 51.38
CA LEU C 99 8.41 -4.86 50.91
C LEU C 99 9.18 -3.59 50.61
N ARG C 100 8.48 -2.55 50.13
CA ARG C 100 9.15 -1.28 49.86
C ARG C 100 9.73 -0.68 51.14
N CYS C 101 8.99 -0.79 52.25
CA CYS C 101 9.52 -0.32 53.53
C CYS C 101 10.74 -1.13 53.95
N PHE C 102 10.71 -2.45 53.71
CA PHE C 102 11.81 -3.31 54.15
C PHE C 102 13.08 -3.03 53.36
N THR C 103 12.96 -2.86 52.04
CA THR C 103 14.15 -2.63 51.22
C THR C 103 14.72 -1.23 51.43
N MET C 104 13.90 -0.28 51.89
CA MET C 104 14.40 1.05 52.20
C MET C 104 15.20 1.08 53.49
N PHE C 105 14.76 0.33 54.51
CA PHE C 105 15.44 0.32 55.79
C PHE C 105 16.78 -0.41 55.73
N VAL C 106 16.85 -1.50 54.97
CA VAL C 106 18.08 -2.28 54.92
C VAL C 106 19.16 -1.56 54.13
N THR C 107 18.79 -0.85 53.07
CA THR C 107 19.73 -0.13 52.24
C THR C 107 19.09 1.15 51.73
N SER C 108 19.84 2.24 51.75
CA SER C 108 19.37 3.55 51.30
C SER C 108 20.07 3.90 49.98
N LEU C 109 19.27 4.27 48.98
CA LEU C 109 19.79 4.59 47.66
C LEU C 109 18.91 5.65 47.03
N SER C 110 19.52 6.69 46.45
CA SER C 110 18.80 7.73 45.74
C SER C 110 19.71 8.29 44.65
N VAL C 111 19.16 9.20 43.84
CA VAL C 111 19.91 9.85 42.77
C VAL C 111 20.40 11.19 43.32
N PRO C 112 21.71 11.41 43.40
CA PRO C 112 22.24 12.53 44.18
C PRO C 112 22.21 13.89 43.50
N GLY C 113 21.13 14.67 43.68
CA GLY C 113 21.20 16.07 43.28
C GLY C 113 19.94 16.75 42.79
N GLN C 114 18.93 16.00 42.36
CA GLN C 114 17.68 16.62 41.96
C GLN C 114 16.83 16.96 43.17
N HIS C 115 16.17 18.13 43.11
CA HIS C 115 15.36 18.64 44.20
C HIS C 115 16.20 18.83 45.47
N LEU C 116 17.26 19.64 45.37
CA LEU C 116 18.16 19.82 46.49
C LEU C 116 17.78 21.00 47.38
N GLN C 117 16.70 21.72 47.07
CA GLN C 117 16.33 22.92 47.81
C GLN C 117 15.15 22.71 48.76
N CYS C 118 14.77 21.46 49.03
CA CYS C 118 13.68 21.22 49.96
C CYS C 118 14.09 21.60 51.38
N THR C 119 13.23 22.39 52.03
CA THR C 119 13.56 23.00 53.31
C THR C 119 13.15 22.11 54.46
N GLY C 120 13.21 22.64 55.67
CA GLY C 120 12.84 21.88 56.87
C GLY C 120 14.05 21.14 57.46
N LYS C 121 14.06 19.81 57.29
CA LYS C 121 15.13 18.92 57.72
C LYS C 121 15.37 18.96 59.23
N ILE C 122 16.29 18.11 59.71
CA ILE C 122 16.67 17.95 61.11
C ILE C 122 15.46 18.09 62.04
N TYR C 123 14.46 17.24 61.83
CA TYR C 123 13.30 17.16 62.72
C TYR C 123 13.63 16.23 63.88
N GLY C 124 14.48 16.71 64.79
CA GLY C 124 14.88 15.85 65.89
C GLY C 124 13.96 15.95 67.07
N SER C 125 12.94 15.09 67.09
CA SER C 125 11.99 14.88 68.18
C SER C 125 10.95 13.87 67.69
N VAL C 126 9.92 13.63 68.49
CA VAL C 126 8.90 12.65 68.14
C VAL C 126 7.65 13.34 67.59
N TRP C 127 7.50 14.63 67.91
CA TRP C 127 6.24 15.32 67.73
C TRP C 127 6.14 16.19 66.47
N GLU C 128 7.12 16.16 65.57
CA GLU C 128 6.90 16.71 64.24
C GLU C 128 7.27 15.79 63.09
N LYS C 129 7.95 14.67 63.36
CA LYS C 129 8.13 13.68 62.31
C LYS C 129 6.79 13.13 61.84
N LEU C 130 5.85 12.91 62.78
CA LEU C 130 4.49 12.58 62.39
C LEU C 130 3.84 13.72 61.62
N HIS C 131 4.16 14.97 61.96
CA HIS C 131 3.61 16.10 61.22
C HIS C 131 4.05 16.07 59.76
N ARG C 132 5.34 15.80 59.53
CA ARG C 132 5.81 15.63 58.16
C ARG C 132 5.25 14.36 57.54
N ALA C 133 5.13 13.29 58.34
CA ALA C 133 4.53 12.06 57.83
C ALA C 133 3.07 12.28 57.44
N PHE C 134 2.32 13.00 58.27
CA PHE C 134 0.91 13.26 57.96
C PHE C 134 0.77 14.08 56.69
N ALA C 135 1.64 15.06 56.49
CA ALA C 135 1.58 15.86 55.27
C ALA C 135 1.84 15.01 54.04
N ILE C 136 2.84 14.12 54.11
CA ILE C 136 3.11 13.23 52.99
C ILE C 136 1.99 12.18 52.86
N TRP C 137 1.52 11.66 54.00
CA TRP C 137 0.44 10.67 53.95
C TRP C 137 -0.82 11.27 53.33
N SER C 138 -1.21 12.46 53.76
CA SER C 138 -2.38 13.12 53.19
C SER C 138 -1.98 14.03 52.03
N GLY C 139 -1.16 13.50 51.13
CA GLY C 139 -0.87 14.16 49.87
C GLY C 139 -0.72 13.14 48.76
N PHE C 140 -0.86 11.87 49.11
CA PHE C 140 -0.75 10.74 48.18
C PHE C 140 0.56 10.74 47.39
N GLY C 141 1.59 11.41 47.90
CA GLY C 141 2.89 11.43 47.24
C GLY C 141 2.92 12.10 45.89
N MET C 142 1.85 12.80 45.50
CA MET C 142 1.80 13.43 44.20
C MET C 142 2.70 14.67 44.15
N THR C 143 3.04 15.09 42.94
CA THR C 143 3.77 16.33 42.75
C THR C 143 2.87 17.49 42.35
N LEU C 144 1.70 17.21 41.76
CA LEU C 144 0.74 18.27 41.48
C LEU C 144 0.22 18.88 42.77
N THR C 145 -0.22 18.04 43.70
CA THR C 145 -0.50 18.46 45.07
C THR C 145 0.79 18.28 45.86
N GLY C 146 1.67 19.28 45.75
CA GLY C 146 3.04 19.15 46.20
C GLY C 146 3.22 18.80 47.66
N VAL C 147 3.57 17.54 47.91
CA VAL C 147 3.99 17.08 49.24
C VAL C 147 5.39 16.49 49.10
N HIS C 148 5.62 15.75 48.02
CA HIS C 148 6.92 15.18 47.70
C HIS C 148 7.83 16.32 47.24
N THR C 149 8.36 17.05 48.22
CA THR C 149 9.12 18.27 47.94
C THR C 149 10.49 17.95 47.35
N CYS C 150 11.15 16.91 47.86
CA CYS C 150 12.48 16.55 47.38
C CYS C 150 12.62 15.02 47.29
N GLY C 151 13.87 14.58 47.12
CA GLY C 151 14.14 13.28 46.53
C GLY C 151 13.52 12.10 47.24
N ASP C 152 13.42 11.01 46.48
CA ASP C 152 12.85 9.76 46.94
C ASP C 152 13.95 8.70 47.00
N TYR C 153 13.60 7.52 47.50
CA TYR C 153 14.55 6.45 47.75
C TYR C 153 14.33 5.26 46.82
N MET C 154 15.09 4.20 47.07
CA MET C 154 15.12 3.03 46.20
C MET C 154 13.76 2.33 46.15
N PHE C 155 13.55 1.56 45.08
CA PHE C 155 12.30 0.82 44.85
C PHE C 155 11.11 1.78 44.76
N SER C 156 11.16 2.58 43.69
CA SER C 156 10.17 3.64 43.48
C SER C 156 8.75 3.10 43.49
N GLY C 157 7.87 3.78 44.22
CA GLY C 157 6.46 3.45 44.23
C GLY C 157 5.66 4.00 43.09
N HIS C 158 6.26 4.87 42.26
CA HIS C 158 5.54 5.39 41.10
C HIS C 158 5.40 4.33 40.01
N THR C 159 6.23 3.29 40.06
CA THR C 159 6.11 2.19 39.10
C THR C 159 5.23 1.07 39.62
N VAL C 160 5.22 0.86 40.94
CA VAL C 160 4.37 -0.17 41.53
C VAL C 160 2.90 0.14 41.29
N VAL C 161 2.51 1.39 41.49
CA VAL C 161 1.11 1.78 41.32
C VAL C 161 0.69 1.67 39.87
N LEU C 162 1.54 2.14 38.95
CA LEU C 162 1.19 2.08 37.53
C LEU C 162 1.08 0.65 37.03
N THR C 163 1.99 -0.23 37.47
CA THR C 163 1.98 -1.61 36.99
C THR C 163 0.84 -2.40 37.60
N MET C 164 0.57 -2.20 38.89
CA MET C 164 -0.52 -2.94 39.54
C MET C 164 -1.87 -2.59 38.93
N LEU C 165 -2.11 -1.31 38.65
CA LEU C 165 -3.37 -0.91 38.04
C LEU C 165 -3.42 -1.32 36.56
N ASN C 166 -2.28 -1.62 35.96
CA ASN C 166 -2.27 -2.09 34.58
C ASN C 166 -2.71 -3.54 34.49
N PHE C 167 -2.31 -4.37 35.47
CA PHE C 167 -2.63 -5.78 35.41
C PHE C 167 -4.05 -6.08 35.87
N PHE C 168 -4.61 -5.27 36.76
CA PHE C 168 -6.00 -5.47 37.15
C PHE C 168 -6.97 -5.13 36.02
N VAL C 169 -6.62 -4.12 35.21
CA VAL C 169 -7.47 -3.76 34.08
C VAL C 169 -7.52 -4.89 33.07
N THR C 170 -6.37 -5.48 32.75
CA THR C 170 -6.35 -6.55 31.76
C THR C 170 -6.95 -7.84 32.31
N GLU C 171 -6.66 -8.16 33.58
CA GLU C 171 -7.11 -9.42 34.14
C GLU C 171 -8.62 -9.48 34.28
N TYR C 172 -9.25 -8.40 34.74
CA TYR C 172 -10.65 -8.41 35.13
C TYR C 172 -11.56 -7.76 34.09
N THR C 173 -11.27 -7.98 32.81
CA THR C 173 -12.13 -7.64 31.70
C THR C 173 -12.25 -8.85 30.79
N PRO C 174 -13.32 -8.95 30.01
CA PRO C 174 -13.50 -10.14 29.16
C PRO C 174 -12.34 -10.33 28.20
N ARG C 175 -12.00 -11.60 27.94
CA ARG C 175 -10.80 -11.91 27.16
C ARG C 175 -11.07 -11.77 25.67
N SER C 176 -11.65 -10.64 25.27
CA SER C 176 -11.80 -10.29 23.87
C SER C 176 -11.56 -8.80 23.63
N TRP C 177 -11.19 -8.04 24.66
CA TRP C 177 -11.03 -6.59 24.59
C TRP C 177 -9.57 -6.18 24.42
N ASN C 178 -8.80 -6.92 23.63
CA ASN C 178 -7.36 -6.66 23.56
C ASN C 178 -7.06 -5.45 22.68
N PHE C 179 -7.73 -4.34 22.96
CA PHE C 179 -7.33 -3.01 22.53
C PHE C 179 -7.17 -2.05 23.69
N LEU C 180 -8.09 -2.10 24.66
CA LEU C 180 -7.86 -1.42 25.93
C LEU C 180 -6.64 -2.00 26.64
N HIS C 181 -6.42 -3.30 26.48
CA HIS C 181 -5.21 -3.91 27.01
C HIS C 181 -3.96 -3.32 26.34
N THR C 182 -4.03 -3.11 25.02
CA THR C 182 -2.92 -2.46 24.32
C THR C 182 -2.76 -1.03 24.78
N LEU C 183 -3.87 -0.31 24.96
CA LEU C 183 -3.79 1.07 25.45
C LEU C 183 -3.25 1.10 26.88
N SER C 184 -3.66 0.16 27.72
CA SER C 184 -3.16 0.13 29.09
C SER C 184 -1.70 -0.29 29.15
N TRP C 185 -1.17 -0.86 28.05
CA TRP C 185 0.25 -1.20 28.02
C TRP C 185 1.09 -0.03 27.55
N VAL C 186 0.55 0.77 26.63
CA VAL C 186 1.27 1.96 26.17
C VAL C 186 1.40 2.97 27.30
N LEU C 187 0.34 3.13 28.10
CA LEU C 187 0.39 4.06 29.23
C LEU C 187 1.44 3.64 30.24
N ASN C 188 1.52 2.34 30.53
CA ASN C 188 2.48 1.86 31.52
C ASN C 188 3.91 2.06 31.04
N LEU C 189 4.19 1.75 29.77
CA LEU C 189 5.55 1.89 29.25
C LEU C 189 5.97 3.36 29.21
N PHE C 190 5.08 4.25 28.79
CA PHE C 190 5.41 5.66 28.75
C PHE C 190 5.58 6.23 30.15
N GLY C 191 4.78 5.76 31.11
CA GLY C 191 4.97 6.18 32.49
C GLY C 191 6.30 5.74 33.05
N ILE C 192 6.87 4.67 32.50
CA ILE C 192 8.19 4.21 32.92
C ILE C 192 9.29 4.96 32.16
N PHE C 193 9.03 5.33 30.91
CA PHE C 193 10.00 6.12 30.16
C PHE C 193 10.23 7.47 30.80
N PHE C 194 9.15 8.13 31.23
CA PHE C 194 9.26 9.49 31.76
C PHE C 194 9.86 9.52 33.17
N ILE C 195 9.62 8.48 33.97
CA ILE C 195 10.20 8.46 35.32
C ILE C 195 11.70 8.28 35.24
N LEU C 196 12.21 7.74 34.13
CA LEU C 196 13.65 7.59 33.97
C LEU C 196 14.27 8.83 33.32
N ALA C 197 13.59 9.40 32.34
CA ALA C 197 14.10 10.59 31.66
C ALA C 197 14.07 11.84 32.55
N ALA C 198 13.34 11.81 33.66
CA ALA C 198 13.29 12.93 34.58
C ALA C 198 14.43 12.92 35.59
N HIS C 199 15.33 11.95 35.50
CA HIS C 199 16.47 11.83 36.42
C HIS C 199 16.01 11.78 37.87
N GLU C 200 15.00 10.93 38.13
CA GLU C 200 14.46 10.74 39.47
C GLU C 200 14.85 9.41 40.09
N HIS C 201 15.06 8.36 39.29
CA HIS C 201 15.37 7.01 39.81
C HIS C 201 16.30 6.30 38.85
N TYR C 202 17.18 5.47 39.34
CA TYR C 202 18.18 4.80 38.52
C TYR C 202 17.51 3.81 37.57
N SER C 203 18.33 3.26 36.67
CA SER C 203 17.81 2.30 35.70
C SER C 203 17.57 0.94 36.33
N ILE C 204 18.14 0.70 37.51
CA ILE C 204 17.95 -0.59 38.18
C ILE C 204 16.84 -0.55 39.23
N ASP C 205 16.50 0.64 39.74
CA ASP C 205 15.38 0.74 40.67
C ASP C 205 14.06 0.48 39.97
N VAL C 206 13.95 0.90 38.71
CA VAL C 206 12.71 0.70 37.96
C VAL C 206 12.52 -0.77 37.63
N PHE C 207 13.58 -1.45 37.15
CA PHE C 207 13.44 -2.81 36.68
C PHE C 207 13.06 -3.77 37.80
N ILE C 208 13.69 -3.62 38.98
CA ILE C 208 13.35 -4.49 40.09
C ILE C 208 12.02 -4.09 40.72
N ALA C 209 11.44 -2.96 40.30
CA ALA C 209 10.10 -2.60 40.75
C ALA C 209 9.04 -3.00 39.74
N PHE C 210 9.43 -3.17 38.48
CA PHE C 210 8.50 -3.66 37.47
C PHE C 210 8.39 -5.18 37.51
N TYR C 211 9.35 -5.84 38.16
CA TYR C 211 9.36 -7.30 38.19
C TYR C 211 8.65 -7.83 39.43
N ILE C 212 8.87 -7.21 40.60
CA ILE C 212 8.29 -7.70 41.84
C ILE C 212 6.76 -7.65 41.78
N THR C 213 6.21 -6.53 41.30
CA THR C 213 4.76 -6.41 41.21
C THR C 213 4.19 -7.42 40.21
N THR C 214 4.85 -7.60 39.07
CA THR C 214 4.37 -8.56 38.08
C THR C 214 4.43 -9.99 38.62
N ARG C 215 5.53 -10.34 39.29
CA ARG C 215 5.65 -11.69 39.84
C ARG C 215 4.64 -11.92 40.96
N LEU C 216 4.47 -10.94 41.86
CA LEU C 216 3.53 -11.10 42.97
C LEU C 216 2.09 -11.04 42.50
N PHE C 217 1.84 -10.52 41.29
CA PHE C 217 0.48 -10.46 40.77
C PHE C 217 0.06 -11.80 40.20
N LEU C 218 0.89 -12.38 39.32
CA LEU C 218 0.56 -13.67 38.72
C LEU C 218 0.52 -14.77 39.78
N TYR C 219 1.45 -14.74 40.73
CA TYR C 219 1.49 -15.79 41.76
C TYR C 219 0.25 -15.78 42.62
N TYR C 220 -0.31 -14.59 42.88
CA TYR C 220 -1.49 -14.50 43.74
C TYR C 220 -2.71 -15.12 43.07
N HIS C 221 -2.95 -14.79 41.80
CA HIS C 221 -4.11 -15.31 41.09
C HIS C 221 -3.95 -16.77 40.68
N THR C 222 -2.72 -17.21 40.43
CA THR C 222 -2.49 -18.64 40.19
C THR C 222 -2.87 -19.46 41.42
N LEU C 223 -2.53 -18.96 42.61
CA LEU C 223 -2.95 -19.63 43.84
C LEU C 223 -4.46 -19.60 44.00
N ALA C 224 -5.12 -18.58 43.44
CA ALA C 224 -6.56 -18.45 43.60
C ALA C 224 -7.31 -19.34 42.60
N ASN C 225 -6.97 -19.22 41.31
CA ASN C 225 -7.68 -19.99 40.29
C ASN C 225 -7.47 -21.49 40.49
N THR C 226 -6.25 -21.91 40.80
CA THR C 226 -5.99 -23.31 41.11
C THR C 226 -6.71 -23.75 42.38
N ARG C 227 -6.99 -22.81 43.28
CA ARG C 227 -7.66 -23.09 44.55
C ARG C 227 -6.84 -24.08 45.38
N ALA C 228 -5.64 -23.64 45.75
CA ALA C 228 -4.72 -24.45 46.54
C ALA C 228 -4.77 -24.12 48.03
N TYR C 229 -5.64 -23.20 48.44
CA TYR C 229 -5.73 -22.86 49.85
C TYR C 229 -6.44 -23.94 50.67
N GLN C 230 -7.23 -24.79 50.03
CA GLN C 230 -7.91 -25.88 50.72
C GLN C 230 -7.77 -27.23 50.04
N GLN C 231 -7.34 -27.27 48.78
CA GLN C 231 -7.16 -28.55 48.09
C GLN C 231 -6.08 -29.39 48.77
N SER C 232 -4.96 -28.77 49.09
CA SER C 232 -3.85 -29.45 49.76
C SER C 232 -2.93 -28.38 50.36
N ARG C 233 -2.07 -28.82 51.26
CA ARG C 233 -1.06 -27.94 51.87
C ARG C 233 0.13 -27.82 50.91
N ARG C 234 -0.09 -27.01 49.86
CA ARG C 234 0.90 -26.90 48.79
C ARG C 234 2.22 -26.32 49.31
N ALA C 235 2.18 -25.07 49.79
CA ALA C 235 3.41 -24.41 50.20
C ALA C 235 3.28 -23.55 51.46
N ARG C 236 2.13 -23.57 52.14
CA ARG C 236 1.89 -22.75 53.32
C ARG C 236 2.12 -21.26 52.99
N ILE C 237 1.22 -20.76 52.15
CA ILE C 237 1.31 -19.44 51.53
C ILE C 237 1.77 -18.38 52.52
N TRP C 238 2.76 -17.59 52.12
CA TRP C 238 3.36 -16.56 52.97
C TRP C 238 2.66 -15.22 52.86
N PHE C 239 1.62 -15.11 52.02
CA PHE C 239 0.90 -13.86 51.90
C PHE C 239 0.24 -13.49 53.22
N PRO C 240 0.40 -12.26 53.71
CA PRO C 240 -0.23 -11.88 54.98
C PRO C 240 -1.75 -11.98 54.90
N MET C 241 -2.31 -12.87 55.71
CA MET C 241 -3.76 -13.06 55.83
C MET C 241 -4.39 -13.40 54.47
N PHE C 242 -3.82 -14.42 53.82
CA PHE C 242 -4.36 -14.88 52.55
C PHE C 242 -5.47 -15.89 52.74
N SER C 243 -5.32 -16.79 53.72
CA SER C 243 -6.37 -17.78 53.98
C SER C 243 -7.63 -17.13 54.53
N PHE C 244 -7.49 -16.02 55.26
CA PHE C 244 -8.65 -15.36 55.84
C PHE C 244 -9.48 -14.66 54.77
N PHE C 245 -8.82 -14.00 53.82
CA PHE C 245 -9.54 -13.18 52.84
C PHE C 245 -10.26 -14.02 51.80
N GLU C 246 -9.63 -15.10 51.31
CA GLU C 246 -10.12 -15.85 50.18
C GLU C 246 -10.71 -17.20 50.57
N CYS C 247 -11.11 -17.37 51.83
CA CYS C 247 -11.66 -18.65 52.27
C CYS C 247 -13.07 -18.87 51.74
N ASN C 248 -13.86 -17.79 51.63
CA ASN C 248 -15.28 -17.93 51.31
C ASN C 248 -15.55 -18.01 49.82
N VAL C 249 -14.53 -17.95 48.96
CA VAL C 249 -14.71 -17.99 47.52
C VAL C 249 -14.19 -19.32 47.00
N ASN C 250 -14.92 -19.90 46.04
CA ASN C 250 -14.52 -21.15 45.38
C ASN C 250 -14.55 -20.94 43.87
N GLY C 251 -13.54 -21.48 43.19
CA GLY C 251 -13.47 -21.37 41.75
C GLY C 251 -12.95 -20.02 41.30
N THR C 252 -13.18 -19.73 40.02
CA THR C 252 -12.71 -18.50 39.39
C THR C 252 -13.87 -17.52 39.24
N VAL C 253 -13.59 -16.26 39.51
CA VAL C 253 -14.62 -15.23 39.38
C VAL C 253 -14.95 -15.00 37.90
N PRO C 254 -16.21 -15.03 37.50
CA PRO C 254 -16.55 -14.80 36.09
C PRO C 254 -16.31 -13.37 35.66
N ASN C 255 -16.61 -13.05 34.40
CA ASN C 255 -16.39 -11.72 33.85
C ASN C 255 -17.63 -11.16 33.18
N GLU C 256 -18.80 -11.38 33.79
CA GLU C 256 -20.04 -10.78 33.32
C GLU C 256 -20.35 -9.53 34.13
N TYR C 257 -20.88 -8.51 33.46
CA TYR C 257 -21.08 -7.20 34.05
C TYR C 257 -22.55 -6.97 34.34
N CYS C 258 -22.83 -6.33 35.47
CA CYS C 258 -24.18 -5.99 35.90
C CYS C 258 -24.27 -4.48 36.11
N TRP C 259 -25.47 -4.01 36.46
CA TRP C 259 -25.72 -2.60 36.66
C TRP C 259 -26.48 -2.44 37.98
N PRO C 260 -25.98 -1.66 38.95
CA PRO C 260 -26.60 -1.64 40.27
C PRO C 260 -27.84 -0.74 40.34
N PHE C 261 -27.86 0.34 39.56
CA PHE C 261 -28.99 1.25 39.58
C PHE C 261 -30.21 0.62 38.91
N SER C 262 -31.40 1.00 39.38
CA SER C 262 -32.65 0.49 38.85
C SER C 262 -33.36 1.51 37.95
N LYS C 263 -32.59 2.37 37.28
CA LYS C 263 -33.14 3.39 36.39
C LYS C 263 -32.42 3.30 35.05
N PRO C 264 -32.79 2.31 34.21
CA PRO C 264 -32.17 2.14 32.89
C PRO C 264 -32.43 3.32 31.95
N ARG D 1 13.83 -43.56 29.07
CA ARG D 1 15.17 -44.09 29.30
C ARG D 1 16.23 -43.05 28.99
N LEU D 2 16.99 -42.66 30.02
CA LEU D 2 18.02 -41.65 29.86
C LEU D 2 19.24 -42.26 29.15
N ASP D 3 19.84 -41.48 28.25
CA ASP D 3 21.01 -41.92 27.50
C ASP D 3 22.21 -41.08 27.94
N PRO D 4 23.24 -41.69 28.52
CA PRO D 4 24.44 -40.91 28.89
C PRO D 4 25.11 -40.33 27.65
N GLU D 5 25.16 -39.00 27.59
CA GLU D 5 25.73 -38.28 26.47
C GLU D 5 27.08 -37.72 26.90
N TYR D 6 28.15 -38.37 26.46
CA TYR D 6 29.50 -37.93 26.79
C TYR D 6 30.01 -36.83 25.86
N TRP D 7 29.29 -36.53 24.79
CA TRP D 7 29.70 -35.48 23.86
C TRP D 7 28.95 -34.17 24.10
N LYS D 8 27.74 -34.22 24.65
CA LYS D 8 27.00 -33.00 24.98
C LYS D 8 27.57 -32.28 26.19
N THR D 9 28.05 -33.03 27.19
CA THR D 9 28.64 -32.40 28.37
C THR D 9 29.89 -31.61 28.01
N ILE D 10 30.59 -32.00 26.94
CA ILE D 10 31.73 -31.23 26.47
C ILE D 10 31.28 -29.87 25.97
N LEU D 11 30.21 -29.83 25.19
CA LEU D 11 29.67 -28.55 24.73
C LEU D 11 29.20 -27.70 25.90
N SER D 12 28.54 -28.32 26.87
CA SER D 12 28.11 -27.59 28.07
C SER D 12 29.31 -27.09 28.87
N CYS D 13 30.37 -27.91 28.97
CA CYS D 13 31.56 -27.49 29.70
C CYS D 13 32.24 -26.31 29.01
N ILE D 14 32.29 -26.33 27.69
CA ILE D 14 32.90 -25.21 26.96
C ILE D 14 32.07 -23.94 27.14
N TYR D 15 30.74 -24.09 27.21
CA TYR D 15 29.86 -22.93 27.24
C TYR D 15 30.10 -22.07 28.49
N VAL D 16 30.32 -22.71 29.63
CA VAL D 16 30.47 -21.94 30.87
C VAL D 16 31.76 -21.14 30.88
N PHE D 17 32.84 -21.68 30.31
CA PHE D 17 34.10 -20.94 30.30
C PHE D 17 34.06 -19.74 29.36
N ILE D 18 33.31 -19.83 28.26
CA ILE D 18 33.16 -18.68 27.37
C ILE D 18 32.47 -17.54 28.10
N VAL D 19 31.43 -17.86 28.88
CA VAL D 19 30.74 -16.84 29.65
C VAL D 19 31.65 -16.26 30.72
N PHE D 20 32.52 -17.10 31.29
CA PHE D 20 33.47 -16.62 32.30
C PHE D 20 34.39 -15.55 31.72
N GLY D 21 34.89 -15.77 30.50
CA GLY D 21 35.73 -14.77 29.87
C GLY D 21 34.98 -13.50 29.53
N PHE D 22 33.71 -13.64 29.10
CA PHE D 22 32.92 -12.47 28.76
C PHE D 22 32.68 -11.59 29.99
N THR D 23 32.39 -12.20 31.13
CA THR D 23 32.16 -11.44 32.35
C THR D 23 33.42 -10.68 32.78
N SER D 24 34.59 -11.32 32.65
CA SER D 24 35.84 -10.66 32.99
C SER D 24 36.09 -9.46 32.08
N PHE D 25 35.75 -9.58 30.80
CA PHE D 25 35.94 -8.47 29.87
C PHE D 25 35.01 -7.30 30.21
N ILE D 26 33.78 -7.59 30.60
CA ILE D 26 32.81 -6.52 30.88
C ILE D 26 33.23 -5.72 32.10
N MET D 27 33.65 -6.40 33.17
CA MET D 27 33.99 -5.69 34.40
C MET D 27 35.20 -4.77 34.22
N VAL D 28 36.07 -5.09 33.27
CA VAL D 28 37.18 -4.19 32.95
C VAL D 28 36.66 -2.94 32.24
N ILE D 29 35.76 -3.12 31.27
CA ILE D 29 35.24 -1.98 30.53
C ILE D 29 34.43 -1.05 31.43
N VAL D 30 33.58 -1.62 32.28
CA VAL D 30 32.76 -0.80 33.17
C VAL D 30 33.60 -0.12 34.25
N HIS D 31 34.83 -0.60 34.48
CA HIS D 31 35.66 -0.02 35.52
C HIS D 31 36.12 1.39 35.17
N GLU D 32 36.28 1.69 33.89
CA GLU D 32 36.79 2.97 33.45
C GLU D 32 35.71 4.02 33.26
N ARG D 33 34.45 3.70 33.54
CA ARG D 33 33.38 4.69 33.41
C ARG D 33 33.62 5.87 34.34
N VAL D 34 33.97 5.58 35.59
CA VAL D 34 34.36 6.61 36.55
C VAL D 34 35.83 6.42 36.89
N PRO D 35 36.66 7.46 36.87
CA PRO D 35 38.08 7.28 37.11
C PRO D 35 38.43 6.81 38.50
N ASP D 36 38.06 7.58 39.53
CA ASP D 36 38.52 7.28 40.88
C ASP D 36 37.64 6.25 41.57
N MET D 37 36.39 6.61 41.88
CA MET D 37 35.51 5.81 42.74
C MET D 37 36.22 5.37 44.03
N GLN D 38 36.83 6.33 44.72
CA GLN D 38 37.20 6.12 46.12
C GLN D 38 36.94 7.34 46.99
N THR D 39 36.38 8.42 46.43
CA THR D 39 36.17 9.64 47.18
C THR D 39 34.79 9.70 47.85
N TYR D 40 33.82 8.97 47.32
CA TYR D 40 32.49 8.98 47.89
C TYR D 40 32.49 8.34 49.29
N PRO D 41 31.66 8.83 50.19
CA PRO D 41 31.46 8.14 51.47
C PRO D 41 30.41 7.06 51.33
N PRO D 42 30.54 5.97 52.09
CA PRO D 42 29.59 4.85 51.95
C PRO D 42 28.17 5.27 52.25
N LEU D 43 27.23 4.69 51.51
CA LEU D 43 25.82 4.95 51.74
C LEU D 43 25.39 4.38 53.09
N PRO D 44 24.38 4.97 53.73
CA PRO D 44 23.95 4.47 55.04
C PRO D 44 23.33 3.09 54.97
N ASP D 45 24.04 2.09 55.48
CA ASP D 45 23.59 0.71 55.50
C ASP D 45 23.30 0.28 56.93
N ILE D 46 22.27 -0.55 57.08
CA ILE D 46 21.90 -1.02 58.41
C ILE D 46 22.91 -2.05 58.93
N PHE D 47 23.65 -2.70 58.04
CA PHE D 47 24.60 -3.72 58.43
C PHE D 47 26.04 -3.23 58.43
N LEU D 48 26.46 -2.49 57.41
CA LEU D 48 27.84 -2.04 57.31
C LEU D 48 28.18 -0.96 58.34
N ASP D 49 27.18 -0.33 58.95
CA ASP D 49 27.44 0.71 59.94
C ASP D 49 27.56 0.17 61.36
N SER D 50 26.93 -0.97 61.67
CA SER D 50 26.99 -1.50 63.02
C SER D 50 28.27 -2.29 63.25
N VAL D 51 28.48 -3.36 62.48
CA VAL D 51 29.66 -4.21 62.66
C VAL D 51 30.89 -3.49 62.10
N PRO D 52 32.01 -3.47 62.81
CA PRO D 52 33.24 -2.90 62.25
C PRO D 52 33.82 -3.81 61.18
N ARG D 53 34.61 -3.20 60.30
CA ARG D 53 35.24 -3.95 59.21
C ARG D 53 36.30 -4.89 59.76
N ILE D 54 36.24 -6.15 59.33
CA ILE D 54 37.21 -7.18 59.71
C ILE D 54 38.02 -7.52 58.47
N PRO D 55 39.30 -7.15 58.41
CA PRO D 55 40.09 -7.43 57.20
C PRO D 55 40.16 -8.90 56.82
N TRP D 56 40.20 -9.80 57.81
CA TRP D 56 40.32 -11.23 57.54
C TRP D 56 38.98 -11.93 57.45
N ALA D 57 37.87 -11.19 57.53
CA ALA D 57 36.55 -11.81 57.43
C ALA D 57 36.30 -12.41 56.06
N PHE D 58 36.74 -11.74 54.99
CA PHE D 58 36.53 -12.26 53.64
C PHE D 58 37.40 -13.46 53.32
N ALA D 59 38.54 -13.61 53.99
CA ALA D 59 39.45 -14.70 53.70
C ALA D 59 38.82 -16.07 53.94
N MET D 60 37.81 -16.15 54.80
CA MET D 60 37.15 -17.42 55.08
C MET D 60 35.96 -17.69 54.15
N THR D 61 35.59 -16.74 53.31
CA THR D 61 34.46 -16.95 52.40
C THR D 61 34.77 -18.04 51.38
N GLU D 62 35.91 -17.94 50.71
CA GLU D 62 36.29 -18.97 49.75
C GLU D 62 36.73 -20.25 50.42
N VAL D 63 37.05 -20.21 51.72
CA VAL D 63 37.38 -21.42 52.45
C VAL D 63 36.18 -22.36 52.48
N CYS D 64 35.00 -21.81 52.78
CA CYS D 64 33.78 -22.63 52.76
C CYS D 64 33.49 -23.15 51.36
N GLY D 65 33.78 -22.34 50.33
CA GLY D 65 33.56 -22.79 48.97
C GLY D 65 34.42 -23.99 48.60
N MET D 66 35.68 -23.99 49.02
CA MET D 66 36.55 -25.11 48.71
C MET D 66 36.07 -26.40 49.37
N ILE D 67 35.61 -26.31 50.63
CA ILE D 67 35.05 -27.48 51.28
C ILE D 67 33.76 -27.91 50.59
N LEU D 68 32.92 -26.94 50.22
CA LEU D 68 31.65 -27.27 49.58
C LEU D 68 31.86 -27.94 48.23
N CYS D 69 32.77 -27.42 47.42
CA CYS D 69 33.01 -28.04 46.11
C CYS D 69 33.72 -29.38 46.27
N TYR D 70 34.57 -29.51 47.28
CA TYR D 70 35.21 -30.80 47.54
C TYR D 70 34.17 -31.86 47.90
N ILE D 71 33.22 -31.51 48.76
CA ILE D 71 32.13 -32.44 49.09
C ILE D 71 31.31 -32.74 47.86
N TRP D 72 31.02 -31.71 47.06
CA TRP D 72 30.28 -31.92 45.81
C TRP D 72 31.08 -32.74 44.81
N LEU D 73 32.42 -32.67 44.88
CA LEU D 73 33.23 -33.47 43.98
C LEU D 73 33.08 -34.96 44.28
N LEU D 74 33.04 -35.32 45.56
CA LEU D 74 32.92 -36.73 45.92
C LEU D 74 31.57 -37.30 45.51
N VAL D 75 30.48 -36.59 45.78
CA VAL D 75 29.15 -37.09 45.42
C VAL D 75 29.03 -37.19 43.91
N LEU D 76 29.70 -36.29 43.18
CA LEU D 76 29.79 -36.43 41.73
C LEU D 76 30.55 -37.69 41.35
N LEU D 77 31.63 -37.99 42.09
CA LEU D 77 32.43 -39.18 41.80
C LEU D 77 31.65 -40.46 42.06
N LEU D 78 30.93 -40.51 43.19
CA LEU D 78 30.20 -41.71 43.60
C LEU D 78 28.77 -41.74 43.07
N HIS D 79 28.49 -41.00 41.99
CA HIS D 79 27.18 -41.01 41.34
C HIS D 79 27.33 -41.58 39.95
N LYS D 80 26.42 -42.48 39.57
CA LYS D 80 26.52 -43.15 38.28
C LYS D 80 26.18 -42.21 37.12
N HIS D 81 25.37 -41.18 37.36
CA HIS D 81 24.90 -40.28 36.30
C HIS D 81 25.84 -39.09 36.15
N ARG D 82 27.10 -39.39 35.86
CA ARG D 82 28.15 -38.37 35.88
C ARG D 82 27.95 -37.33 34.80
N SER D 83 27.39 -37.72 33.65
CA SER D 83 27.17 -36.75 32.59
C SER D 83 26.08 -35.75 32.95
N ILE D 84 24.99 -36.25 33.55
CA ILE D 84 23.84 -35.38 33.82
C ILE D 84 24.15 -34.36 34.90
N LEU D 85 24.82 -34.81 35.98
CA LEU D 85 25.12 -33.90 37.09
C LEU D 85 26.05 -32.78 36.66
N LEU D 86 27.07 -33.10 35.87
CA LEU D 86 28.00 -32.06 35.42
C LEU D 86 27.35 -31.14 34.40
N ARG D 87 26.47 -31.68 33.55
CA ARG D 87 25.83 -30.86 32.53
C ARG D 87 24.76 -29.95 33.11
N ARG D 88 24.13 -30.32 34.22
CA ARG D 88 23.14 -29.47 34.86
C ARG D 88 23.77 -28.40 35.74
N LEU D 89 25.05 -28.51 36.05
CA LEU D 89 25.74 -27.44 36.79
C LEU D 89 26.29 -26.40 35.83
N CYS D 90 26.80 -26.83 34.68
CA CYS D 90 27.37 -25.89 33.72
C CYS D 90 26.28 -25.13 32.98
N SER D 91 25.10 -25.73 32.85
CA SER D 91 24.01 -25.06 32.14
C SER D 91 23.29 -24.04 33.00
N LEU D 92 23.53 -24.04 34.31
CA LEU D 92 22.95 -23.07 35.22
C LEU D 92 23.92 -21.96 35.61
N MET D 93 25.18 -22.31 35.90
CA MET D 93 26.18 -21.29 36.19
C MET D 93 26.46 -20.43 34.97
N GLY D 94 26.25 -20.97 33.76
CA GLY D 94 26.45 -20.18 32.56
C GLY D 94 25.29 -19.23 32.29
N THR D 95 24.16 -19.45 32.95
CA THR D 95 23.00 -18.59 32.74
C THR D 95 22.98 -17.44 33.74
N VAL D 96 23.26 -17.72 35.00
CA VAL D 96 23.24 -16.68 36.02
C VAL D 96 24.29 -15.61 35.73
N PHE D 97 25.48 -16.04 35.30
CA PHE D 97 26.56 -15.09 35.04
C PHE D 97 26.24 -14.17 33.87
N LEU D 98 25.42 -14.63 32.93
CA LEU D 98 24.96 -13.72 31.88
C LEU D 98 24.04 -12.65 32.45
N LEU D 99 23.17 -13.02 33.39
CA LEU D 99 22.36 -12.03 34.10
C LEU D 99 23.21 -11.11 34.96
N ARG D 100 24.41 -11.56 35.34
CA ARG D 100 25.32 -10.69 36.09
C ARG D 100 25.85 -9.56 35.22
N CYS D 101 26.12 -9.86 33.94
CA CYS D 101 26.64 -8.84 33.04
C CYS D 101 25.61 -7.76 32.75
N PHE D 102 24.35 -8.16 32.56
CA PHE D 102 23.31 -7.19 32.22
C PHE D 102 23.04 -6.24 33.37
N THR D 103 23.02 -6.75 34.60
CA THR D 103 22.67 -5.92 35.74
C THR D 103 23.80 -4.98 36.17
N MET D 104 25.03 -5.23 35.73
CA MET D 104 26.14 -4.34 36.05
C MET D 104 26.49 -3.41 34.89
N PHE D 105 25.99 -3.69 33.69
CA PHE D 105 26.19 -2.77 32.57
C PHE D 105 25.28 -1.56 32.69
N VAL D 106 24.03 -1.76 33.12
CA VAL D 106 23.10 -0.66 33.22
C VAL D 106 23.47 0.29 34.35
N THR D 107 23.93 -0.25 35.49
CA THR D 107 24.33 0.57 36.61
C THR D 107 25.53 -0.07 37.30
N SER D 108 26.28 0.76 38.02
CA SER D 108 27.49 0.31 38.72
C SER D 108 27.38 0.74 40.17
N LEU D 109 27.32 -0.24 41.08
CA LEU D 109 27.21 0.02 42.51
C LEU D 109 28.34 -0.72 43.22
N SER D 110 29.26 0.03 43.81
CA SER D 110 30.38 -0.51 44.56
C SER D 110 30.41 0.09 45.95
N VAL D 111 31.40 -0.30 46.74
CA VAL D 111 31.57 0.19 48.10
C VAL D 111 32.61 1.30 48.09
N PRO D 112 32.24 2.54 48.43
CA PRO D 112 33.17 3.67 48.30
C PRO D 112 34.09 3.86 49.50
N GLY D 113 35.23 3.18 49.53
CA GLY D 113 36.19 3.40 50.58
C GLY D 113 36.99 2.20 51.03
N GLN D 114 36.53 1.00 50.69
CA GLN D 114 37.26 -0.23 50.99
C GLN D 114 38.06 -0.67 49.78
N HIS D 115 39.26 -1.20 50.04
CA HIS D 115 40.21 -1.57 48.99
C HIS D 115 40.51 -0.38 48.08
N LEU D 116 40.65 0.80 48.69
CA LEU D 116 40.80 2.04 47.94
C LEU D 116 42.16 2.19 47.29
N GLN D 117 43.12 1.32 47.60
CA GLN D 117 44.50 1.49 47.15
C GLN D 117 44.86 0.56 45.98
N CYS D 118 43.87 0.04 45.27
CA CYS D 118 44.18 -0.83 44.13
C CYS D 118 44.72 0.01 42.98
N THR D 119 45.85 -0.41 42.43
CA THR D 119 46.59 0.38 41.45
C THR D 119 46.03 0.12 40.05
N GLY D 120 46.74 0.62 39.05
CA GLY D 120 46.31 0.47 37.65
C GLY D 120 45.69 1.75 37.10
N LYS D 121 44.37 1.72 36.89
CA LYS D 121 43.52 2.81 36.45
C LYS D 121 43.94 3.38 35.10
N ILE D 122 43.12 4.26 34.53
CA ILE D 122 43.26 4.87 33.20
C ILE D 122 43.82 3.85 32.20
N TYR D 123 43.06 2.80 31.94
CA TYR D 123 43.40 1.83 30.89
C TYR D 123 42.85 2.32 29.55
N GLY D 124 43.42 3.42 29.08
CA GLY D 124 42.99 3.98 27.81
C GLY D 124 43.77 3.44 26.63
N SER D 125 43.22 2.40 25.98
CA SER D 125 43.81 1.80 24.79
C SER D 125 42.85 0.76 24.23
N VAL D 126 43.30 0.00 23.23
CA VAL D 126 42.49 -1.08 22.69
C VAL D 126 42.95 -2.45 23.16
N TRP D 127 44.24 -2.65 23.41
CA TRP D 127 44.78 -3.98 23.63
C TRP D 127 45.20 -4.28 25.07
N GLU D 128 45.60 -3.28 25.86
CA GLU D 128 46.08 -3.59 27.21
C GLU D 128 44.96 -3.98 28.16
N LYS D 129 43.70 -3.74 27.79
CA LYS D 129 42.59 -4.22 28.60
C LYS D 129 42.51 -5.73 28.59
N LEU D 130 42.85 -6.36 27.46
CA LEU D 130 42.80 -7.82 27.38
C LEU D 130 43.78 -8.48 28.33
N HIS D 131 44.96 -7.88 28.51
CA HIS D 131 45.93 -8.42 29.46
C HIS D 131 45.38 -8.41 30.88
N ARG D 132 44.69 -7.33 31.26
CA ARG D 132 44.03 -7.31 32.55
C ARG D 132 42.90 -8.34 32.60
N ALA D 133 42.14 -8.48 31.50
CA ALA D 133 41.06 -9.44 31.47
C ALA D 133 41.57 -10.88 31.58
N PHE D 134 42.72 -11.17 30.95
CA PHE D 134 43.28 -12.51 31.02
C PHE D 134 43.65 -12.89 32.45
N ALA D 135 44.19 -11.94 33.22
CA ALA D 135 44.50 -12.21 34.62
C ALA D 135 43.22 -12.49 35.42
N ILE D 136 42.16 -11.72 35.16
CA ILE D 136 40.89 -11.93 35.84
C ILE D 136 40.33 -13.30 35.49
N TRP D 137 40.37 -13.67 34.21
CA TRP D 137 39.78 -14.93 33.77
C TRP D 137 40.49 -16.13 34.39
N SER D 138 41.82 -16.18 34.27
CA SER D 138 42.60 -17.29 34.82
C SER D 138 43.13 -16.95 36.21
N GLY D 139 42.26 -16.44 37.07
CA GLY D 139 42.62 -16.20 38.45
C GLY D 139 41.52 -16.58 39.41
N PHE D 140 40.36 -16.95 38.87
CA PHE D 140 39.17 -17.33 39.61
C PHE D 140 38.70 -16.27 40.59
N GLY D 141 39.18 -15.03 40.47
CA GLY D 141 38.78 -13.97 41.37
C GLY D 141 39.18 -14.16 42.81
N MET D 142 40.11 -15.07 43.08
CA MET D 142 40.50 -15.36 44.46
C MET D 142 41.38 -14.25 45.02
N THR D 143 41.36 -14.13 46.35
CA THR D 143 42.27 -13.24 47.05
C THR D 143 43.54 -13.94 47.53
N LEU D 144 43.49 -15.26 47.72
CA LEU D 144 44.71 -16.02 48.01
C LEU D 144 45.68 -15.91 46.84
N THR D 145 45.20 -16.22 45.63
CA THR D 145 45.93 -15.94 44.40
C THR D 145 45.48 -14.55 43.95
N GLY D 146 46.13 -13.52 44.49
CA GLY D 146 45.66 -12.16 44.34
C GLY D 146 45.54 -11.67 42.91
N VAL D 147 44.31 -11.57 42.42
CA VAL D 147 44.01 -10.97 41.13
C VAL D 147 42.99 -9.87 41.35
N HIS D 148 41.95 -10.18 42.14
CA HIS D 148 40.92 -9.21 42.50
C HIS D 148 41.51 -8.28 43.56
N THR D 149 42.14 -7.21 43.06
CA THR D 149 42.87 -6.31 43.95
C THR D 149 41.91 -5.46 44.78
N CYS D 150 40.87 -4.93 44.15
CA CYS D 150 39.87 -4.12 44.84
C CYS D 150 38.46 -4.60 44.46
N GLY D 151 37.47 -3.97 45.08
CA GLY D 151 36.13 -4.53 45.14
C GLY D 151 35.43 -4.62 43.80
N ASP D 152 34.28 -5.29 43.82
CA ASP D 152 33.48 -5.58 42.64
C ASP D 152 32.14 -4.86 42.72
N TYR D 153 31.31 -5.08 41.71
CA TYR D 153 30.09 -4.32 41.50
C TYR D 153 28.85 -5.13 41.92
N MET D 154 27.68 -4.59 41.58
CA MET D 154 26.39 -5.16 41.97
C MET D 154 26.29 -6.62 41.54
N PHE D 155 25.47 -7.38 42.28
CA PHE D 155 25.19 -8.80 42.01
C PHE D 155 26.47 -9.63 42.07
N SER D 156 27.02 -9.66 43.29
CA SER D 156 28.29 -10.36 43.54
C SER D 156 28.18 -11.83 43.17
N GLY D 157 29.23 -12.35 42.55
CA GLY D 157 29.31 -13.75 42.18
C GLY D 157 29.73 -14.70 43.27
N HIS D 158 30.28 -14.17 44.38
CA HIS D 158 30.66 -15.05 45.49
C HIS D 158 29.43 -15.71 46.11
N THR D 159 28.33 -14.95 46.23
CA THR D 159 27.10 -15.53 46.74
C THR D 159 26.48 -16.49 45.73
N VAL D 160 26.65 -16.23 44.44
CA VAL D 160 26.06 -17.08 43.41
C VAL D 160 26.65 -18.48 43.47
N VAL D 161 27.98 -18.57 43.52
CA VAL D 161 28.65 -19.87 43.49
C VAL D 161 28.41 -20.63 44.79
N LEU D 162 28.44 -19.93 45.92
CA LEU D 162 28.21 -20.59 47.21
C LEU D 162 26.81 -21.16 47.29
N THR D 163 25.80 -20.42 46.84
CA THR D 163 24.42 -20.89 46.91
C THR D 163 24.16 -21.96 45.85
N MET D 164 24.74 -21.81 44.66
CA MET D 164 24.48 -22.77 43.59
C MET D 164 24.99 -24.15 43.96
N LEU D 165 26.19 -24.24 44.53
CA LEU D 165 26.75 -25.53 44.90
C LEU D 165 25.97 -26.18 46.04
N ASN D 166 25.41 -25.38 46.94
CA ASN D 166 24.68 -25.92 48.08
C ASN D 166 23.45 -26.70 47.64
N PHE D 167 22.72 -26.17 46.66
CA PHE D 167 21.46 -26.80 46.25
C PHE D 167 21.68 -28.15 45.58
N PHE D 168 22.72 -28.28 44.75
CA PHE D 168 23.01 -29.58 44.16
C PHE D 168 23.38 -30.60 45.23
N VAL D 169 24.16 -30.18 46.23
CA VAL D 169 24.57 -31.11 47.29
C VAL D 169 23.35 -31.59 48.07
N THR D 170 22.43 -30.67 48.39
CA THR D 170 21.35 -31.00 49.31
C THR D 170 20.39 -32.03 48.72
N GLU D 171 19.89 -31.80 47.50
CA GLU D 171 18.81 -32.60 46.97
C GLU D 171 19.26 -33.74 46.05
N TYR D 172 20.55 -33.82 45.74
CA TYR D 172 21.08 -34.96 44.98
C TYR D 172 21.67 -36.03 45.89
N THR D 173 21.18 -36.11 47.14
CA THR D 173 21.56 -37.10 48.12
C THR D 173 20.31 -37.80 48.63
N PRO D 174 20.44 -39.02 49.15
CA PRO D 174 19.24 -39.72 49.63
C PRO D 174 18.53 -38.95 50.73
N ARG D 175 17.21 -39.02 50.72
CA ARG D 175 16.41 -38.26 51.68
C ARG D 175 16.33 -38.98 53.02
N SER D 176 17.48 -39.38 53.54
CA SER D 176 17.58 -39.98 54.86
C SER D 176 18.84 -39.55 55.60
N TRP D 177 19.57 -38.58 55.08
CA TRP D 177 20.87 -38.16 55.61
C TRP D 177 20.83 -36.72 56.11
N ASN D 178 19.80 -36.38 56.89
CA ASN D 178 19.62 -34.99 57.31
C ASN D 178 20.61 -34.63 58.42
N PHE D 179 21.88 -34.87 58.18
CA PHE D 179 23.01 -34.41 58.98
C PHE D 179 24.06 -33.72 58.11
N LEU D 180 24.25 -34.19 56.88
CA LEU D 180 25.10 -33.48 55.93
C LEU D 180 24.40 -32.25 55.35
N HIS D 181 23.08 -32.32 55.21
CA HIS D 181 22.33 -31.21 54.63
C HIS D 181 22.45 -29.96 55.50
N THR D 182 22.32 -30.12 56.81
CA THR D 182 22.45 -28.97 57.71
C THR D 182 23.91 -28.49 57.77
N LEU D 183 24.87 -29.38 57.53
CA LEU D 183 26.26 -28.95 57.49
C LEU D 183 26.54 -28.07 56.27
N SER D 184 25.96 -28.42 55.12
CA SER D 184 26.11 -27.58 53.93
C SER D 184 25.39 -26.25 54.12
N TRP D 185 24.21 -26.28 54.74
CA TRP D 185 23.44 -25.05 54.92
C TRP D 185 24.15 -24.08 55.84
N VAL D 186 24.73 -24.58 56.94
CA VAL D 186 25.37 -23.68 57.90
C VAL D 186 26.61 -23.04 57.31
N LEU D 187 27.34 -23.77 56.46
CA LEU D 187 28.51 -23.19 55.80
C LEU D 187 28.12 -22.06 54.85
N ASN D 188 27.01 -22.23 54.14
CA ASN D 188 26.56 -21.21 53.19
C ASN D 188 26.21 -19.91 53.90
N LEU D 189 25.53 -20.01 55.05
CA LEU D 189 25.13 -18.81 55.78
C LEU D 189 26.34 -18.04 56.30
N PHE D 190 27.34 -18.75 56.81
CA PHE D 190 28.54 -18.08 57.31
C PHE D 190 29.30 -17.39 56.18
N GLY D 191 29.37 -18.04 55.01
CA GLY D 191 30.03 -17.41 53.87
C GLY D 191 29.33 -16.15 53.43
N ILE D 192 28.00 -16.17 53.37
CA ILE D 192 27.24 -14.97 53.03
C ILE D 192 27.40 -13.91 54.10
N PHE D 193 27.33 -14.31 55.37
CA PHE D 193 27.47 -13.36 56.47
C PHE D 193 28.86 -12.73 56.48
N PHE D 194 29.88 -13.51 56.15
CA PHE D 194 31.25 -12.98 56.15
C PHE D 194 31.44 -11.95 55.04
N ILE D 195 30.65 -12.01 53.97
CA ILE D 195 30.75 -11.03 52.91
C ILE D 195 30.38 -9.65 53.44
N LEU D 196 29.27 -9.56 54.18
CA LEU D 196 28.82 -8.28 54.73
C LEU D 196 29.79 -7.75 55.78
N ALA D 197 30.36 -8.64 56.59
CA ALA D 197 31.30 -8.22 57.63
C ALA D 197 32.63 -7.75 57.06
N ALA D 198 32.91 -8.01 55.79
CA ALA D 198 34.15 -7.57 55.16
C ALA D 198 34.03 -6.21 54.49
N HIS D 199 32.84 -5.59 54.52
CA HIS D 199 32.60 -4.28 53.93
C HIS D 199 33.01 -4.25 52.46
N GLU D 200 32.68 -5.32 51.72
CA GLU D 200 32.99 -5.42 50.31
C GLU D 200 31.76 -5.35 49.41
N HIS D 201 30.60 -5.78 49.91
CA HIS D 201 29.34 -5.71 49.12
C HIS D 201 28.21 -5.22 50.02
N TYR D 202 27.27 -4.46 49.49
CA TYR D 202 26.17 -3.88 50.26
C TYR D 202 25.21 -4.96 50.71
N SER D 203 24.29 -4.58 51.60
CA SER D 203 23.27 -5.51 52.07
C SER D 203 22.35 -5.94 50.93
N ILE D 204 21.95 -4.99 50.07
CA ILE D 204 21.11 -5.33 48.94
C ILE D 204 21.91 -6.03 47.84
N ASP D 205 23.24 -6.00 47.92
CA ASP D 205 24.05 -6.69 46.93
C ASP D 205 23.84 -8.21 46.99
N VAL D 206 23.66 -8.74 48.20
CA VAL D 206 23.57 -10.18 48.38
C VAL D 206 22.13 -10.69 48.31
N PHE D 207 21.15 -9.89 48.78
CA PHE D 207 19.77 -10.38 48.83
C PHE D 207 19.24 -10.70 47.45
N ILE D 208 19.49 -9.84 46.45
CA ILE D 208 19.06 -10.15 45.10
C ILE D 208 20.02 -11.13 44.42
N ALA D 209 21.18 -11.39 45.02
CA ALA D 209 22.06 -12.43 44.52
C ALA D 209 21.63 -13.80 45.01
N PHE D 210 21.11 -13.87 46.24
CA PHE D 210 20.62 -15.14 46.77
C PHE D 210 19.28 -15.52 46.17
N TYR D 211 18.45 -14.53 45.82
CA TYR D 211 17.12 -14.83 45.30
C TYR D 211 17.19 -15.34 43.87
N ILE D 212 18.03 -14.73 43.03
CA ILE D 212 18.07 -15.10 41.62
C ILE D 212 18.54 -16.54 41.44
N THR D 213 19.60 -16.93 42.17
CA THR D 213 20.09 -18.29 42.06
C THR D 213 19.07 -19.31 42.56
N THR D 214 18.39 -18.99 43.66
CA THR D 214 17.40 -19.91 44.21
C THR D 214 16.22 -20.07 43.27
N ARG D 215 15.70 -18.96 42.76
CA ARG D 215 14.54 -19.03 41.86
C ARG D 215 14.88 -19.74 40.56
N LEU D 216 16.06 -19.47 40.00
CA LEU D 216 16.44 -20.11 38.74
C LEU D 216 16.70 -21.60 38.94
N PHE D 217 17.20 -21.99 40.11
CA PHE D 217 17.41 -23.41 40.38
C PHE D 217 16.10 -24.18 40.43
N LEU D 218 15.10 -23.62 41.13
CA LEU D 218 13.82 -24.31 41.25
C LEU D 218 13.06 -24.31 39.93
N TYR D 219 13.15 -23.23 39.17
CA TYR D 219 12.44 -23.16 37.90
C TYR D 219 13.00 -24.16 36.90
N TYR D 220 14.30 -24.41 36.95
CA TYR D 220 14.92 -25.36 36.03
C TYR D 220 14.50 -26.80 36.34
N HIS D 221 14.53 -27.17 37.61
CA HIS D 221 14.21 -28.55 37.99
C HIS D 221 12.74 -28.85 37.79
N THR D 222 11.86 -27.90 38.08
CA THR D 222 10.43 -28.12 37.90
C THR D 222 10.09 -28.37 36.43
N LEU D 223 10.69 -27.59 35.53
CA LEU D 223 10.43 -27.80 34.11
C LEU D 223 11.09 -29.07 33.61
N ALA D 224 12.22 -29.45 34.22
CA ALA D 224 12.89 -30.69 33.83
C ALA D 224 12.08 -31.91 34.25
N ASN D 225 11.47 -31.85 35.44
CA ASN D 225 10.65 -32.97 35.90
C ASN D 225 9.32 -33.04 35.15
N THR D 226 8.69 -31.89 34.92
CA THR D 226 7.43 -31.86 34.20
C THR D 226 7.59 -32.28 32.73
N ARG D 227 8.78 -32.11 32.16
CA ARG D 227 9.07 -32.45 30.78
C ARG D 227 8.18 -31.66 29.82
N ALA D 228 8.31 -30.34 29.90
CA ALA D 228 7.54 -29.43 29.06
C ALA D 228 8.29 -29.01 27.80
N TYR D 229 9.49 -29.55 27.57
CA TYR D 229 10.25 -29.18 26.38
C TYR D 229 9.61 -29.70 25.11
N GLN D 230 8.83 -30.78 25.20
CA GLN D 230 8.14 -31.34 24.04
C GLN D 230 6.68 -31.66 24.30
N GLN D 231 6.21 -31.56 25.54
CA GLN D 231 4.82 -31.87 25.84
C GLN D 231 3.86 -30.90 25.15
N SER D 232 4.17 -29.61 25.19
CA SER D 232 3.33 -28.60 24.55
C SER D 232 4.15 -27.34 24.35
N ARG D 233 3.64 -26.45 23.49
CA ARG D 233 4.28 -25.16 23.24
C ARG D 233 3.80 -24.16 24.31
N ARG D 234 4.26 -24.41 25.53
CA ARG D 234 3.77 -23.68 26.69
C ARG D 234 4.22 -22.21 26.69
N ALA D 235 5.52 -21.98 26.81
CA ALA D 235 6.02 -20.61 26.93
C ALA D 235 7.31 -20.34 26.16
N ARG D 236 7.84 -21.30 25.39
CA ARG D 236 9.11 -21.15 24.70
C ARG D 236 10.21 -20.74 25.68
N ILE D 237 10.51 -21.69 26.56
CA ILE D 237 11.43 -21.52 27.68
C ILE D 237 12.67 -20.74 27.27
N TRP D 238 13.03 -19.72 28.06
CA TRP D 238 14.05 -18.76 27.69
C TRP D 238 15.44 -19.15 28.19
N PHE D 239 15.58 -20.32 28.80
CA PHE D 239 16.91 -20.75 29.23
C PHE D 239 17.82 -20.94 28.03
N PRO D 240 19.05 -20.45 28.08
CA PRO D 240 19.98 -20.61 26.94
C PRO D 240 20.35 -22.07 26.74
N MET D 241 19.94 -22.63 25.61
CA MET D 241 20.26 -24.01 25.22
C MET D 241 19.84 -24.99 26.31
N PHE D 242 18.52 -25.05 26.51
CA PHE D 242 17.91 -25.93 27.49
C PHE D 242 17.38 -27.21 26.88
N SER D 243 16.53 -27.10 25.85
CA SER D 243 15.97 -28.29 25.21
C SER D 243 17.05 -29.14 24.55
N PHE D 244 18.16 -28.53 24.15
CA PHE D 244 19.24 -29.28 23.52
C PHE D 244 19.91 -30.23 24.51
N PHE D 245 19.87 -29.91 25.80
CA PHE D 245 20.51 -30.75 26.81
C PHE D 245 19.55 -31.74 27.45
N GLU D 246 18.25 -31.44 27.49
CA GLU D 246 17.27 -32.29 28.14
C GLU D 246 16.41 -33.07 27.16
N CYS D 247 16.72 -33.04 25.87
CA CYS D 247 15.92 -33.78 24.90
C CYS D 247 16.10 -35.27 25.05
N ASN D 248 17.34 -35.73 25.30
CA ASN D 248 17.63 -37.15 25.41
C ASN D 248 17.29 -37.72 26.77
N VAL D 249 16.91 -36.89 27.73
CA VAL D 249 16.57 -37.33 29.09
C VAL D 249 15.08 -37.12 29.30
N ASN D 250 14.39 -38.18 29.71
CA ASN D 250 12.96 -38.13 29.98
C ASN D 250 12.69 -38.61 31.39
N GLY D 251 11.88 -37.85 32.12
CA GLY D 251 11.54 -38.20 33.48
C GLY D 251 12.48 -37.60 34.50
N THR D 252 12.40 -38.13 35.71
CA THR D 252 13.22 -37.68 36.83
C THR D 252 14.43 -38.59 36.96
N VAL D 253 15.60 -38.00 37.12
CA VAL D 253 16.84 -38.77 37.22
C VAL D 253 16.82 -39.57 38.53
N PRO D 254 17.20 -40.85 38.52
CA PRO D 254 17.28 -41.61 39.78
C PRO D 254 18.52 -41.26 40.57
N ASN D 255 18.66 -41.84 41.76
CA ASN D 255 19.76 -41.54 42.66
C ASN D 255 20.51 -42.82 43.04
N GLU D 256 20.75 -43.69 42.07
CA GLU D 256 21.48 -44.92 42.31
C GLU D 256 22.98 -44.67 42.31
N TYR D 257 23.67 -45.22 43.32
CA TYR D 257 25.10 -45.04 43.48
C TYR D 257 25.84 -46.34 43.24
N CYS D 258 27.04 -46.23 42.68
CA CYS D 258 27.90 -47.37 42.43
C CYS D 258 29.35 -46.91 42.56
N TRP D 259 30.28 -47.73 42.06
CA TRP D 259 31.70 -47.44 42.12
C TRP D 259 32.26 -47.40 40.70
N PRO D 260 32.98 -46.32 40.32
CA PRO D 260 33.44 -46.22 38.92
C PRO D 260 34.66 -47.09 38.65
N PHE D 261 35.56 -47.17 39.62
CA PHE D 261 36.83 -47.87 39.42
C PHE D 261 36.59 -49.38 39.33
N SER D 262 37.33 -50.03 38.44
CA SER D 262 37.25 -51.47 38.24
C SER D 262 38.21 -52.22 39.14
N LYS D 263 38.70 -51.60 40.21
CA LYS D 263 39.64 -52.21 41.14
C LYS D 263 39.09 -52.03 42.56
N PRO D 264 38.13 -52.87 42.97
CA PRO D 264 37.53 -52.78 44.31
C PRO D 264 38.53 -53.04 45.42
N ARG E 1 -46.10 -10.38 -25.59
CA ARG E 1 -47.23 -9.61 -26.13
C ARG E 1 -46.81 -8.19 -26.44
N LEU E 2 -47.24 -7.67 -27.59
CA LEU E 2 -46.90 -6.33 -28.00
C LEU E 2 -47.80 -5.33 -27.28
N ASP E 3 -47.32 -4.79 -26.17
CA ASP E 3 -48.08 -3.81 -25.41
C ASP E 3 -47.79 -2.41 -25.92
N PRO E 4 -48.79 -1.67 -26.42
CA PRO E 4 -48.55 -0.29 -26.87
C PRO E 4 -48.59 0.66 -25.69
N GLU E 5 -47.46 1.30 -25.40
CA GLU E 5 -47.37 2.32 -24.35
C GLU E 5 -47.39 3.69 -25.01
N TYR E 6 -48.42 4.48 -24.70
CA TYR E 6 -48.53 5.82 -25.24
C TYR E 6 -47.71 6.84 -24.46
N TRP E 7 -47.15 6.45 -23.32
CA TRP E 7 -46.33 7.36 -22.52
C TRP E 7 -44.85 7.28 -22.85
N LYS E 8 -44.36 6.15 -23.37
CA LYS E 8 -42.97 6.05 -23.81
C LYS E 8 -42.73 6.78 -25.11
N THR E 9 -43.75 6.86 -25.98
CA THR E 9 -43.58 7.59 -27.23
C THR E 9 -43.32 9.07 -26.98
N ILE E 10 -44.01 9.66 -26.00
CA ILE E 10 -43.79 11.06 -25.66
C ILE E 10 -42.35 11.28 -25.17
N LEU E 11 -41.87 10.37 -24.31
CA LEU E 11 -40.48 10.46 -23.86
C LEU E 11 -39.51 10.31 -25.02
N SER E 12 -39.79 9.39 -25.94
CA SER E 12 -38.95 9.24 -27.12
C SER E 12 -39.04 10.48 -28.02
N CYS E 13 -40.24 11.05 -28.16
CA CYS E 13 -40.40 12.23 -28.99
C CYS E 13 -39.67 13.43 -28.41
N ILE E 14 -39.67 13.58 -27.09
CA ILE E 14 -38.95 14.70 -26.48
C ILE E 14 -37.44 14.53 -26.68
N TYR E 15 -36.96 13.30 -26.65
CA TYR E 15 -35.51 13.06 -26.74
C TYR E 15 -34.94 13.55 -28.05
N VAL E 16 -35.66 13.33 -29.16
CA VAL E 16 -35.13 13.74 -30.46
C VAL E 16 -35.14 15.26 -30.58
N PHE E 17 -36.11 15.94 -29.95
CA PHE E 17 -36.17 17.39 -30.05
C PHE E 17 -35.03 18.07 -29.29
N ILE E 18 -34.62 17.49 -28.16
CA ILE E 18 -33.49 18.06 -27.41
C ILE E 18 -32.21 17.97 -28.24
N VAL E 19 -32.01 16.84 -28.93
CA VAL E 19 -30.84 16.70 -29.78
C VAL E 19 -30.89 17.68 -30.94
N PHE E 20 -32.10 17.96 -31.46
CA PHE E 20 -32.24 18.93 -32.54
C PHE E 20 -31.73 20.30 -32.12
N GLY E 21 -32.09 20.75 -30.91
CA GLY E 21 -31.59 22.02 -30.43
C GLY E 21 -30.11 22.00 -30.13
N PHE E 22 -29.61 20.90 -29.58
CA PHE E 22 -28.20 20.80 -29.24
C PHE E 22 -27.32 20.87 -30.48
N THR E 23 -27.74 20.22 -31.57
CA THR E 23 -26.98 20.28 -32.81
C THR E 23 -26.93 21.70 -33.36
N SER E 24 -28.04 22.43 -33.28
CA SER E 24 -28.05 23.82 -33.73
C SER E 24 -27.11 24.67 -32.88
N PHE E 25 -27.07 24.41 -31.58
CA PHE E 25 -26.18 25.16 -30.69
C PHE E 25 -24.71 24.92 -31.04
N ILE E 26 -24.37 23.70 -31.45
CA ILE E 26 -23.00 23.40 -31.84
C ILE E 26 -22.63 24.13 -33.12
N MET E 27 -23.59 24.25 -34.05
CA MET E 27 -23.31 24.88 -35.34
C MET E 27 -22.88 26.34 -35.16
N VAL E 28 -23.41 27.02 -34.14
CA VAL E 28 -23.03 28.40 -33.91
C VAL E 28 -21.60 28.50 -33.42
N ILE E 29 -21.21 27.64 -32.47
CA ILE E 29 -19.87 27.69 -31.92
C ILE E 29 -18.84 27.28 -32.97
N VAL E 30 -19.12 26.20 -33.70
CA VAL E 30 -18.17 25.69 -34.68
C VAL E 30 -17.94 26.72 -35.80
N HIS E 31 -18.93 27.55 -36.08
CA HIS E 31 -18.77 28.57 -37.11
C HIS E 31 -17.82 29.68 -36.69
N GLU E 32 -17.62 29.86 -35.38
CA GLU E 32 -16.86 30.99 -34.87
C GLU E 32 -15.37 30.71 -34.74
N ARG E 33 -14.94 29.45 -34.80
CA ARG E 33 -13.51 29.17 -34.69
C ARG E 33 -12.74 29.76 -35.87
N VAL E 34 -13.32 29.67 -37.06
CA VAL E 34 -12.74 30.26 -38.27
C VAL E 34 -13.52 31.53 -38.60
N PRO E 35 -12.84 32.66 -38.84
CA PRO E 35 -13.57 33.90 -39.14
C PRO E 35 -14.28 33.86 -40.49
N ASP E 36 -13.55 33.57 -41.56
CA ASP E 36 -14.11 33.70 -42.90
C ASP E 36 -14.57 32.36 -43.48
N MET E 37 -13.64 31.42 -43.67
CA MET E 37 -13.87 30.22 -44.46
C MET E 37 -14.64 30.52 -45.74
N GLN E 38 -14.27 31.60 -46.44
CA GLN E 38 -14.89 31.91 -47.72
C GLN E 38 -13.87 32.40 -48.75
N THR E 39 -12.57 32.17 -48.49
CA THR E 39 -11.52 32.59 -49.41
C THR E 39 -10.79 31.42 -50.05
N TYR E 40 -10.84 30.23 -49.44
CA TYR E 40 -10.13 29.07 -49.96
C TYR E 40 -10.73 28.66 -51.32
N PRO E 41 -9.94 28.05 -52.19
CA PRO E 41 -10.50 27.43 -53.38
C PRO E 41 -10.99 26.02 -53.08
N PRO E 42 -12.06 25.58 -53.74
CA PRO E 42 -12.60 24.24 -53.44
C PRO E 42 -11.59 23.16 -53.79
N LEU E 43 -11.60 22.10 -52.97
CA LEU E 43 -10.69 21.00 -53.17
C LEU E 43 -11.02 20.28 -54.49
N PRO E 44 -10.00 19.79 -55.20
CA PRO E 44 -10.25 19.12 -56.48
C PRO E 44 -10.99 17.80 -56.31
N ASP E 45 -12.19 17.73 -56.87
CA ASP E 45 -13.03 16.54 -56.80
C ASP E 45 -13.20 15.92 -58.18
N ILE E 46 -13.72 14.69 -58.19
CA ILE E 46 -14.02 14.02 -59.45
C ILE E 46 -15.35 14.48 -60.03
N PHE E 47 -16.21 15.10 -59.23
CA PHE E 47 -17.55 15.47 -59.66
C PHE E 47 -17.76 16.97 -59.73
N LEU E 48 -17.32 17.71 -58.71
CA LEU E 48 -17.52 19.15 -58.69
C LEU E 48 -16.72 19.88 -59.77
N ASP E 49 -15.65 19.28 -60.28
CA ASP E 49 -14.87 19.90 -61.34
C ASP E 49 -15.52 19.76 -62.71
N SER E 50 -16.42 18.78 -62.88
CA SER E 50 -17.06 18.55 -64.16
C SER E 50 -18.46 19.17 -64.22
N VAL E 51 -19.31 18.81 -63.26
CA VAL E 51 -20.71 19.27 -63.24
C VAL E 51 -20.75 20.71 -62.79
N PRO E 52 -21.35 21.62 -63.57
CA PRO E 52 -21.48 23.01 -63.12
C PRO E 52 -22.55 23.16 -62.06
N ARG E 53 -22.49 24.28 -61.35
CA ARG E 53 -23.44 24.55 -60.28
C ARG E 53 -24.83 24.83 -60.86
N ILE E 54 -25.84 24.18 -60.30
CA ILE E 54 -27.24 24.38 -60.68
C ILE E 54 -27.92 25.14 -59.54
N PRO E 55 -28.39 26.37 -59.77
CA PRO E 55 -29.00 27.14 -58.67
C PRO E 55 -30.24 26.48 -58.09
N TRP E 56 -31.02 25.77 -58.90
CA TRP E 56 -32.27 25.17 -58.45
C TRP E 56 -32.13 23.69 -58.11
N ALA E 57 -30.90 23.16 -58.09
CA ALA E 57 -30.70 21.77 -57.72
C ALA E 57 -31.05 21.51 -56.26
N PHE E 58 -30.79 22.47 -55.38
CA PHE E 58 -31.16 22.38 -53.97
C PHE E 58 -32.60 22.82 -53.71
N ALA E 59 -33.24 23.44 -54.70
CA ALA E 59 -34.62 23.86 -54.53
C ALA E 59 -35.56 22.69 -54.33
N MET E 60 -35.37 21.61 -55.09
CA MET E 60 -36.31 20.49 -55.03
C MET E 60 -35.82 19.34 -54.15
N THR E 61 -34.64 19.44 -53.54
CA THR E 61 -34.14 18.33 -52.74
C THR E 61 -35.01 18.11 -51.51
N GLU E 62 -35.50 19.19 -50.89
CA GLU E 62 -36.44 19.03 -49.79
C GLU E 62 -37.85 18.72 -50.27
N VAL E 63 -38.16 19.01 -51.54
CA VAL E 63 -39.48 18.66 -52.08
C VAL E 63 -39.68 17.15 -52.02
N CYS E 64 -38.65 16.39 -52.39
CA CYS E 64 -38.69 14.95 -52.19
C CYS E 64 -38.85 14.60 -50.71
N GLY E 65 -38.34 15.45 -49.82
CA GLY E 65 -38.50 15.19 -48.40
C GLY E 65 -39.94 15.20 -47.95
N MET E 66 -40.72 16.19 -48.40
CA MET E 66 -42.15 16.21 -48.06
C MET E 66 -42.88 15.03 -48.67
N ILE E 67 -42.58 14.68 -49.92
CA ILE E 67 -43.24 13.54 -50.54
C ILE E 67 -42.89 12.25 -49.81
N LEU E 68 -41.61 12.09 -49.45
CA LEU E 68 -41.18 10.86 -48.77
C LEU E 68 -41.86 10.73 -47.40
N CYS E 69 -41.90 11.82 -46.62
CA CYS E 69 -42.54 11.74 -45.32
C CYS E 69 -44.06 11.67 -45.44
N TYR E 70 -44.62 12.26 -46.51
CA TYR E 70 -46.06 12.16 -46.72
C TYR E 70 -46.48 10.71 -46.93
N ILE E 71 -45.73 9.97 -47.73
CA ILE E 71 -45.99 8.54 -47.90
C ILE E 71 -45.77 7.81 -46.58
N TRP E 72 -44.69 8.14 -45.88
CA TRP E 72 -44.43 7.52 -44.58
C TRP E 72 -45.52 7.86 -43.56
N LEU E 73 -46.03 9.09 -43.60
CA LEU E 73 -47.11 9.47 -42.69
C LEU E 73 -48.37 8.64 -42.95
N LEU E 74 -48.68 8.41 -44.23
CA LEU E 74 -49.84 7.58 -44.56
C LEU E 74 -49.66 6.15 -44.06
N VAL E 75 -48.46 5.59 -44.20
CA VAL E 75 -48.19 4.26 -43.65
C VAL E 75 -48.31 4.29 -42.13
N LEU E 76 -47.80 5.35 -41.49
CA LEU E 76 -47.97 5.50 -40.05
C LEU E 76 -49.44 5.70 -39.70
N LEU E 77 -50.22 6.33 -40.58
CA LEU E 77 -51.62 6.59 -40.30
C LEU E 77 -52.47 5.32 -40.36
N LEU E 78 -52.02 4.31 -41.11
CA LEU E 78 -52.80 3.10 -41.33
C LEU E 78 -52.09 1.85 -40.80
N HIS E 79 -51.51 1.95 -39.60
CA HIS E 79 -50.82 0.83 -38.98
C HIS E 79 -51.46 0.52 -37.63
N LYS E 80 -51.50 -0.77 -37.29
CA LYS E 80 -52.17 -1.19 -36.06
C LYS E 80 -51.40 -0.71 -34.83
N HIS E 81 -50.07 -0.83 -34.85
CA HIS E 81 -49.22 -0.37 -33.74
C HIS E 81 -48.45 0.87 -34.22
N ARG E 82 -49.08 2.03 -34.04
CA ARG E 82 -48.47 3.29 -34.45
C ARG E 82 -47.38 3.72 -33.48
N SER E 83 -47.52 3.36 -32.20
CA SER E 83 -46.54 3.78 -31.20
C SER E 83 -45.17 3.16 -31.46
N ILE E 84 -45.13 1.87 -31.81
CA ILE E 84 -43.85 1.19 -31.94
C ILE E 84 -43.04 1.73 -33.11
N LEU E 85 -43.70 2.13 -34.20
CA LEU E 85 -42.96 2.72 -35.31
C LEU E 85 -42.46 4.12 -34.96
N LEU E 86 -43.24 4.87 -34.18
CA LEU E 86 -42.83 6.23 -33.84
C LEU E 86 -41.64 6.24 -32.89
N ARG E 87 -41.55 5.28 -31.98
CA ARG E 87 -40.40 5.19 -31.10
C ARG E 87 -39.18 4.58 -31.78
N ARG E 88 -39.35 3.95 -32.93
CA ARG E 88 -38.23 3.43 -33.71
C ARG E 88 -37.68 4.46 -34.69
N LEU E 89 -38.36 5.59 -34.85
CA LEU E 89 -37.85 6.70 -35.66
C LEU E 89 -37.17 7.75 -34.81
N CYS E 90 -37.74 8.05 -33.63
CA CYS E 90 -37.14 9.07 -32.76
C CYS E 90 -35.90 8.53 -32.07
N SER E 91 -35.89 7.25 -31.71
CA SER E 91 -34.73 6.67 -31.05
C SER E 91 -33.59 6.36 -32.01
N LEU E 92 -33.83 6.44 -33.31
CA LEU E 92 -32.80 6.24 -34.31
C LEU E 92 -32.30 7.54 -34.94
N MET E 93 -33.20 8.50 -35.16
CA MET E 93 -32.78 9.82 -35.61
C MET E 93 -32.10 10.59 -34.49
N GLY E 94 -32.40 10.23 -33.25
CA GLY E 94 -31.76 10.89 -32.11
C GLY E 94 -30.37 10.37 -31.84
N THR E 95 -29.98 9.26 -32.47
CA THR E 95 -28.62 8.74 -32.29
C THR E 95 -27.70 9.23 -33.40
N VAL E 96 -28.18 9.24 -34.64
CA VAL E 96 -27.35 9.67 -35.77
C VAL E 96 -26.96 11.14 -35.62
N PHE E 97 -27.91 11.98 -35.21
CA PHE E 97 -27.61 13.41 -35.10
C PHE E 97 -26.59 13.71 -34.01
N LEU E 98 -26.49 12.84 -32.99
CA LEU E 98 -25.43 12.99 -32.01
C LEU E 98 -24.07 12.68 -32.61
N LEU E 99 -24.01 11.73 -33.55
CA LEU E 99 -22.76 11.46 -34.25
C LEU E 99 -22.38 12.61 -35.18
N ARG E 100 -23.36 13.45 -35.55
CA ARG E 100 -23.05 14.62 -36.36
C ARG E 100 -22.35 15.69 -35.53
N CYS E 101 -22.71 15.80 -34.25
CA CYS E 101 -22.05 16.76 -33.37
C CYS E 101 -20.59 16.37 -33.13
N PHE E 102 -20.33 15.08 -32.94
CA PHE E 102 -18.98 14.63 -32.65
C PHE E 102 -18.04 14.86 -33.83
N THR E 103 -18.52 14.59 -35.05
CA THR E 103 -17.67 14.74 -36.23
C THR E 103 -17.48 16.19 -36.65
N MET E 104 -18.30 17.12 -36.15
CA MET E 104 -18.11 18.52 -36.42
C MET E 104 -17.20 19.20 -35.41
N PHE E 105 -17.12 18.66 -34.20
CA PHE E 105 -16.25 19.23 -33.18
C PHE E 105 -14.78 18.90 -33.44
N VAL E 106 -14.50 17.68 -33.88
CA VAL E 106 -13.12 17.27 -34.12
C VAL E 106 -12.53 17.98 -35.32
N THR E 107 -13.31 18.16 -36.38
CA THR E 107 -12.85 18.83 -37.58
C THR E 107 -14.01 19.55 -38.25
N SER E 108 -13.67 20.53 -39.08
CA SER E 108 -14.65 21.35 -39.77
C SER E 108 -14.31 21.38 -41.25
N LEU E 109 -15.12 20.72 -42.07
CA LEU E 109 -14.91 20.65 -43.52
C LEU E 109 -16.15 21.22 -44.21
N SER E 110 -15.97 22.33 -44.89
CA SER E 110 -17.05 23.01 -45.61
C SER E 110 -16.58 23.36 -47.02
N VAL E 111 -17.52 23.85 -47.82
CA VAL E 111 -17.24 24.22 -49.21
C VAL E 111 -16.92 25.72 -49.28
N PRO E 112 -15.69 26.08 -49.64
CA PRO E 112 -15.23 27.49 -49.67
C PRO E 112 -15.59 28.27 -50.94
N GLY E 113 -16.77 28.87 -50.93
CA GLY E 113 -17.17 29.71 -52.05
C GLY E 113 -18.66 29.71 -52.35
N GLN E 114 -19.38 28.71 -51.87
CA GLN E 114 -20.83 28.69 -51.97
C GLN E 114 -21.44 29.19 -50.67
N HIS E 115 -22.58 29.88 -50.79
CA HIS E 115 -23.21 30.58 -49.67
C HIS E 115 -22.24 31.60 -49.06
N LEU E 116 -21.42 32.21 -49.92
CA LEU E 116 -20.41 33.16 -49.45
C LEU E 116 -21.02 34.47 -48.99
N GLN E 117 -22.28 34.74 -49.35
CA GLN E 117 -22.94 35.99 -48.99
C GLN E 117 -23.64 35.92 -47.64
N CYS E 118 -23.42 34.85 -46.86
CA CYS E 118 -24.02 34.76 -45.54
C CYS E 118 -23.46 35.84 -44.63
N THR E 119 -24.36 36.58 -43.98
CA THR E 119 -24.00 37.75 -43.20
C THR E 119 -24.02 37.41 -41.71
N GLY E 120 -23.87 38.43 -40.88
CA GLY E 120 -23.83 38.24 -39.43
C GLY E 120 -22.39 38.07 -38.93
N LYS E 121 -22.04 36.83 -38.58
CA LYS E 121 -20.70 36.43 -38.15
C LYS E 121 -20.24 37.18 -36.89
N ILE E 122 -19.07 36.80 -36.37
CA ILE E 122 -18.44 37.34 -35.16
C ILE E 122 -19.48 37.66 -34.09
N TYR E 123 -20.19 36.64 -33.62
CA TYR E 123 -21.11 36.78 -32.50
C TYR E 123 -20.35 36.54 -31.18
N GLY E 124 -19.57 37.55 -30.80
CA GLY E 124 -18.80 37.46 -29.58
C GLY E 124 -19.59 37.89 -28.37
N SER E 125 -20.15 36.93 -27.64
CA SER E 125 -21.03 37.20 -26.51
C SER E 125 -21.24 35.89 -25.76
N VAL E 126 -22.22 35.90 -24.85
CA VAL E 126 -22.61 34.70 -24.11
C VAL E 126 -24.11 34.50 -24.27
N TRP E 127 -24.84 35.60 -24.49
CA TRP E 127 -26.30 35.56 -24.46
C TRP E 127 -26.97 35.61 -25.82
N GLU E 128 -26.55 36.49 -26.72
CA GLU E 128 -27.21 36.65 -28.00
C GLU E 128 -26.85 35.56 -29.01
N LYS E 129 -25.97 34.63 -28.63
CA LYS E 129 -25.70 33.48 -29.48
C LYS E 129 -26.96 32.62 -29.64
N LEU E 130 -27.77 32.52 -28.59
CA LEU E 130 -28.93 31.64 -28.60
C LEU E 130 -29.98 32.09 -29.61
N HIS E 131 -30.09 33.40 -29.86
CA HIS E 131 -31.06 33.88 -30.84
C HIS E 131 -30.77 33.31 -32.22
N ARG E 132 -29.50 33.27 -32.61
CA ARG E 132 -29.12 32.59 -33.85
C ARG E 132 -29.44 31.11 -33.78
N ALA E 133 -29.17 30.48 -32.64
CA ALA E 133 -29.48 29.06 -32.47
C ALA E 133 -30.98 28.82 -32.49
N PHE E 134 -31.77 29.71 -31.87
CA PHE E 134 -33.21 29.54 -31.84
C PHE E 134 -33.81 29.60 -33.24
N ALA E 135 -33.28 30.48 -34.09
CA ALA E 135 -33.75 30.54 -35.47
C ALA E 135 -33.47 29.23 -36.21
N ILE E 136 -32.27 28.67 -36.01
CA ILE E 136 -31.92 27.40 -36.64
C ILE E 136 -32.83 26.29 -36.13
N TRP E 137 -33.09 26.26 -34.83
CA TRP E 137 -33.90 25.20 -34.24
C TRP E 137 -35.32 25.22 -34.82
N SER E 138 -35.98 26.37 -34.77
CA SER E 138 -37.35 26.49 -35.27
C SER E 138 -37.38 26.96 -36.72
N GLY E 139 -36.57 26.33 -37.57
CA GLY E 139 -36.62 26.60 -38.99
C GLY E 139 -36.51 25.34 -39.82
N PHE E 140 -36.26 24.21 -39.16
CA PHE E 140 -36.13 22.90 -39.78
C PHE E 140 -35.06 22.87 -40.87
N GLY E 141 -34.16 23.85 -40.88
CA GLY E 141 -33.12 23.90 -41.89
C GLY E 141 -33.59 24.09 -43.31
N MET E 142 -34.84 24.48 -43.52
CA MET E 142 -35.38 24.62 -44.87
C MET E 142 -34.74 25.80 -45.59
N THR E 143 -34.50 25.63 -46.89
CA THR E 143 -34.09 26.74 -47.73
C THR E 143 -35.26 27.56 -48.25
N LEU E 144 -36.48 27.01 -48.18
CA LEU E 144 -37.66 27.79 -48.53
C LEU E 144 -37.95 28.84 -47.47
N THR E 145 -38.17 28.40 -46.23
CA THR E 145 -38.22 29.28 -45.08
C THR E 145 -36.77 29.55 -44.68
N GLY E 146 -36.14 30.47 -45.40
CA GLY E 146 -34.70 30.65 -45.31
C GLY E 146 -34.18 31.00 -43.93
N VAL E 147 -33.54 30.02 -43.29
CA VAL E 147 -32.83 30.23 -42.04
C VAL E 147 -31.39 29.77 -42.24
N HIS E 148 -31.24 28.58 -42.82
CA HIS E 148 -29.92 28.04 -43.16
C HIS E 148 -29.43 28.76 -44.41
N THR E 149 -28.86 29.95 -44.21
CA THR E 149 -28.43 30.78 -45.32
C THR E 149 -27.00 30.48 -45.74
N CYS E 150 -26.15 30.07 -44.80
CA CYS E 150 -24.72 29.94 -45.05
C CYS E 150 -24.33 28.47 -45.19
N GLY E 151 -23.03 28.22 -45.28
CA GLY E 151 -22.55 26.89 -45.59
C GLY E 151 -22.79 25.88 -44.49
N ASP E 152 -22.54 24.61 -44.83
CA ASP E 152 -22.73 23.49 -43.92
C ASP E 152 -21.45 22.67 -43.84
N TYR E 153 -21.32 21.93 -42.74
CA TYR E 153 -20.11 21.23 -42.39
C TYR E 153 -20.22 19.72 -42.67
N MET E 154 -19.23 18.97 -42.19
CA MET E 154 -19.13 17.54 -42.43
C MET E 154 -20.40 16.80 -42.00
N PHE E 155 -20.65 15.65 -42.62
CA PHE E 155 -21.74 14.75 -42.28
C PHE E 155 -23.09 15.47 -42.40
N SER E 156 -23.41 15.80 -43.66
CA SER E 156 -24.62 16.53 -43.97
C SER E 156 -25.86 15.78 -43.49
N GLY E 157 -26.79 16.52 -42.89
CA GLY E 157 -28.01 15.94 -42.38
C GLY E 157 -29.09 15.78 -43.44
N HIS E 158 -28.90 16.43 -44.60
CA HIS E 158 -29.88 16.29 -45.68
C HIS E 158 -29.92 14.86 -46.20
N THR E 159 -28.76 14.22 -46.31
CA THR E 159 -28.73 12.81 -46.70
C THR E 159 -29.26 11.91 -45.59
N VAL E 160 -29.08 12.32 -44.33
CA VAL E 160 -29.52 11.49 -43.21
C VAL E 160 -31.03 11.36 -43.20
N VAL E 161 -31.74 12.49 -43.35
CA VAL E 161 -33.19 12.46 -43.26
C VAL E 161 -33.80 11.72 -44.45
N LEU E 162 -33.20 11.88 -45.65
CA LEU E 162 -33.74 11.23 -46.83
C LEU E 162 -33.61 9.71 -46.73
N THR E 163 -32.46 9.23 -46.27
CA THR E 163 -32.21 7.79 -46.24
C THR E 163 -33.03 7.10 -45.15
N MET E 164 -33.14 7.73 -43.98
CA MET E 164 -33.89 7.12 -42.88
C MET E 164 -35.37 6.99 -43.22
N LEU E 165 -35.95 8.00 -43.88
CA LEU E 165 -37.34 7.91 -44.29
C LEU E 165 -37.54 6.82 -45.34
N ASN E 166 -36.58 6.68 -46.25
CA ASN E 166 -36.72 5.71 -47.34
C ASN E 166 -36.79 4.28 -46.80
N PHE E 167 -35.95 3.96 -45.81
CA PHE E 167 -35.89 2.59 -45.32
C PHE E 167 -37.13 2.22 -44.52
N PHE E 168 -37.69 3.16 -43.76
CA PHE E 168 -38.92 2.88 -43.03
C PHE E 168 -40.08 2.61 -43.98
N VAL E 169 -40.16 3.35 -45.09
CA VAL E 169 -41.23 3.13 -46.05
C VAL E 169 -41.12 1.75 -46.67
N THR E 170 -39.89 1.28 -46.89
CA THR E 170 -39.68 0.04 -47.62
C THR E 170 -40.09 -1.18 -46.81
N GLU E 171 -39.49 -1.37 -45.62
CA GLU E 171 -39.63 -2.66 -44.94
C GLU E 171 -40.88 -2.70 -44.07
N TYR E 172 -41.57 -1.57 -43.91
CA TYR E 172 -42.84 -1.54 -43.18
C TYR E 172 -44.04 -1.61 -44.13
N THR E 173 -43.87 -2.28 -45.25
CA THR E 173 -44.93 -2.58 -46.21
C THR E 173 -44.92 -4.07 -46.51
N PRO E 174 -46.05 -4.65 -46.90
CA PRO E 174 -46.09 -6.09 -47.16
C PRO E 174 -45.14 -6.48 -48.28
N ARG E 175 -44.60 -7.70 -48.18
CA ARG E 175 -43.62 -8.17 -49.16
C ARG E 175 -44.33 -8.67 -50.42
N SER E 176 -45.26 -7.88 -50.93
CA SER E 176 -45.91 -8.15 -52.21
C SER E 176 -46.14 -6.89 -53.01
N TRP E 177 -45.67 -5.74 -52.54
CA TRP E 177 -45.91 -4.43 -53.16
C TRP E 177 -44.65 -3.86 -53.78
N ASN E 178 -43.86 -4.68 -54.47
CA ASN E 178 -42.57 -4.22 -54.98
C ASN E 178 -42.73 -3.35 -56.21
N PHE E 179 -43.54 -2.31 -56.09
CA PHE E 179 -43.68 -1.24 -57.07
C PHE E 179 -43.50 0.14 -56.45
N LEU E 180 -43.98 0.32 -55.21
CA LEU E 180 -43.77 1.56 -54.49
C LEU E 180 -42.34 1.64 -53.94
N HIS E 181 -41.74 0.49 -53.62
CA HIS E 181 -40.38 0.47 -53.09
C HIS E 181 -39.40 1.06 -54.09
N THR E 182 -39.56 0.73 -55.37
CA THR E 182 -38.69 1.31 -56.40
C THR E 182 -38.84 2.81 -56.47
N LEU E 183 -40.08 3.30 -56.38
CA LEU E 183 -40.32 4.74 -56.43
C LEU E 183 -39.63 5.46 -55.28
N SER E 184 -39.70 4.90 -54.07
CA SER E 184 -39.02 5.50 -52.93
C SER E 184 -37.51 5.49 -53.14
N TRP E 185 -36.97 4.40 -53.67
CA TRP E 185 -35.54 4.33 -53.96
C TRP E 185 -35.14 5.33 -55.03
N VAL E 186 -35.99 5.52 -56.04
CA VAL E 186 -35.68 6.46 -57.13
C VAL E 186 -35.60 7.88 -56.59
N LEU E 187 -36.54 8.24 -55.71
CA LEU E 187 -36.54 9.60 -55.15
C LEU E 187 -35.29 9.86 -54.33
N ASN E 188 -34.81 8.86 -53.59
CA ASN E 188 -33.66 9.06 -52.72
C ASN E 188 -32.41 9.41 -53.51
N LEU E 189 -32.14 8.69 -54.60
CA LEU E 189 -30.92 8.93 -55.37
C LEU E 189 -30.94 10.32 -56.01
N PHE E 190 -32.08 10.73 -56.56
CA PHE E 190 -32.15 12.05 -57.19
C PHE E 190 -31.96 13.16 -56.17
N GLY E 191 -32.54 13.02 -54.98
CA GLY E 191 -32.33 14.01 -53.94
C GLY E 191 -30.88 14.07 -53.49
N ILE E 192 -30.24 12.92 -53.31
CA ILE E 192 -28.84 12.88 -52.92
C ILE E 192 -27.96 13.45 -54.03
N PHE E 193 -28.24 13.08 -55.27
CA PHE E 193 -27.37 13.47 -56.38
C PHE E 193 -27.37 14.99 -56.57
N PHE E 194 -28.51 15.64 -56.32
CA PHE E 194 -28.58 17.09 -56.48
C PHE E 194 -27.82 17.81 -55.38
N ILE E 195 -27.72 17.22 -54.18
CA ILE E 195 -26.92 17.81 -53.12
C ILE E 195 -25.46 17.93 -53.56
N LEU E 196 -24.94 16.86 -54.16
CA LEU E 196 -23.57 16.91 -54.67
C LEU E 196 -23.48 17.82 -55.89
N ALA E 197 -24.58 17.99 -56.63
CA ALA E 197 -24.59 18.85 -57.81
C ALA E 197 -24.81 20.31 -57.48
N ALA E 198 -25.12 20.64 -56.23
CA ALA E 198 -25.34 22.02 -55.82
C ALA E 198 -24.07 22.67 -55.27
N HIS E 199 -22.95 21.96 -55.27
CA HIS E 199 -21.68 22.49 -54.78
C HIS E 199 -21.78 22.98 -53.34
N GLU E 200 -22.56 22.25 -52.54
CA GLU E 200 -22.74 22.59 -51.13
C GLU E 200 -22.05 21.61 -50.19
N HIS E 201 -21.88 20.36 -50.63
CA HIS E 201 -21.20 19.33 -49.80
C HIS E 201 -20.24 18.55 -50.67
N TYR E 202 -19.07 18.18 -50.16
CA TYR E 202 -18.07 17.46 -50.92
C TYR E 202 -18.56 16.05 -51.26
N SER E 203 -17.82 15.38 -52.14
CA SER E 203 -18.17 14.01 -52.49
C SER E 203 -18.06 13.08 -51.29
N ILE E 204 -17.03 13.26 -50.46
CA ILE E 204 -16.87 12.44 -49.26
C ILE E 204 -17.84 12.82 -48.16
N ASP E 205 -18.47 13.99 -48.25
CA ASP E 205 -19.45 14.40 -47.24
C ASP E 205 -20.65 13.47 -47.22
N VAL E 206 -21.10 13.05 -48.40
CA VAL E 206 -22.35 12.31 -48.51
C VAL E 206 -22.14 10.80 -48.35
N PHE E 207 -21.04 10.27 -48.88
CA PHE E 207 -20.81 8.84 -48.81
C PHE E 207 -20.67 8.36 -47.36
N ILE E 208 -19.98 9.13 -46.53
CA ILE E 208 -19.90 8.79 -45.11
C ILE E 208 -21.25 8.98 -44.43
N ALA E 209 -22.10 9.86 -44.97
CA ALA E 209 -23.44 10.03 -44.40
C ALA E 209 -24.37 8.89 -44.80
N PHE E 210 -24.24 8.39 -46.03
CA PHE E 210 -25.09 7.29 -46.48
C PHE E 210 -24.76 6.01 -45.73
N TYR E 211 -23.47 5.76 -45.48
CA TYR E 211 -23.08 4.51 -44.84
C TYR E 211 -23.51 4.47 -43.38
N ILE E 212 -23.36 5.59 -42.65
CA ILE E 212 -23.65 5.59 -41.23
C ILE E 212 -25.13 5.34 -40.96
N THR E 213 -26.00 6.00 -41.72
CA THR E 213 -27.44 5.80 -41.53
C THR E 213 -27.85 4.38 -41.88
N THR E 214 -27.30 3.83 -42.97
CA THR E 214 -27.66 2.48 -43.38
C THR E 214 -27.18 1.44 -42.37
N ARG E 215 -25.93 1.56 -41.93
CA ARG E 215 -25.39 0.58 -40.99
C ARG E 215 -26.12 0.63 -39.65
N LEU E 216 -26.39 1.84 -39.15
CA LEU E 216 -27.08 1.95 -37.86
C LEU E 216 -28.53 1.48 -37.98
N PHE E 217 -29.14 1.62 -39.16
CA PHE E 217 -30.50 1.14 -39.35
C PHE E 217 -30.57 -0.38 -39.26
N LEU E 218 -29.68 -1.06 -39.99
CA LEU E 218 -29.71 -2.52 -40.01
C LEU E 218 -29.26 -3.12 -38.69
N TYR E 219 -28.30 -2.48 -38.02
CA TYR E 219 -27.83 -3.00 -36.73
C TYR E 219 -28.91 -2.91 -35.66
N TYR E 220 -29.78 -1.90 -35.76
CA TYR E 220 -30.86 -1.77 -34.78
C TYR E 220 -31.91 -2.84 -34.97
N HIS E 221 -32.31 -3.10 -36.21
CA HIS E 221 -33.38 -4.07 -36.47
C HIS E 221 -32.93 -5.49 -36.16
N THR E 222 -31.67 -5.82 -36.46
CA THR E 222 -31.17 -7.16 -36.18
C THR E 222 -31.18 -7.44 -34.68
N LEU E 223 -30.76 -6.47 -33.87
CA LEU E 223 -30.77 -6.64 -32.43
C LEU E 223 -32.19 -6.68 -31.88
N ALA E 224 -33.11 -5.95 -32.52
CA ALA E 224 -34.50 -5.96 -32.06
C ALA E 224 -35.17 -7.30 -32.36
N ASN E 225 -34.85 -7.90 -33.50
CA ASN E 225 -35.44 -9.20 -33.83
C ASN E 225 -34.79 -10.32 -33.01
N THR E 226 -33.47 -10.28 -32.86
CA THR E 226 -32.77 -11.30 -32.10
C THR E 226 -33.08 -11.24 -30.61
N ARG E 227 -33.55 -10.10 -30.12
CA ARG E 227 -33.91 -9.91 -28.70
C ARG E 227 -32.71 -10.18 -27.80
N ALA E 228 -31.66 -9.38 -28.00
CA ALA E 228 -30.43 -9.50 -27.22
C ALA E 228 -30.42 -8.59 -26.00
N TYR E 229 -31.50 -7.85 -25.74
CA TYR E 229 -31.51 -6.93 -24.61
C TYR E 229 -31.62 -7.67 -23.28
N GLN E 230 -32.21 -8.87 -23.27
CA GLN E 230 -32.35 -9.65 -22.04
C GLN E 230 -31.97 -11.11 -22.21
N GLN E 231 -31.67 -11.57 -23.43
CA GLN E 231 -31.32 -12.97 -23.63
C GLN E 231 -30.01 -13.31 -22.92
N SER E 232 -29.00 -12.46 -23.06
CA SER E 232 -27.69 -12.68 -22.44
C SER E 232 -26.95 -11.36 -22.45
N ARG E 233 -25.86 -11.30 -21.68
CA ARG E 233 -24.99 -10.12 -21.66
C ARG E 233 -23.99 -10.19 -22.81
N ARG E 234 -24.53 -10.08 -24.03
CA ARG E 234 -23.76 -10.34 -25.23
C ARG E 234 -22.69 -9.27 -25.48
N ALA E 235 -23.12 -8.03 -25.71
CA ALA E 235 -22.18 -6.98 -26.07
C ALA E 235 -22.47 -5.62 -25.45
N ARG E 236 -23.51 -5.50 -24.59
CA ARG E 236 -23.90 -4.22 -24.00
C ARG E 236 -24.15 -3.18 -25.09
N ILE E 237 -25.24 -3.44 -25.83
CA ILE E 237 -25.64 -2.59 -26.95
C ILE E 237 -25.54 -1.13 -26.57
N TRP E 238 -24.87 -0.34 -27.42
CA TRP E 238 -24.50 1.02 -27.09
C TRP E 238 -25.51 2.06 -27.56
N PHE E 239 -26.63 1.64 -28.13
CA PHE E 239 -27.65 2.59 -28.53
C PHE E 239 -28.23 3.30 -27.31
N PRO E 240 -28.42 4.61 -27.38
CA PRO E 240 -29.03 5.33 -26.24
C PRO E 240 -30.46 4.88 -25.99
N MET E 241 -30.77 4.64 -24.72
CA MET E 241 -32.08 4.18 -24.25
C MET E 241 -32.72 3.18 -25.21
N PHE E 242 -31.92 2.16 -25.56
CA PHE E 242 -32.41 1.11 -26.45
C PHE E 242 -33.27 0.10 -25.70
N SER E 243 -32.71 -0.51 -24.65
CA SER E 243 -33.45 -1.50 -23.88
C SER E 243 -34.67 -0.92 -23.19
N PHE E 244 -34.66 0.38 -22.88
CA PHE E 244 -35.81 0.99 -22.23
C PHE E 244 -37.03 1.02 -23.14
N PHE E 245 -36.81 1.08 -24.46
CA PHE E 245 -37.92 1.13 -25.41
C PHE E 245 -38.35 -0.24 -25.90
N GLU E 246 -37.46 -1.22 -25.92
CA GLU E 246 -37.76 -2.54 -26.45
C GLU E 246 -37.95 -3.59 -25.38
N CYS E 247 -37.92 -3.22 -24.09
CA CYS E 247 -38.11 -4.19 -23.03
C CYS E 247 -39.53 -4.75 -23.03
N ASN E 248 -40.52 -3.91 -23.29
CA ASN E 248 -41.92 -4.34 -23.25
C ASN E 248 -42.40 -4.91 -24.58
N VAL E 249 -41.55 -4.95 -25.60
CA VAL E 249 -41.90 -5.53 -26.89
C VAL E 249 -41.11 -6.82 -27.04
N ASN E 250 -41.83 -7.92 -27.33
CA ASN E 250 -41.22 -9.24 -27.45
C ASN E 250 -41.40 -9.73 -28.88
N GLY E 251 -40.30 -10.20 -29.48
CA GLY E 251 -40.34 -10.73 -30.82
C GLY E 251 -40.35 -9.63 -31.88
N THR E 252 -40.62 -10.04 -33.11
CA THR E 252 -40.70 -9.14 -34.25
C THR E 252 -42.13 -8.66 -34.44
N VAL E 253 -42.27 -7.43 -34.90
CA VAL E 253 -43.58 -6.82 -35.08
C VAL E 253 -44.17 -7.30 -36.41
N PRO E 254 -45.44 -7.70 -36.45
CA PRO E 254 -46.09 -7.98 -37.73
C PRO E 254 -46.50 -6.69 -38.43
N ASN E 255 -47.11 -6.86 -39.60
CA ASN E 255 -47.46 -5.74 -40.47
C ASN E 255 -48.94 -5.78 -40.86
N GLU E 256 -49.81 -6.03 -39.89
CA GLU E 256 -51.25 -6.01 -40.14
C GLU E 256 -51.78 -4.59 -40.15
N TYR E 257 -52.76 -4.34 -40.99
CA TYR E 257 -53.39 -3.03 -41.12
C TYR E 257 -54.84 -3.09 -40.68
N CYS E 258 -55.33 -1.97 -40.15
CA CYS E 258 -56.71 -1.83 -39.72
C CYS E 258 -57.12 -0.36 -39.92
N TRP E 259 -58.23 0.03 -39.31
CA TRP E 259 -58.71 1.39 -39.40
C TRP E 259 -58.85 1.96 -38.00
N PRO E 260 -58.26 3.12 -37.71
CA PRO E 260 -58.24 3.63 -36.33
C PRO E 260 -59.56 4.23 -35.89
N PHE E 261 -60.25 4.92 -36.79
CA PHE E 261 -61.47 5.63 -36.43
C PHE E 261 -62.63 4.67 -36.21
N SER E 262 -63.58 5.09 -35.40
CA SER E 262 -64.77 4.30 -35.09
C SER E 262 -65.97 4.70 -35.94
N LYS E 263 -65.75 5.48 -37.00
CA LYS E 263 -66.82 5.96 -37.87
C LYS E 263 -66.45 5.60 -39.31
N PRO E 264 -66.70 4.35 -39.73
CA PRO E 264 -66.39 3.89 -41.10
C PRO E 264 -67.16 4.66 -42.16
N ARG F 1 -10.65 -31.73 -42.14
CA ARG F 1 -9.29 -31.44 -41.69
C ARG F 1 -8.66 -30.34 -42.53
N LEU F 2 -7.83 -29.52 -41.89
CA LEU F 2 -7.19 -28.41 -42.59
C LEU F 2 -5.98 -28.91 -43.37
N ASP F 3 -5.99 -28.73 -44.69
CA ASP F 3 -4.89 -29.14 -45.54
C ASP F 3 -4.11 -27.91 -46.00
N PRO F 4 -2.88 -27.72 -45.52
CA PRO F 4 -2.10 -26.54 -45.95
C PRO F 4 -1.73 -26.63 -47.43
N GLU F 5 -2.13 -25.62 -48.19
CA GLU F 5 -1.85 -25.54 -49.62
C GLU F 5 -0.82 -24.44 -49.84
N TYR F 6 0.33 -24.81 -50.40
CA TYR F 6 1.41 -23.86 -50.64
C TYR F 6 1.32 -23.21 -52.02
N TRP F 7 0.35 -23.59 -52.85
CA TRP F 7 0.24 -23.03 -54.19
C TRP F 7 -0.65 -21.80 -54.22
N LYS F 8 -1.73 -21.79 -53.44
CA LYS F 8 -2.60 -20.62 -53.39
C LYS F 8 -1.91 -19.43 -52.74
N THR F 9 -0.96 -19.68 -51.84
CA THR F 9 -0.28 -18.58 -51.16
C THR F 9 0.53 -17.73 -52.14
N ILE F 10 1.19 -18.38 -53.09
CA ILE F 10 2.02 -17.65 -54.06
C ILE F 10 1.14 -16.72 -54.91
N LEU F 11 0.01 -17.23 -55.38
CA LEU F 11 -0.89 -16.41 -56.17
C LEU F 11 -1.47 -15.27 -55.34
N SER F 12 -1.79 -15.53 -54.09
CA SER F 12 -2.34 -14.48 -53.23
C SER F 12 -1.26 -13.47 -52.85
N CYS F 13 0.00 -13.91 -52.76
CA CYS F 13 1.07 -13.02 -52.33
C CYS F 13 1.29 -11.88 -53.34
N ILE F 14 1.23 -12.21 -54.64
CA ILE F 14 1.49 -11.18 -55.64
C ILE F 14 0.30 -10.25 -55.81
N TYR F 15 -0.84 -10.56 -55.19
CA TYR F 15 -2.01 -9.70 -55.32
C TYR F 15 -1.75 -8.31 -54.71
N VAL F 16 -1.11 -8.26 -53.55
CA VAL F 16 -0.88 -6.98 -52.88
C VAL F 16 0.16 -6.15 -53.64
N PHE F 17 1.16 -6.82 -54.22
CA PHE F 17 2.25 -6.09 -54.88
C PHE F 17 1.74 -5.31 -56.09
N ILE F 18 0.85 -5.91 -56.88
CA ILE F 18 0.28 -5.18 -58.01
C ILE F 18 -0.64 -4.07 -57.53
N VAL F 19 -1.30 -4.27 -56.39
CA VAL F 19 -2.12 -3.21 -55.81
C VAL F 19 -1.25 -2.12 -55.20
N PHE F 20 -0.16 -2.51 -54.54
CA PHE F 20 0.72 -1.54 -53.90
C PHE F 20 1.31 -0.58 -54.92
N GLY F 21 1.74 -1.10 -56.08
CA GLY F 21 2.19 -0.21 -57.15
C GLY F 21 1.06 0.63 -57.70
N PHE F 22 -0.14 0.05 -57.81
CA PHE F 22 -1.30 0.81 -58.27
C PHE F 22 -1.64 1.93 -57.28
N THR F 23 -1.58 1.64 -55.98
CA THR F 23 -1.84 2.66 -54.98
C THR F 23 -0.79 3.76 -55.04
N SER F 24 0.49 3.38 -55.22
CA SER F 24 1.53 4.39 -55.38
C SER F 24 1.35 5.19 -56.66
N PHE F 25 0.93 4.52 -57.74
CA PHE F 25 0.80 5.20 -59.03
C PHE F 25 -0.33 6.23 -59.00
N ILE F 26 -1.41 5.95 -58.28
CA ILE F 26 -2.52 6.90 -58.24
C ILE F 26 -2.14 8.16 -57.45
N MET F 27 -1.08 8.09 -56.63
CA MET F 27 -0.71 9.22 -55.80
C MET F 27 -0.22 10.39 -56.64
N VAL F 28 0.59 10.13 -57.66
CA VAL F 28 1.10 11.22 -58.49
C VAL F 28 -0.03 11.83 -59.32
N ILE F 29 -0.98 11.01 -59.77
CA ILE F 29 -2.07 11.52 -60.60
C ILE F 29 -2.90 12.52 -59.83
N VAL F 30 -3.26 12.19 -58.59
CA VAL F 30 -4.02 13.13 -57.77
C VAL F 30 -3.14 14.31 -57.36
N HIS F 31 -1.83 14.06 -57.23
CA HIS F 31 -0.91 15.14 -56.88
C HIS F 31 -0.78 16.16 -58.02
N GLU F 32 -0.92 15.71 -59.27
CA GLU F 32 -0.82 16.62 -60.39
C GLU F 32 -2.06 17.49 -60.56
N ARG F 33 -3.18 17.10 -59.96
CA ARG F 33 -4.41 17.88 -60.10
C ARG F 33 -4.27 19.26 -59.48
N VAL F 34 -3.66 19.33 -58.31
CA VAL F 34 -3.42 20.59 -57.60
C VAL F 34 -1.92 20.85 -57.57
N PRO F 35 -1.45 22.00 -58.07
CA PRO F 35 0.00 22.23 -58.15
C PRO F 35 0.68 22.41 -56.80
N ASP F 36 0.19 23.35 -55.98
CA ASP F 36 0.93 23.72 -54.77
C ASP F 36 0.60 22.80 -53.59
N MET F 37 -0.65 22.84 -53.13
CA MET F 37 -1.09 22.10 -51.94
C MET F 37 -0.20 22.35 -50.72
N GLN F 38 0.57 23.44 -50.72
CA GLN F 38 1.49 23.72 -49.62
C GLN F 38 1.52 25.20 -49.23
N THR F 39 0.45 25.93 -49.48
CA THR F 39 0.42 27.37 -49.21
C THR F 39 -0.76 27.81 -48.35
N TYR F 40 -1.92 27.17 -48.47
CA TYR F 40 -3.10 27.60 -47.75
C TYR F 40 -2.96 27.33 -46.26
N PRO F 41 -3.62 28.12 -45.43
CA PRO F 41 -3.66 27.82 -43.99
C PRO F 41 -4.47 26.57 -43.71
N PRO F 42 -4.14 25.84 -42.64
CA PRO F 42 -4.85 24.59 -42.36
C PRO F 42 -6.28 24.82 -41.90
N LEU F 43 -7.11 23.80 -42.09
CA LEU F 43 -8.49 23.83 -41.62
C LEU F 43 -8.52 23.76 -40.09
N PRO F 44 -9.56 24.31 -39.46
CA PRO F 44 -9.65 24.25 -38.00
C PRO F 44 -9.76 22.83 -37.47
N ASP F 45 -8.97 22.52 -36.45
CA ASP F 45 -8.96 21.21 -35.84
C ASP F 45 -9.01 21.35 -34.32
N ILE F 46 -9.11 20.22 -33.63
CA ILE F 46 -9.18 20.21 -32.17
C ILE F 46 -7.87 19.70 -31.60
N PHE F 47 -7.14 18.88 -32.38
CA PHE F 47 -5.88 18.32 -31.92
C PHE F 47 -4.68 18.96 -32.58
N LEU F 48 -4.76 19.31 -33.86
CA LEU F 48 -3.67 19.99 -34.53
C LEU F 48 -3.54 21.45 -34.12
N ASP F 49 -4.50 21.98 -33.37
CA ASP F 49 -4.45 23.37 -32.92
C ASP F 49 -3.99 23.51 -31.47
N SER F 50 -4.04 22.44 -30.67
CA SER F 50 -3.65 22.53 -29.27
C SER F 50 -2.16 22.22 -29.10
N VAL F 51 -1.74 21.02 -29.48
CA VAL F 51 -0.35 20.61 -29.29
C VAL F 51 0.51 21.20 -30.40
N PRO F 52 1.74 21.59 -30.13
CA PRO F 52 2.63 22.08 -31.19
C PRO F 52 3.24 20.92 -31.97
N ARG F 53 3.95 21.28 -33.04
CA ARG F 53 4.61 20.28 -33.86
C ARG F 53 5.76 19.63 -33.08
N ILE F 54 5.91 18.32 -33.28
CA ILE F 54 7.04 17.58 -32.71
C ILE F 54 7.83 16.99 -33.87
N PRO F 55 9.02 17.51 -34.17
CA PRO F 55 9.74 17.05 -35.37
C PRO F 55 10.06 15.56 -35.38
N TRP F 56 10.32 14.96 -34.23
CA TRP F 56 10.70 13.55 -34.15
C TRP F 56 9.52 12.62 -33.92
N ALA F 57 8.29 13.15 -33.91
CA ALA F 57 7.13 12.31 -33.65
C ALA F 57 6.70 11.47 -34.85
N PHE F 58 7.13 11.82 -36.06
CA PHE F 58 6.77 11.02 -37.22
C PHE F 58 7.61 9.76 -37.35
N ALA F 59 8.86 9.79 -36.90
CA ALA F 59 9.69 8.60 -36.98
C ALA F 59 9.28 7.54 -35.96
N MET F 60 8.81 7.97 -34.77
CA MET F 60 8.41 7.03 -33.73
C MET F 60 7.25 6.14 -34.16
N THR F 61 6.42 6.59 -35.11
CA THR F 61 5.34 5.75 -35.60
C THR F 61 5.89 4.52 -36.32
N GLU F 62 6.84 4.73 -37.23
CA GLU F 62 7.42 3.62 -37.97
C GLU F 62 8.40 2.81 -37.14
N VAL F 63 8.95 3.37 -36.07
CA VAL F 63 9.74 2.56 -35.13
C VAL F 63 8.84 1.50 -34.50
N CYS F 64 7.63 1.89 -34.11
CA CYS F 64 6.67 0.91 -33.59
C CYS F 64 6.20 -0.04 -34.69
N GLY F 65 6.30 0.37 -35.95
CA GLY F 65 5.91 -0.51 -37.04
C GLY F 65 6.82 -1.71 -37.16
N MET F 66 8.12 -1.52 -36.92
CA MET F 66 9.06 -2.64 -36.99
C MET F 66 8.78 -3.69 -35.92
N ILE F 67 8.48 -3.26 -34.70
CA ILE F 67 8.24 -4.19 -33.62
C ILE F 67 7.03 -5.06 -33.91
N LEU F 68 5.95 -4.44 -34.40
CA LEU F 68 4.75 -5.20 -34.72
C LEU F 68 5.01 -6.20 -35.86
N CYS F 69 5.79 -5.79 -36.86
CA CYS F 69 6.12 -6.69 -37.96
C CYS F 69 7.10 -7.76 -37.52
N TYR F 70 8.05 -7.41 -36.66
CA TYR F 70 9.02 -8.39 -36.19
C TYR F 70 8.35 -9.49 -35.37
N ILE F 71 7.42 -9.12 -34.48
CA ILE F 71 6.67 -10.10 -33.72
C ILE F 71 5.81 -10.95 -34.65
N TRP F 72 5.15 -10.31 -35.63
CA TRP F 72 4.31 -11.04 -36.56
C TRP F 72 5.11 -12.01 -37.42
N LEU F 73 6.33 -11.63 -37.80
CA LEU F 73 7.18 -12.56 -38.55
C LEU F 73 7.54 -13.78 -37.71
N LEU F 74 7.79 -13.57 -36.42
CA LEU F 74 8.05 -14.70 -35.53
C LEU F 74 6.85 -15.64 -35.45
N VAL F 75 5.63 -15.07 -35.37
CA VAL F 75 4.43 -15.89 -35.34
C VAL F 75 4.28 -16.66 -36.64
N LEU F 76 4.55 -16.02 -37.76
CA LEU F 76 4.41 -16.66 -39.06
C LEU F 76 5.40 -17.80 -39.28
N LEU F 77 6.44 -17.90 -38.46
CA LEU F 77 7.42 -18.98 -38.60
C LEU F 77 7.13 -20.14 -37.65
N LEU F 78 6.79 -19.84 -36.39
CA LEU F 78 6.51 -20.86 -35.39
C LEU F 78 5.08 -21.38 -35.44
N HIS F 79 4.36 -21.11 -36.54
CA HIS F 79 2.99 -21.57 -36.70
C HIS F 79 2.97 -22.83 -37.54
N LYS F 80 1.91 -23.62 -37.40
CA LYS F 80 1.81 -24.85 -38.17
C LYS F 80 1.07 -24.64 -39.49
N HIS F 81 0.03 -23.81 -39.48
CA HIS F 81 -0.68 -23.45 -40.71
C HIS F 81 -0.19 -22.09 -41.21
N ARG F 82 1.08 -22.07 -41.61
CA ARG F 82 1.68 -20.84 -42.12
C ARG F 82 1.12 -20.45 -43.48
N SER F 83 0.66 -21.42 -44.28
CA SER F 83 0.08 -21.08 -45.58
C SER F 83 -1.26 -20.39 -45.42
N ILE F 84 -2.04 -20.77 -44.40
CA ILE F 84 -3.35 -20.19 -44.20
C ILE F 84 -3.23 -18.75 -43.73
N LEU F 85 -2.31 -18.49 -42.78
CA LEU F 85 -2.19 -17.15 -42.21
C LEU F 85 -1.76 -16.13 -43.25
N LEU F 86 -0.79 -16.48 -44.09
CA LEU F 86 -0.25 -15.52 -45.04
C LEU F 86 -1.25 -15.18 -46.14
N ARG F 87 -2.12 -16.13 -46.50
CA ARG F 87 -3.10 -15.86 -47.54
C ARG F 87 -4.11 -14.81 -47.09
N ARG F 88 -4.52 -14.86 -45.81
CA ARG F 88 -5.46 -13.86 -45.32
C ARG F 88 -4.81 -12.50 -45.17
N LEU F 89 -3.51 -12.46 -44.87
CA LEU F 89 -2.79 -11.18 -44.81
C LEU F 89 -2.83 -10.48 -46.16
N CYS F 90 -2.62 -11.23 -47.24
CA CYS F 90 -2.62 -10.62 -48.57
C CYS F 90 -4.04 -10.36 -49.05
N SER F 91 -5.02 -11.14 -48.57
CA SER F 91 -6.39 -10.96 -49.02
C SER F 91 -7.04 -9.74 -48.37
N LEU F 92 -6.69 -9.44 -47.11
CA LEU F 92 -7.27 -8.29 -46.43
C LEU F 92 -6.54 -7.00 -46.74
N MET F 93 -5.20 -7.02 -46.74
CA MET F 93 -4.45 -5.80 -47.03
C MET F 93 -4.69 -5.31 -48.45
N GLY F 94 -4.94 -6.23 -49.39
CA GLY F 94 -5.24 -5.81 -50.74
C GLY F 94 -6.58 -5.10 -50.86
N THR F 95 -7.58 -5.56 -50.10
CA THR F 95 -8.91 -4.95 -50.19
C THR F 95 -8.94 -3.57 -49.55
N VAL F 96 -8.33 -3.43 -48.37
CA VAL F 96 -8.35 -2.14 -47.68
C VAL F 96 -7.59 -1.09 -48.47
N PHE F 97 -6.42 -1.45 -48.99
CA PHE F 97 -5.65 -0.50 -49.80
C PHE F 97 -6.34 -0.20 -51.12
N LEU F 98 -7.16 -1.14 -51.62
CA LEU F 98 -7.93 -0.87 -52.82
C LEU F 98 -8.96 0.24 -52.57
N LEU F 99 -9.61 0.21 -51.41
CA LEU F 99 -10.50 1.31 -51.03
C LEU F 99 -9.71 2.60 -50.82
N ARG F 100 -8.47 2.48 -50.32
CA ARG F 100 -7.65 3.65 -50.09
C ARG F 100 -7.33 4.37 -51.40
N CYS F 101 -7.10 3.61 -52.47
CA CYS F 101 -6.94 4.22 -53.79
C CYS F 101 -8.23 4.90 -54.24
N PHE F 102 -9.38 4.28 -53.95
CA PHE F 102 -10.65 4.82 -54.39
C PHE F 102 -10.98 6.13 -53.70
N THR F 103 -10.69 6.22 -52.39
CA THR F 103 -11.12 7.39 -51.63
C THR F 103 -10.32 8.63 -52.00
N MET F 104 -9.08 8.47 -52.49
CA MET F 104 -8.32 9.63 -52.93
C MET F 104 -8.83 10.18 -54.26
N PHE F 105 -9.19 9.30 -55.18
CA PHE F 105 -9.62 9.74 -56.51
C PHE F 105 -10.93 10.52 -56.45
N VAL F 106 -11.87 10.08 -55.60
CA VAL F 106 -13.14 10.78 -55.49
C VAL F 106 -12.95 12.13 -54.80
N THR F 107 -12.08 12.20 -53.79
CA THR F 107 -11.85 13.44 -53.06
C THR F 107 -10.44 13.42 -52.49
N SER F 108 -9.74 14.55 -52.61
CA SER F 108 -8.37 14.68 -52.14
C SER F 108 -8.33 15.66 -50.98
N LEU F 109 -7.77 15.22 -49.86
CA LEU F 109 -7.62 16.06 -48.67
C LEU F 109 -6.25 15.78 -48.05
N SER F 110 -5.56 16.84 -47.66
CA SER F 110 -4.24 16.74 -47.06
C SER F 110 -4.06 17.87 -46.04
N VAL F 111 -2.88 17.92 -45.44
CA VAL F 111 -2.55 18.93 -44.44
C VAL F 111 -1.81 20.06 -45.15
N PRO F 112 -2.36 21.27 -45.20
CA PRO F 112 -1.76 22.34 -46.01
C PRO F 112 -0.57 23.03 -45.38
N GLY F 113 0.63 22.51 -45.58
CA GLY F 113 1.82 23.22 -45.15
C GLY F 113 2.97 22.38 -44.66
N GLN F 114 2.70 21.13 -44.28
CA GLN F 114 3.77 20.25 -43.87
C GLN F 114 4.47 19.67 -45.10
N HIS F 115 5.79 19.52 -44.99
CA HIS F 115 6.62 18.96 -46.06
C HIS F 115 6.45 19.74 -47.37
N LEU F 116 6.53 21.06 -47.27
CA LEU F 116 6.34 21.94 -48.42
C LEU F 116 7.53 21.99 -49.38
N GLN F 117 8.67 21.41 -49.01
CA GLN F 117 9.94 21.69 -49.67
C GLN F 117 10.33 20.64 -50.72
N CYS F 118 9.48 19.66 -51.00
CA CYS F 118 9.87 18.57 -51.89
C CYS F 118 10.05 19.06 -53.32
N THR F 119 11.16 18.67 -53.94
CA THR F 119 11.50 19.10 -55.30
C THR F 119 10.82 18.20 -56.32
N GLY F 120 11.18 18.36 -57.58
CA GLY F 120 10.62 17.56 -58.67
C GLY F 120 9.34 18.17 -59.22
N LYS F 121 8.20 17.53 -58.94
CA LYS F 121 6.87 17.96 -59.34
C LYS F 121 6.72 18.07 -60.86
N ILE F 122 5.49 18.36 -61.31
CA ILE F 122 5.10 18.47 -62.72
C ILE F 122 5.80 17.44 -63.60
N TYR F 123 5.57 16.16 -63.31
CA TYR F 123 6.08 15.07 -64.15
C TYR F 123 5.05 14.74 -65.23
N GLY F 124 4.90 15.66 -66.18
CA GLY F 124 3.87 15.44 -67.18
C GLY F 124 4.35 14.63 -68.38
N SER F 125 4.19 13.31 -68.28
CA SER F 125 4.30 12.36 -69.38
C SER F 125 4.03 10.98 -68.78
N VAL F 126 4.09 9.93 -69.60
CA VAL F 126 3.87 8.58 -69.09
C VAL F 126 5.13 7.93 -68.56
N TRP F 127 6.30 8.35 -69.01
CA TRP F 127 7.53 7.58 -68.82
C TRP F 127 8.36 7.99 -67.61
N GLU F 128 7.93 8.97 -66.82
CA GLU F 128 8.57 9.19 -65.53
C GLU F 128 7.60 9.16 -64.35
N LYS F 129 6.29 9.20 -64.62
CA LYS F 129 5.33 8.97 -63.54
C LYS F 129 5.51 7.57 -62.95
N LEU F 130 5.73 6.58 -63.80
CA LEU F 130 6.07 5.24 -63.30
C LEU F 130 7.39 5.25 -62.57
N HIS F 131 8.36 6.04 -63.05
CA HIS F 131 9.64 6.15 -62.36
C HIS F 131 9.48 6.69 -60.95
N ARG F 132 8.68 7.75 -60.80
CA ARG F 132 8.37 8.26 -59.46
C ARG F 132 7.56 7.25 -58.66
N ALA F 133 6.61 6.56 -59.32
CA ALA F 133 5.86 5.52 -58.64
C ALA F 133 6.76 4.37 -58.21
N PHE F 134 7.73 4.00 -59.06
CA PHE F 134 8.65 2.93 -58.70
C PHE F 134 9.51 3.30 -57.50
N ALA F 135 9.87 4.58 -57.39
CA ALA F 135 10.65 5.02 -56.24
C ALA F 135 9.89 4.82 -54.94
N ILE F 136 8.62 5.20 -54.92
CA ILE F 136 7.79 4.99 -53.73
C ILE F 136 7.50 3.51 -53.54
N TRP F 137 7.26 2.78 -54.64
CA TRP F 137 7.00 1.35 -54.55
C TRP F 137 8.18 0.60 -53.97
N SER F 138 9.40 0.95 -54.39
CA SER F 138 10.61 0.32 -53.91
C SER F 138 11.11 0.91 -52.60
N GLY F 139 10.44 1.94 -52.08
CA GLY F 139 10.84 2.54 -50.83
C GLY F 139 9.82 2.33 -49.72
N PHE F 140 8.69 1.75 -50.08
CA PHE F 140 7.62 1.38 -49.15
C PHE F 140 7.00 2.58 -48.44
N GLY F 141 7.20 3.79 -48.96
CA GLY F 141 6.63 4.97 -48.36
C GLY F 141 7.20 5.36 -47.01
N MET F 142 8.30 4.75 -46.59
CA MET F 142 8.89 5.05 -45.31
C MET F 142 9.60 6.40 -45.35
N THR F 143 9.93 6.92 -44.16
CA THR F 143 10.70 8.16 -44.07
C THR F 143 12.15 7.92 -43.64
N LEU F 144 12.43 6.79 -42.99
CA LEU F 144 13.83 6.46 -42.67
C LEU F 144 14.62 6.21 -43.96
N THR F 145 14.09 5.36 -44.83
CA THR F 145 14.57 5.25 -46.22
C THR F 145 13.72 6.19 -47.07
N GLY F 146 14.02 7.48 -46.95
CA GLY F 146 13.13 8.52 -47.42
C GLY F 146 12.76 8.47 -48.89
N VAL F 147 11.53 8.04 -49.17
CA VAL F 147 10.93 8.16 -50.48
C VAL F 147 9.66 9.01 -50.43
N HIS F 148 8.86 8.86 -49.38
CA HIS F 148 7.69 9.70 -49.13
C HIS F 148 8.18 11.03 -48.58
N THR F 149 8.67 11.88 -49.47
CA THR F 149 9.35 13.09 -49.04
C THR F 149 8.40 14.22 -48.66
N CYS F 150 7.28 14.36 -49.37
CA CYS F 150 6.28 15.37 -49.03
C CYS F 150 4.91 14.73 -48.88
N GLY F 151 3.88 15.57 -48.72
CA GLY F 151 2.68 15.21 -47.98
C GLY F 151 1.90 13.99 -48.49
N ASP F 152 0.97 13.56 -47.63
CA ASP F 152 0.10 12.41 -47.86
C ASP F 152 -1.35 12.86 -47.88
N TYR F 153 -2.18 12.08 -48.58
CA TYR F 153 -3.58 12.40 -48.84
C TYR F 153 -4.51 11.61 -47.93
N MET F 154 -5.81 11.69 -48.23
CA MET F 154 -6.90 11.09 -47.46
C MET F 154 -6.65 9.64 -47.07
N PHE F 155 -7.21 9.22 -45.94
CA PHE F 155 -7.20 7.83 -45.48
C PHE F 155 -5.75 7.33 -45.31
N SER F 156 -5.09 7.91 -44.31
CA SER F 156 -3.68 7.65 -44.04
C SER F 156 -3.39 6.15 -43.97
N GLY F 157 -2.33 5.74 -44.66
CA GLY F 157 -1.93 4.35 -44.68
C GLY F 157 -1.06 3.91 -43.51
N HIS F 158 -0.56 4.85 -42.71
CA HIS F 158 0.21 4.46 -41.54
C HIS F 158 -0.68 3.90 -40.44
N THR F 159 -1.99 4.16 -40.51
CA THR F 159 -2.92 3.61 -39.53
C THR F 159 -3.41 2.24 -39.94
N VAL F 160 -3.60 2.02 -41.24
CA VAL F 160 -4.08 0.73 -41.73
C VAL F 160 -3.07 -0.37 -41.42
N VAL F 161 -1.79 -0.11 -41.68
CA VAL F 161 -0.76 -1.12 -41.48
C VAL F 161 -0.58 -1.43 -40.00
N LEU F 162 -0.55 -0.40 -39.15
CA LEU F 162 -0.36 -0.63 -37.73
C LEU F 162 -1.52 -1.40 -37.12
N THR F 163 -2.76 -1.08 -37.53
CA THR F 163 -3.92 -1.74 -36.94
C THR F 163 -4.07 -3.16 -37.47
N MET F 164 -3.82 -3.37 -38.77
CA MET F 164 -3.95 -4.71 -39.33
C MET F 164 -2.95 -5.68 -38.71
N LEU F 165 -1.71 -5.24 -38.52
CA LEU F 165 -0.72 -6.08 -37.88
C LEU F 165 -0.96 -6.22 -36.38
N ASN F 166 -1.86 -5.41 -35.82
CA ASN F 166 -2.18 -5.53 -34.40
C ASN F 166 -3.23 -6.62 -34.18
N PHE F 167 -4.22 -6.71 -35.06
CA PHE F 167 -5.31 -7.67 -34.85
C PHE F 167 -4.88 -9.09 -35.19
N PHE F 168 -3.92 -9.26 -36.09
CA PHE F 168 -3.43 -10.60 -36.38
C PHE F 168 -2.58 -11.16 -35.24
N VAL F 169 -1.84 -10.28 -34.54
CA VAL F 169 -1.02 -10.74 -33.43
C VAL F 169 -1.90 -11.25 -32.30
N THR F 170 -2.97 -10.53 -31.96
CA THR F 170 -3.81 -10.93 -30.85
C THR F 170 -4.68 -12.13 -31.22
N GLU F 171 -5.22 -12.15 -32.45
CA GLU F 171 -6.16 -13.19 -32.81
C GLU F 171 -5.48 -14.55 -33.00
N TYR F 172 -4.30 -14.55 -33.61
CA TYR F 172 -3.62 -15.80 -33.97
C TYR F 172 -2.58 -16.22 -32.94
N THR F 173 -2.86 -15.94 -31.67
CA THR F 173 -2.10 -16.43 -30.53
C THR F 173 -3.08 -17.04 -29.54
N PRO F 174 -2.63 -17.99 -28.71
CA PRO F 174 -3.55 -18.66 -27.79
C PRO F 174 -4.22 -17.65 -26.86
N ARG F 175 -5.49 -17.93 -26.54
CA ARG F 175 -6.29 -16.98 -25.77
C ARG F 175 -5.97 -17.07 -24.28
N SER F 176 -4.69 -17.03 -23.95
CA SER F 176 -4.23 -16.90 -22.57
C SER F 176 -3.02 -15.99 -22.47
N TRP F 177 -2.59 -15.37 -23.56
CA TRP F 177 -1.38 -14.55 -23.62
C TRP F 177 -1.70 -13.06 -23.54
N ASN F 178 -2.71 -12.68 -22.75
CA ASN F 178 -3.15 -11.29 -22.78
C ASN F 178 -2.22 -10.37 -22.00
N PHE F 179 -0.93 -10.44 -22.33
CA PHE F 179 0.06 -9.41 -22.00
C PHE F 179 0.76 -8.90 -23.25
N LEU F 180 1.10 -9.80 -24.18
CA LEU F 180 1.50 -9.35 -25.51
C LEU F 180 0.36 -8.62 -26.20
N HIS F 181 -0.87 -9.07 -25.96
CA HIS F 181 -2.03 -8.34 -26.47
C HIS F 181 -2.11 -6.95 -25.86
N THR F 182 -1.85 -6.84 -24.55
CA THR F 182 -1.81 -5.52 -23.92
C THR F 182 -0.67 -4.68 -24.49
N LEU F 183 0.50 -5.29 -24.69
CA LEU F 183 1.62 -4.58 -25.29
C LEU F 183 1.31 -4.17 -26.72
N SER F 184 0.63 -5.06 -27.47
CA SER F 184 0.30 -4.74 -28.86
C SER F 184 -0.74 -3.64 -28.95
N TRP F 185 -1.47 -3.39 -27.85
CA TRP F 185 -2.43 -2.30 -27.85
C TRP F 185 -1.77 -0.99 -27.47
N VAL F 186 -0.87 -1.01 -26.47
CA VAL F 186 -0.12 0.19 -26.12
C VAL F 186 0.78 0.59 -27.27
N LEU F 187 1.34 -0.39 -27.99
CA LEU F 187 2.20 -0.07 -29.13
C LEU F 187 1.41 0.58 -30.26
N ASN F 188 0.12 0.25 -30.37
CA ASN F 188 -0.69 0.80 -31.44
C ASN F 188 -1.18 2.21 -31.11
N LEU F 189 -1.66 2.41 -29.88
CA LEU F 189 -2.20 3.71 -29.50
C LEU F 189 -1.13 4.80 -29.54
N PHE F 190 0.09 4.47 -29.09
CA PHE F 190 1.17 5.45 -29.15
C PHE F 190 1.51 5.80 -30.59
N GLY F 191 1.50 4.80 -31.48
CA GLY F 191 1.68 5.09 -32.89
C GLY F 191 0.58 5.96 -33.47
N ILE F 192 -0.62 5.86 -32.92
CA ILE F 192 -1.73 6.69 -33.38
C ILE F 192 -1.62 8.10 -32.83
N PHE F 193 -1.07 8.25 -31.62
CA PHE F 193 -0.92 9.59 -31.05
C PHE F 193 0.21 10.35 -31.72
N PHE F 194 1.27 9.66 -32.14
CA PHE F 194 2.42 10.35 -32.71
C PHE F 194 2.16 10.83 -34.13
N ILE F 195 1.38 10.08 -34.91
CA ILE F 195 1.07 10.52 -36.26
C ILE F 195 0.20 11.79 -36.22
N LEU F 196 -0.68 11.89 -35.23
CA LEU F 196 -1.49 13.10 -35.08
C LEU F 196 -0.66 14.26 -34.55
N ALA F 197 0.25 13.99 -33.62
CA ALA F 197 1.07 15.03 -33.02
C ALA F 197 2.12 15.59 -33.98
N ALA F 198 2.39 14.91 -35.08
CA ALA F 198 3.34 15.38 -36.07
C ALA F 198 2.69 16.29 -37.13
N HIS F 199 1.39 16.58 -36.98
CA HIS F 199 0.66 17.43 -37.92
C HIS F 199 0.75 16.89 -39.35
N GLU F 200 0.63 15.56 -39.47
CA GLU F 200 0.70 14.90 -40.76
C GLU F 200 -0.67 14.53 -41.30
N HIS F 201 -1.68 14.38 -40.46
CA HIS F 201 -3.04 13.96 -40.89
C HIS F 201 -4.06 14.51 -39.93
N TYR F 202 -5.23 14.87 -40.41
CA TYR F 202 -6.26 15.49 -39.59
C TYR F 202 -6.76 14.53 -38.52
N SER F 203 -7.56 15.07 -37.60
CA SER F 203 -8.12 14.24 -36.53
C SER F 203 -9.20 13.31 -37.04
N ILE F 204 -9.76 13.57 -38.22
CA ILE F 204 -10.75 12.66 -38.80
C ILE F 204 -10.11 11.68 -39.78
N ASP F 205 -8.89 11.96 -40.25
CA ASP F 205 -8.21 11.02 -41.12
C ASP F 205 -7.91 9.72 -40.39
N VAL F 206 -7.48 9.81 -39.13
CA VAL F 206 -7.11 8.62 -38.37
C VAL F 206 -8.35 7.81 -38.01
N PHE F 207 -9.41 8.47 -37.56
CA PHE F 207 -10.57 7.75 -37.03
C PHE F 207 -11.28 6.94 -38.11
N ILE F 208 -11.44 7.51 -39.31
CA ILE F 208 -12.08 6.77 -40.38
C ILE F 208 -11.15 5.74 -40.99
N ALA F 209 -9.88 5.71 -40.56
CA ALA F 209 -8.97 4.66 -41.00
C ALA F 209 -8.74 3.62 -39.91
N PHE F 210 -8.96 3.99 -38.65
CA PHE F 210 -8.88 3.00 -37.57
C PHE F 210 -10.16 2.17 -37.51
N TYR F 211 -11.25 2.67 -38.09
CA TYR F 211 -12.52 1.97 -38.02
C TYR F 211 -12.68 0.99 -39.17
N ILE F 212 -12.29 1.39 -40.38
CA ILE F 212 -12.50 0.53 -41.54
C ILE F 212 -11.71 -0.76 -41.41
N THR F 213 -10.44 -0.68 -41.00
CA THR F 213 -9.64 -1.88 -40.84
C THR F 213 -10.19 -2.79 -39.75
N THR F 214 -10.64 -2.19 -38.63
CA THR F 214 -11.21 -2.98 -37.55
C THR F 214 -12.50 -3.66 -38.00
N ARG F 215 -13.38 -2.93 -38.69
CA ARG F 215 -14.63 -3.52 -39.16
C ARG F 215 -14.38 -4.59 -40.21
N LEU F 216 -13.46 -4.34 -41.14
CA LEU F 216 -13.20 -5.31 -42.20
C LEU F 216 -12.46 -6.55 -41.67
N PHE F 217 -11.79 -6.42 -40.52
CA PHE F 217 -11.12 -7.58 -39.94
C PHE F 217 -12.11 -8.46 -39.17
N LEU F 218 -12.95 -7.85 -38.34
CA LEU F 218 -13.94 -8.63 -37.59
C LEU F 218 -14.94 -9.30 -38.52
N TYR F 219 -15.34 -8.61 -39.59
CA TYR F 219 -16.28 -9.19 -40.54
C TYR F 219 -15.67 -10.38 -41.26
N TYR F 220 -14.39 -10.31 -41.61
CA TYR F 220 -13.75 -11.39 -42.36
C TYR F 220 -13.65 -12.66 -41.52
N HIS F 221 -13.23 -12.53 -40.26
CA HIS F 221 -13.03 -13.72 -39.43
C HIS F 221 -14.34 -14.34 -38.98
N THR F 222 -15.33 -13.52 -38.61
CA THR F 222 -16.63 -14.05 -38.24
C THR F 222 -17.28 -14.76 -39.43
N LEU F 223 -17.14 -14.19 -40.63
CA LEU F 223 -17.68 -14.83 -41.82
C LEU F 223 -16.99 -16.16 -42.10
N ALA F 224 -15.73 -16.29 -41.66
CA ALA F 224 -14.99 -17.52 -41.93
C ALA F 224 -15.10 -18.52 -40.80
N ASN F 225 -15.01 -18.06 -39.54
CA ASN F 225 -15.03 -18.98 -38.41
C ASN F 225 -16.36 -19.71 -38.31
N THR F 226 -17.47 -19.01 -38.54
CA THR F 226 -18.77 -19.66 -38.53
C THR F 226 -19.02 -20.53 -39.77
N ARG F 227 -18.13 -20.47 -40.75
CA ARG F 227 -18.22 -21.30 -41.96
C ARG F 227 -19.53 -21.03 -42.71
N ALA F 228 -19.70 -19.77 -43.10
CA ALA F 228 -20.87 -19.32 -43.84
C ALA F 228 -20.65 -19.32 -45.35
N TYR F 229 -19.47 -19.72 -45.83
CA TYR F 229 -19.21 -19.71 -47.27
C TYR F 229 -19.92 -20.85 -47.98
N GLN F 230 -20.11 -21.98 -47.30
CA GLN F 230 -20.78 -23.13 -47.91
C GLN F 230 -21.97 -23.64 -47.11
N GLN F 231 -22.18 -23.14 -45.89
CA GLN F 231 -23.34 -23.57 -45.10
C GLN F 231 -24.64 -23.15 -45.80
N SER F 232 -24.69 -21.92 -46.28
CA SER F 232 -25.86 -21.39 -46.98
C SER F 232 -25.46 -20.11 -47.67
N ARG F 233 -26.32 -19.66 -48.60
CA ARG F 233 -26.11 -18.40 -49.30
C ARG F 233 -26.54 -17.26 -48.37
N ARG F 234 -25.66 -16.95 -47.42
CA ARG F 234 -26.01 -16.01 -46.35
C ARG F 234 -26.16 -14.59 -46.88
N ALA F 235 -25.11 -14.03 -47.48
CA ALA F 235 -25.14 -12.64 -47.88
C ALA F 235 -24.51 -12.37 -49.24
N ARG F 236 -24.10 -13.40 -49.99
CA ARG F 236 -23.47 -13.23 -51.29
C ARG F 236 -22.22 -12.35 -51.17
N ILE F 237 -21.21 -12.93 -50.52
CA ILE F 237 -20.01 -12.25 -50.04
C ILE F 237 -19.45 -11.29 -51.08
N TRP F 238 -19.23 -10.04 -50.68
CA TRP F 238 -18.72 -9.00 -51.56
C TRP F 238 -17.20 -8.91 -51.58
N PHE F 239 -16.52 -9.69 -50.76
CA PHE F 239 -15.06 -9.66 -50.73
C PHE F 239 -14.51 -10.18 -52.05
N PRO F 240 -13.39 -9.63 -52.54
CA PRO F 240 -12.80 -10.14 -53.79
C PRO F 240 -12.35 -11.58 -53.63
N MET F 241 -12.91 -12.44 -54.47
CA MET F 241 -12.64 -13.89 -54.51
C MET F 241 -12.36 -14.48 -53.13
N PHE F 242 -13.23 -14.13 -52.18
CA PHE F 242 -13.12 -14.70 -50.83
C PHE F 242 -13.37 -16.20 -50.86
N SER F 243 -14.36 -16.63 -51.65
CA SER F 243 -14.68 -18.05 -51.73
C SER F 243 -13.54 -18.87 -52.32
N PHE F 244 -12.84 -18.33 -53.31
CA PHE F 244 -11.74 -19.07 -53.93
C PHE F 244 -10.61 -19.36 -52.94
N PHE F 245 -10.28 -18.38 -52.11
CA PHE F 245 -9.15 -18.53 -51.18
C PHE F 245 -9.47 -19.49 -50.04
N GLU F 246 -10.68 -19.43 -49.49
CA GLU F 246 -11.03 -20.16 -48.29
C GLU F 246 -11.94 -21.35 -48.55
N CYS F 247 -12.00 -21.84 -49.79
CA CYS F 247 -12.88 -22.97 -50.10
C CYS F 247 -12.40 -24.26 -49.46
N ASN F 248 -11.09 -24.49 -49.43
CA ASN F 248 -10.53 -25.77 -49.04
C ASN F 248 -10.43 -25.98 -47.53
N VAL F 249 -10.76 -24.97 -46.74
CA VAL F 249 -10.63 -25.03 -45.28
C VAL F 249 -12.01 -25.09 -44.66
N ASN F 250 -12.16 -25.96 -43.65
CA ASN F 250 -13.40 -26.10 -42.90
C ASN F 250 -13.10 -25.89 -41.41
N GLY F 251 -13.97 -25.16 -40.73
CA GLY F 251 -13.81 -24.93 -39.32
C GLY F 251 -12.83 -23.80 -39.01
N THR F 252 -12.48 -23.70 -37.73
CA THR F 252 -11.59 -22.67 -37.23
C THR F 252 -10.18 -23.22 -37.08
N VAL F 253 -9.19 -22.42 -37.48
CA VAL F 253 -7.80 -22.83 -37.38
C VAL F 253 -7.38 -22.87 -35.91
N PRO F 254 -6.86 -23.99 -35.41
CA PRO F 254 -6.44 -24.03 -34.00
C PRO F 254 -5.21 -23.17 -33.74
N ASN F 255 -4.82 -23.08 -32.47
CA ASN F 255 -3.72 -22.22 -32.04
C ASN F 255 -2.54 -23.03 -31.53
N GLU F 256 -2.41 -24.26 -32.00
CA GLU F 256 -1.25 -25.07 -31.67
C GLU F 256 -0.09 -24.71 -32.60
N TYR F 257 1.13 -24.83 -32.06
CA TYR F 257 2.32 -24.40 -32.76
C TYR F 257 3.27 -25.58 -32.97
N CYS F 258 4.00 -25.53 -34.08
CA CYS F 258 4.96 -26.56 -34.44
C CYS F 258 6.33 -25.91 -34.63
N TRP F 259 7.32 -26.73 -34.97
CA TRP F 259 8.68 -26.28 -35.18
C TRP F 259 9.25 -26.96 -36.42
N PRO F 260 9.69 -26.23 -37.44
CA PRO F 260 10.05 -26.86 -38.71
C PRO F 260 11.42 -27.52 -38.72
N PHE F 261 12.36 -27.00 -37.93
CA PHE F 261 13.70 -27.54 -37.91
C PHE F 261 13.73 -28.86 -37.14
N SER F 262 14.58 -29.78 -37.59
CA SER F 262 14.73 -31.10 -36.98
C SER F 262 15.99 -31.20 -36.12
N LYS F 263 16.45 -30.09 -35.55
CA LYS F 263 17.64 -30.04 -34.72
C LYS F 263 17.31 -29.35 -33.40
N PRO F 264 16.68 -30.07 -32.46
CA PRO F 264 16.31 -29.52 -31.15
C PRO F 264 17.53 -29.10 -30.33
O19 16C G . -10.91 17.25 1.06
C19 16C G . -11.26 18.37 1.24
N2 16C G . -10.37 19.30 1.92
C2 16C G . -9.07 18.84 2.38
C1 16C G . -8.11 18.81 1.19
O1 16C G . -7.18 19.85 1.33
C3 16C G . -8.52 19.78 3.45
C4 16C G . -9.49 19.85 4.63
C5 16C G . -9.98 18.75 5.15
C6 16C G . -10.96 18.82 6.31
C7 16C G . -12.08 19.78 5.94
C8 16C G . -13.44 19.09 5.74
C9 16C G . -13.36 17.90 4.80
C10 16C G . -14.57 17.85 3.86
C11 16C G . -14.96 16.41 3.48
C12 16C G . -16.40 16.33 3.01
C13 16C G . -16.59 15.31 1.89
C14 16C G . -18.00 15.34 1.29
C15 16C G . -19.08 14.97 2.30
C16 16C G . -18.80 13.64 3.02
C17 16C G . -19.56 13.53 4.33
C18 16C G . -19.43 12.13 4.94
O3 16C G . -7.29 19.30 3.91
C20 16C G . -12.63 18.82 0.76
C21 16C G . -13.10 18.04 -0.46
C22 16C G . -14.01 18.85 -1.37
C23 16C G . -14.48 18.04 -2.57
C24 16C G . -15.83 17.37 -2.32
C25 16C G . -16.99 18.17 -2.92
C26 16C G . -18.33 17.71 -2.36
C27 16C G . -18.80 18.61 -1.21
C28 16C G . -20.29 18.41 -0.88
C29 16C G . -20.80 19.50 0.05
C30 16C G . -21.79 20.43 -0.66
C31 16C G . -21.91 21.80 0.01
C32 16C G . -21.97 22.93 -1.02
C33 16C G . -22.72 24.14 -0.50
C34 16C G . -22.51 25.37 -1.38
O19 16C H . 20.46 -1.09 -2.41
C19 16C H . 21.50 -0.53 -2.33
N2 16C H . 21.71 0.72 -3.02
C2 16C H . 20.65 1.30 -3.82
C1 16C H . 19.86 2.27 -2.95
O1 16C H . 20.70 3.33 -2.59
C3 16C H . 21.24 2.05 -5.01
C4 16C H . 21.67 1.05 -6.07
C5 16C H . 20.96 -0.03 -6.29
C6 16C H . 21.39 -1.03 -7.36
C7 16C H . 22.81 -1.50 -7.05
C8 16C H . 22.88 -2.94 -6.54
C9 16C H . 21.98 -3.21 -5.34
C10 16C H . 22.53 -4.30 -4.44
C11 16C H . 21.50 -5.39 -4.13
C12 16C H . 22.14 -6.64 -3.53
C13 16C H . 21.32 -7.20 -2.37
C14 16C H . 22.02 -8.37 -1.67
C15 16C H . 22.10 -9.63 -2.53
C16 16C H . 20.78 -9.94 -3.23
C17 16C H . 20.94 -10.99 -4.33
C18 16C H . 19.62 -11.33 -5.00
O3 16C H . 20.27 2.90 -5.55
C20 16C H . 22.64 -1.14 -1.51
C21 16C H . 22.14 -1.89 -0.27
C22 16C H . 23.18 -2.87 0.25
C23 16C H . 22.73 -3.58 1.52
C24 16C H . 22.86 -5.10 1.42
C25 16C H . 24.13 -5.62 2.07
C26 16C H . 24.38 -7.09 1.74
C27 16C H . 25.40 -7.24 0.60
C28 16C H . 25.88 -8.67 0.43
C29 16C H . 27.04 -8.77 -0.56
C30 16C H . 28.35 -9.11 0.14
C31 16C H . 29.58 -8.69 -0.66
C32 16C H . 30.66 -8.09 0.23
C33 16C H . 32.06 -8.27 -0.36
C34 16C H . 33.09 -7.41 0.36
O19 16C I . 3.25 6.11 45.64
C19 16C I . 3.51 7.25 45.45
N2 16C I . 4.75 7.81 45.94
C2 16C I . 5.67 6.97 46.69
C1 16C I . 6.92 6.70 45.83
O1 16C I . 7.59 7.91 45.64
C3 16C I . 6.08 7.67 47.98
C4 16C I . 4.97 7.51 49.03
C5 16C I . 3.94 6.71 48.80
C6 16C I . 2.84 6.55 49.84
C7 16C I . 1.98 7.80 49.86
C8 16C I . 0.55 7.56 49.38
C9 16C I . 0.49 6.74 48.10
C10 16C I . -0.94 6.34 47.73
C11 16C I . -0.97 5.19 46.71
C12 16C I . -2.36 4.95 46.12
C13 16C I . -2.29 4.25 44.77
C14 16C I . -3.60 4.31 43.98
C15 16C I . -4.75 3.58 44.68
C16 16C I . -6.10 3.92 44.04
C17 16C I . -7.11 2.79 44.17
C18 16C I . -8.50 3.19 43.69
O3 16C I . 7.27 7.14 48.47
C20 16C I . 2.54 8.12 44.66
C21 16C I . 2.72 7.97 43.16
C22 16C I . 1.52 8.50 42.38
C23 16C I . 1.56 8.07 40.91
C24 16C I . 0.43 7.10 40.58
C25 16C I . -0.85 7.84 40.19
C26 16C I . -2.10 7.00 40.45
C27 16C I . -2.79 7.39 41.76
C28 16C I . -4.29 7.12 41.74
C29 16C I . -4.96 7.66 42.99
C30 16C I . -5.72 8.96 42.69
C31 16C I . -5.87 9.83 43.94
C32 16C I . -5.38 11.25 43.69
C33 16C I . -6.02 12.27 44.64
C34 16C I . -5.28 13.60 44.65
O19 16C J . 33.41 -15.82 41.65
C19 16C J . 34.29 -15.22 42.20
N2 16C J . 34.49 -13.82 41.91
C2 16C J . 33.62 -13.13 40.97
C1 16C J . 32.64 -12.27 41.75
O1 16C J . 33.37 -11.51 42.68
C3 16C J . 34.46 -12.24 40.05
C4 16C J . 34.54 -12.84 38.65
C5 16C J . 33.75 -13.83 38.30
C6 16C J . 33.85 -14.40 36.88
C7 16C J . 34.83 -15.57 36.85
C8 16C J . 34.43 -16.75 37.73
C9 16C J . 35.30 -16.86 38.97
C10 16C J . 35.30 -18.26 39.60
C11 16C J . 33.96 -18.98 39.51
C12 16C J . 34.14 -20.49 39.39
C13 16C J . 33.76 -21.24 40.67
C14 16C J . 33.69 -22.75 40.46
C15 16C J . 32.65 -23.14 39.42
C16 16C J . 33.16 -24.21 38.45
C17 16C J . 32.03 -24.89 37.68
C18 16C J . 32.48 -25.39 36.32
O3 16C J . 33.88 -10.97 39.97
C20 16C J . 35.21 -15.95 43.17
C21 16C J . 35.05 -17.47 43.10
C22 16C J . 34.46 -18.09 44.35
C23 16C J . 34.29 -19.60 44.20
C24 16C J . 34.72 -20.38 45.43
C25 16C J . 34.10 -21.78 45.46
C26 16C J . 35.15 -22.88 45.33
C27 16C J . 35.54 -23.12 43.88
C28 16C J . 36.95 -23.71 43.74
C29 16C J . 37.24 -24.22 42.34
C30 16C J . 38.30 -23.37 41.63
C31 16C J . 39.65 -24.05 41.62
C32 16C J . 40.73 -23.17 42.26
C33 16C J . 41.26 -23.78 43.55
C34 16C J . 42.23 -22.85 44.28
O19 16C K . -31.00 18.22 -42.28
C19 16C K . -31.25 19.36 -42.49
N2 16C K . -30.39 20.42 -41.99
C2 16C K . -29.20 20.10 -41.22
C1 16C K . -28.07 19.75 -42.18
O1 16C K . -28.02 20.72 -43.18
C3 16C K . -28.81 21.31 -40.37
C4 16C K . -29.61 21.31 -39.07
C5 16C K . -30.01 20.16 -38.56
C6 16C K . -30.80 20.13 -37.25
C7 16C K . -32.20 20.71 -37.45
C8 16C K . -33.22 19.72 -38.03
C9 16C K . -33.28 19.73 -39.56
C10 16C K . -33.80 18.42 -40.15
C11 16C K . -35.04 17.88 -39.43
C12 16C K . -36.02 17.13 -40.35
C13 16C K . -37.14 16.46 -39.55
C14 16C K . -38.07 15.60 -40.41
C15 16C K . -38.96 14.66 -39.60
C16 16C K . -38.36 14.27 -38.25
C17 16C K . -39.41 13.87 -37.21
C18 16C K . -38.78 13.21 -35.99
O3 16C K . -27.44 21.26 -40.09
C20 16C K . -32.50 19.73 -43.30
C21 16C K . -33.00 18.60 -44.19
C22 16C K . -34.49 18.72 -44.48
C23 16C K . -34.95 17.80 -45.60
C24 16C K . -36.42 17.37 -45.46
C25 16C K . -36.80 17.02 -44.02
C26 16C K . -38.27 16.64 -43.88
C27 16C K . -39.10 17.77 -43.26
C28 16C K . -40.59 17.61 -43.54
C29 16C K . -41.42 18.62 -42.75
C30 16C K . -42.03 19.69 -43.66
C31 16C K . -42.70 20.81 -42.87
C32 16C K . -42.57 22.16 -43.56
C33 16C K . -43.67 23.14 -43.15
C34 16C K . -43.37 24.57 -43.60
O19 16C L . 2.11 2.33 -45.95
C19 16C L . 3.01 3.06 -45.72
N2 16C L . 2.97 4.43 -46.20
C2 16C L . 1.82 4.90 -46.96
C1 16C L . 1.05 5.93 -46.15
O1 16C L . 1.63 7.19 -46.37
C3 16C L . 2.33 5.54 -48.26
C4 16C L . 2.45 4.47 -49.34
C5 16C L . 2.19 3.21 -49.08
C6 16C L . 2.31 2.14 -50.17
C7 16C L . 3.78 1.78 -50.35
C8 16C L . 4.14 0.41 -49.77
C9 16C L . 3.78 0.27 -48.28
C10 16C L . 4.20 -1.07 -47.70
C11 16C L . 3.25 -1.54 -46.60
C12 16C L . 3.50 -2.98 -46.17
C13 16C L . 2.78 -3.31 -44.86
C14 16C L . 3.49 -4.38 -44.03
C15 16C L . 3.46 -5.75 -44.67
C16 16C L . 4.49 -6.69 -44.05
C17 16C L . 4.03 -8.15 -44.06
C18 16C L . 5.14 -9.11 -43.62
O3 16C L . 1.43 6.53 -48.66
C20 16C L . 4.21 2.57 -44.92
C21 16C L . 3.82 2.11 -43.51
C22 16C L . 4.71 2.73 -42.44
C23 16C L . 4.69 1.91 -41.14
C24 16C L . 5.77 0.84 -41.15
C25 16C L . 5.19 -0.56 -41.35
C26 16C L . 5.99 -1.38 -42.36
C27 16C L . 6.66 -2.59 -41.72
C28 16C L . 6.86 -3.72 -42.73
C29 16C L . 8.07 -3.48 -43.61
C30 16C L . 9.34 -4.12 -43.07
C31 16C L . 10.55 -3.82 -43.94
C32 16C L . 11.76 -3.39 -43.12
C33 16C L . 13.06 -3.46 -43.91
C34 16C L . 14.17 -2.61 -43.29
#